data_1YYM
#
_entry.id   1YYM
#
_cell.length_a   51.620
_cell.length_b   157.041
_cell.length_c   108.929
_cell.angle_alpha   90.00
_cell.angle_beta   93.45
_cell.angle_gamma   90.00
#
_symmetry.space_group_name_H-M   'P 1 21 1'
#
loop_
_entity.id
_entity.type
_entity.pdbx_description
1 polymer 'Exterior membrane glycoprotein(GP120),Exterior membrane glycoprotein(GP120),Exterior membrane glycoprotein(GP120)'
2 polymer 'antibody 17b light chain'
3 polymer 'antibody 17b heavy chain'
4 polymer 'F23, scorpion-toxin mimic of CD4'
5 non-polymer 2-acetamido-2-deoxy-beta-D-glucopyranose
6 non-polymer 1,2-ETHANEDIOL
7 non-polymer 'ISOPROPYL ALCOHOL'
8 water water
#
loop_
_entity_poly.entity_id
_entity_poly.type
_entity_poly.pdbx_seq_one_letter_code
_entity_poly.pdbx_strand_id
1 'polypeptide(L)'
;GARSEVKLENVTENFNMWKNNMVEQMHEDIISLWDQSLKPCVKLTPLCVGAGSCNTSVITQACPKVSFEPIPIHYCAPAG
FAILKCNDKKFNGTGPCTNVSTVQCTHGIRPVVSTQLLLNGSLAEEEIVIRSENFTNNAKTIIVQLNESVVINCTGAGHC
NLSKTQWENTLEQIAIKLKEQFGNNKTIIFNPSSGGDPEIVTHSFNCGGEFFYCNSTQLFTWNDTRKLNNTGRNITLPCR
IKQIINMWQEVGKAMYAPPIRGQIRCSSNITGLLLTRDGGKDTNGTEIFRPGGGDMRDNWRSELYKYKVVKIE
;
G,P
2 'polypeptide(L)'
;DIVMTQSPATLSVSPGERATLSCRASESVSSDLAWYQQKPGQAPRLLIYGASTRATGVPARFSGSGSGAEFTLTISSLQS
EDFAVYYCQQYNNWPPRYTFGQGTRLEIKRTVAAPSVFIFPPSDEQLKSGTASVVCLLNNFYPREAKVQWKVDNALQSGN
SQESVTEQDSKDSTYSLSSTLTLSKADYEKHKVYACEVTHQGLSSPVTKSFNRG
;
L,Q
3 'polypeptide(L)'
;EVQLVESGAEVKKPGSSVKVSCKASGDTFIRYSFTWVRQAPGQGLEWMGRIITILDVAHYAPHLQGRVTITADKSTSTVY
LELRNLRSDDTAVYFCAGVYEGEADEGEYDNNGFLKHWGQGTLVTVSSASTKGPSVFPLAPSSKSTSGGTAALGCLVKDY
FPEPVTVSWNSGALTSGVHTFPAVLQSSGLYSLSSVVTVPSSSLGTQTYICNVNHKPSNTKVDKKVEPK
;
H,R
4 'polypeptide(L)' (MPT)NLHFCQLRCKSLGLLGKCAGSFCAC(VLM) M,S
#
loop_
_chem_comp.id
_chem_comp.type
_chem_comp.name
_chem_comp.formula
EDO non-polymer 1,2-ETHANEDIOL 'C2 H6 O2'
IPA non-polymer 'ISOPROPYL ALCOHOL' 'C3 H8 O'
MPT non-polymer 'BETA-MERCAPTOPROPIONIC ACID' 'C3 H6 O2 S'
NAG D-saccharide, beta linking 2-acetamido-2-deoxy-beta-D-glucopyranose 'C8 H15 N O6'
#
# COMPACT_ATOMS: atom_id res chain seq x y z
N GLU A 5 -74.65 -17.16 -59.36
CA GLU A 5 -74.32 -15.70 -59.33
C GLU A 5 -73.21 -15.38 -58.35
N VAL A 6 -73.01 -16.25 -57.37
CA VAL A 6 -71.98 -16.04 -56.36
C VAL A 6 -70.59 -15.99 -57.02
N LYS A 7 -69.75 -15.08 -56.55
CA LYS A 7 -68.42 -14.93 -57.11
C LYS A 7 -67.29 -15.35 -56.19
N LEU A 8 -66.23 -15.87 -56.79
CA LEU A 8 -65.06 -16.35 -56.09
C LEU A 8 -64.08 -15.21 -55.78
N GLU A 9 -63.59 -15.16 -54.53
CA GLU A 9 -62.65 -14.13 -54.13
C GLU A 9 -61.57 -14.64 -53.19
N ASN A 10 -60.38 -14.04 -53.29
CA ASN A 10 -59.25 -14.39 -52.43
C ASN A 10 -59.46 -13.63 -51.14
N VAL A 11 -59.29 -14.28 -50.01
CA VAL A 11 -59.46 -13.60 -48.73
C VAL A 11 -58.30 -12.63 -48.53
N THR A 12 -58.59 -11.35 -48.66
CA THR A 12 -57.57 -10.31 -48.47
C THR A 12 -57.40 -10.10 -46.97
N GLU A 13 -56.22 -9.66 -46.56
CA GLU A 13 -55.97 -9.43 -45.14
C GLU A 13 -55.00 -8.27 -44.92
N ASN A 14 -55.23 -7.51 -43.86
CA ASN A 14 -54.33 -6.40 -43.54
C ASN A 14 -53.39 -6.84 -42.42
N PHE A 15 -52.11 -6.55 -42.59
CA PHE A 15 -51.11 -6.92 -41.61
C PHE A 15 -50.50 -5.71 -40.92
N ASN A 16 -49.85 -5.95 -39.79
CA ASN A 16 -49.14 -4.91 -39.04
C ASN A 16 -48.05 -5.58 -38.24
N MET A 17 -46.89 -5.74 -38.88
CA MET A 17 -45.73 -6.38 -38.25
C MET A 17 -45.32 -5.66 -36.96
N TRP A 18 -45.76 -4.42 -36.79
CA TRP A 18 -45.41 -3.67 -35.60
C TRP A 18 -46.36 -3.88 -34.43
N LYS A 19 -47.49 -4.54 -34.68
CA LYS A 19 -48.48 -4.82 -33.65
C LYS A 19 -48.94 -6.27 -33.83
N ASN A 20 -47.96 -7.18 -33.86
CA ASN A 20 -48.22 -8.60 -34.05
C ASN A 20 -47.98 -9.38 -32.77
N ASN A 21 -49.07 -9.83 -32.15
CA ASN A 21 -49.02 -10.61 -30.92
C ASN A 21 -47.93 -11.67 -30.93
N MET A 22 -47.70 -12.27 -32.09
CA MET A 22 -46.68 -13.31 -32.22
C MET A 22 -45.31 -12.85 -31.70
N VAL A 23 -44.95 -11.61 -32.02
CA VAL A 23 -43.68 -11.06 -31.60
C VAL A 23 -43.56 -11.01 -30.07
N GLU A 24 -44.66 -10.71 -29.40
CA GLU A 24 -44.64 -10.66 -27.94
C GLU A 24 -44.57 -12.07 -27.39
N GLN A 25 -45.29 -12.99 -28.03
CA GLN A 25 -45.28 -14.37 -27.57
C GLN A 25 -43.87 -14.94 -27.67
N MET A 26 -43.21 -14.69 -28.79
CA MET A 26 -41.86 -15.20 -29.00
C MET A 26 -40.92 -14.63 -27.93
N HIS A 27 -41.02 -13.32 -27.71
CA HIS A 27 -40.19 -12.63 -26.73
C HIS A 27 -40.28 -13.35 -25.38
N GLU A 28 -41.51 -13.59 -24.93
CA GLU A 28 -41.76 -14.27 -23.66
C GLU A 28 -41.22 -15.69 -23.69
N ASP A 29 -41.16 -16.31 -24.86
CA ASP A 29 -40.64 -17.67 -24.96
C ASP A 29 -39.11 -17.69 -24.86
N ILE A 30 -38.44 -16.82 -25.61
CA ILE A 30 -36.97 -16.79 -25.57
C ILE A 30 -36.54 -16.51 -24.14
N ILE A 31 -37.25 -15.61 -23.47
CA ILE A 31 -36.94 -15.29 -22.09
C ILE A 31 -37.11 -16.55 -21.26
N SER A 32 -38.18 -17.33 -21.54
CA SER A 32 -38.39 -18.58 -20.81
C SER A 32 -37.21 -19.52 -21.02
N LEU A 33 -36.85 -19.74 -22.28
CA LEU A 33 -35.74 -20.62 -22.62
C LEU A 33 -34.48 -20.21 -21.87
N TRP A 34 -34.18 -18.92 -21.88
CA TRP A 34 -32.99 -18.41 -21.21
C TRP A 34 -33.07 -18.58 -19.70
N ASP A 35 -34.23 -18.23 -19.15
CA ASP A 35 -34.44 -18.33 -17.71
C ASP A 35 -34.31 -19.75 -17.22
N GLN A 36 -34.41 -20.71 -18.13
CA GLN A 36 -34.30 -22.12 -17.75
C GLN A 36 -33.06 -22.81 -18.30
N SER A 37 -32.48 -22.27 -19.36
CA SER A 37 -31.31 -22.90 -19.97
C SER A 37 -30.02 -22.08 -19.98
N LEU A 38 -30.07 -20.85 -19.49
CA LEU A 38 -28.86 -20.01 -19.49
C LEU A 38 -28.94 -19.06 -18.32
N LYS A 39 -28.92 -19.62 -17.11
CA LYS A 39 -29.02 -18.83 -15.89
C LYS A 39 -27.68 -18.29 -15.44
N PRO A 40 -27.63 -17.01 -15.06
CA PRO A 40 -26.39 -16.37 -14.60
C PRO A 40 -26.07 -16.87 -13.19
N CYS A 41 -24.82 -16.74 -12.78
CA CYS A 41 -24.40 -17.17 -11.45
C CYS A 41 -24.85 -16.15 -10.43
N VAL A 42 -24.94 -14.90 -10.88
CA VAL A 42 -25.38 -13.80 -10.03
C VAL A 42 -26.26 -12.86 -10.86
N LYS A 43 -27.36 -12.42 -10.29
CA LYS A 43 -28.25 -11.50 -10.99
C LYS A 43 -28.61 -10.31 -10.10
N LEU A 44 -28.46 -9.11 -10.64
CA LEU A 44 -28.79 -7.91 -9.87
C LEU A 44 -29.92 -7.18 -10.57
N THR A 45 -30.99 -6.90 -9.84
CA THR A 45 -32.13 -6.20 -10.42
C THR A 45 -32.77 -5.25 -9.41
N PRO A 46 -33.34 -4.14 -9.89
CA PRO A 46 -33.99 -3.13 -9.05
C PRO A 46 -35.28 -3.68 -8.44
N LEU A 47 -35.39 -3.56 -7.12
CA LEU A 47 -36.58 -4.01 -6.41
C LEU A 47 -37.23 -2.73 -5.89
N CYS A 48 -38.36 -2.34 -6.48
CA CYS A 48 -39.02 -1.11 -6.07
C CYS A 48 -40.42 -1.23 -5.46
N VAL A 49 -40.82 -0.16 -4.78
CA VAL A 49 -42.12 -0.04 -4.17
C VAL A 49 -42.85 1.09 -4.91
N GLY A 50 -44.17 0.99 -5.00
CA GLY A 50 -44.97 2.00 -5.70
C GLY A 50 -44.56 3.45 -5.52
N ALA A 51 -44.05 3.79 -4.35
CA ALA A 51 -43.60 5.16 -4.07
C ALA A 51 -42.56 5.64 -5.06
N GLY A 52 -41.75 4.72 -5.57
CA GLY A 52 -40.73 5.07 -6.54
C GLY A 52 -39.32 4.70 -6.10
N SER A 53 -39.14 4.41 -4.82
CA SER A 53 -37.83 4.05 -4.31
C SER A 53 -37.45 2.62 -4.70
N CYS A 54 -36.16 2.41 -4.96
CA CYS A 54 -35.70 1.08 -5.35
C CYS A 54 -34.44 0.65 -4.61
N ASN A 55 -34.25 -0.65 -4.57
CA ASN A 55 -33.10 -1.26 -3.94
C ASN A 55 -32.70 -2.39 -4.86
N THR A 56 -31.42 -2.76 -4.81
CA THR A 56 -30.91 -3.83 -5.66
C THR A 56 -31.23 -5.20 -5.10
N SER A 57 -31.85 -6.02 -5.93
CA SER A 57 -32.20 -7.38 -5.54
C SER A 57 -31.03 -8.24 -6.03
N VAL A 58 -30.58 -9.17 -5.21
CA VAL A 58 -29.49 -10.04 -5.61
C VAL A 58 -29.91 -11.50 -5.62
N ILE A 59 -29.71 -12.13 -6.76
CA ILE A 59 -30.04 -13.54 -6.92
C ILE A 59 -28.80 -14.35 -7.27
N THR A 60 -28.48 -15.32 -6.43
CA THR A 60 -27.34 -16.19 -6.68
C THR A 60 -27.89 -17.60 -6.94
N GLN A 61 -27.52 -18.20 -8.07
CA GLN A 61 -28.02 -19.53 -8.40
C GLN A 61 -27.02 -20.38 -9.19
N ALA A 62 -27.28 -21.69 -9.25
CA ALA A 62 -26.43 -22.62 -9.99
C ALA A 62 -26.40 -22.23 -11.47
N CYS A 63 -25.21 -22.08 -12.02
CA CYS A 63 -25.04 -21.64 -13.42
C CYS A 63 -24.18 -22.58 -14.25
N PRO A 64 -24.59 -23.85 -14.41
CA PRO A 64 -23.79 -24.79 -15.20
C PRO A 64 -23.42 -24.27 -16.59
N LYS A 65 -22.15 -24.37 -16.93
CA LYS A 65 -21.68 -23.92 -18.25
C LYS A 65 -22.07 -24.96 -19.29
N VAL A 66 -22.90 -24.55 -20.25
CA VAL A 66 -23.36 -25.45 -21.30
C VAL A 66 -23.05 -24.95 -22.71
N SER A 67 -22.36 -25.79 -23.48
CA SER A 67 -22.02 -25.45 -24.86
C SER A 67 -23.24 -25.80 -25.70
N PHE A 68 -23.92 -24.78 -26.20
CA PHE A 68 -25.14 -25.01 -26.96
C PHE A 68 -25.09 -24.75 -28.46
N GLU A 69 -25.73 -25.64 -29.22
CA GLU A 69 -25.85 -25.53 -30.67
C GLU A 69 -27.27 -25.01 -30.87
N PRO A 70 -27.51 -24.25 -31.96
CA PRO A 70 -28.86 -23.73 -32.22
C PRO A 70 -29.93 -24.79 -32.47
N ILE A 71 -31.02 -24.70 -31.73
CA ILE A 71 -32.15 -25.62 -31.88
C ILE A 71 -33.21 -24.91 -32.70
N PRO A 72 -33.45 -25.40 -33.92
CA PRO A 72 -34.46 -24.78 -34.79
C PRO A 72 -35.88 -24.93 -34.23
N ILE A 73 -36.64 -23.85 -34.26
CA ILE A 73 -38.01 -23.88 -33.77
C ILE A 73 -38.93 -23.13 -34.72
N HIS A 74 -40.22 -23.25 -34.47
CA HIS A 74 -41.21 -22.57 -35.28
C HIS A 74 -42.50 -22.44 -34.48
N TYR A 75 -43.36 -21.52 -34.87
CA TYR A 75 -44.64 -21.34 -34.17
C TYR A 75 -45.75 -21.96 -35.00
N CYS A 76 -46.63 -22.72 -34.34
CA CYS A 76 -47.72 -23.41 -35.04
C CYS A 76 -49.10 -22.97 -34.57
N ALA A 77 -50.07 -23.09 -35.47
CA ALA A 77 -51.46 -22.71 -35.18
C ALA A 77 -52.20 -23.68 -34.26
N PRO A 78 -52.84 -23.14 -33.20
CA PRO A 78 -53.60 -23.97 -32.25
C PRO A 78 -54.93 -24.30 -32.91
N ALA A 79 -55.62 -25.31 -32.40
CA ALA A 79 -56.91 -25.69 -32.95
C ALA A 79 -57.80 -24.45 -32.88
N GLY A 80 -58.61 -24.24 -33.91
CA GLY A 80 -59.50 -23.10 -33.93
C GLY A 80 -58.86 -21.84 -34.47
N PHE A 81 -57.56 -21.86 -34.68
CA PHE A 81 -56.86 -20.71 -35.21
C PHE A 81 -56.05 -21.05 -36.45
N ALA A 82 -55.68 -20.03 -37.20
CA ALA A 82 -54.90 -20.21 -38.41
C ALA A 82 -53.83 -19.14 -38.53
N ILE A 83 -52.70 -19.50 -39.14
CA ILE A 83 -51.62 -18.56 -39.35
C ILE A 83 -51.61 -18.15 -40.82
N LEU A 84 -51.78 -16.85 -41.07
CA LEU A 84 -51.78 -16.32 -42.42
C LEU A 84 -50.40 -15.82 -42.76
N LYS A 85 -50.03 -15.96 -44.03
CA LYS A 85 -48.71 -15.54 -44.49
C LYS A 85 -48.77 -14.66 -45.73
N CYS A 86 -48.23 -13.45 -45.62
CA CYS A 86 -48.23 -12.54 -46.76
C CYS A 86 -47.12 -12.94 -47.73
N ASN A 87 -47.49 -13.11 -48.99
CA ASN A 87 -46.52 -13.52 -50.01
C ASN A 87 -46.18 -12.46 -51.04
N ASP A 88 -46.60 -11.22 -50.80
CA ASP A 88 -46.33 -10.15 -51.76
C ASP A 88 -44.85 -9.81 -51.91
N LYS A 89 -44.50 -9.28 -53.08
CA LYS A 89 -43.12 -8.87 -53.36
C LYS A 89 -42.84 -7.59 -52.59
N LYS A 90 -41.66 -7.50 -52.00
CA LYS A 90 -41.28 -6.29 -51.26
C LYS A 90 -42.37 -5.87 -50.27
N PHE A 91 -43.02 -6.84 -49.63
CA PHE A 91 -44.06 -6.55 -48.66
C PHE A 91 -43.55 -5.58 -47.59
N ASN A 92 -44.31 -4.52 -47.37
CA ASN A 92 -43.98 -3.47 -46.41
C ASN A 92 -44.12 -3.92 -44.95
N GLY A 93 -44.88 -4.99 -44.72
CA GLY A 93 -45.10 -5.47 -43.37
C GLY A 93 -46.32 -4.80 -42.81
N THR A 94 -46.82 -3.79 -43.53
CA THR A 94 -47.99 -3.05 -43.09
C THR A 94 -48.99 -2.85 -44.24
N GLY A 95 -50.27 -2.95 -43.93
CA GLY A 95 -51.29 -2.76 -44.93
C GLY A 95 -51.86 -4.05 -45.49
N PRO A 96 -52.71 -3.96 -46.53
CA PRO A 96 -53.33 -5.14 -47.15
C PRO A 96 -52.30 -5.93 -47.95
N CYS A 97 -52.47 -7.25 -47.96
CA CYS A 97 -51.58 -8.13 -48.69
C CYS A 97 -52.37 -8.76 -49.85
N THR A 98 -51.80 -8.75 -51.04
CA THR A 98 -52.48 -9.29 -52.22
C THR A 98 -52.50 -10.81 -52.28
N ASN A 99 -51.32 -11.42 -52.21
CA ASN A 99 -51.23 -12.87 -52.27
C ASN A 99 -51.04 -13.42 -50.86
N VAL A 100 -52.09 -14.01 -50.31
CA VAL A 100 -52.03 -14.58 -48.97
C VAL A 100 -52.21 -16.10 -49.01
N SER A 101 -51.52 -16.81 -48.12
CA SER A 101 -51.66 -18.26 -48.05
C SER A 101 -51.77 -18.64 -46.58
N THR A 102 -52.05 -19.91 -46.30
CA THR A 102 -52.18 -20.35 -44.92
C THR A 102 -51.14 -21.44 -44.60
N VAL A 103 -50.69 -21.48 -43.36
CA VAL A 103 -49.71 -22.47 -42.94
C VAL A 103 -50.01 -22.99 -41.53
N GLN A 104 -49.52 -24.19 -41.26
CA GLN A 104 -49.70 -24.81 -39.96
C GLN A 104 -48.66 -24.25 -38.99
N CYS A 105 -47.46 -23.99 -39.49
CA CYS A 105 -46.39 -23.45 -38.66
C CYS A 105 -45.59 -22.41 -39.47
N THR A 106 -44.82 -21.59 -38.76
CA THR A 106 -43.99 -20.59 -39.41
C THR A 106 -42.76 -21.34 -39.93
N HIS A 107 -41.87 -20.66 -40.65
CA HIS A 107 -40.67 -21.31 -41.14
C HIS A 107 -39.79 -21.62 -39.92
N GLY A 108 -38.75 -22.42 -40.13
CA GLY A 108 -37.85 -22.76 -39.04
C GLY A 108 -36.99 -21.56 -38.67
N ILE A 109 -36.91 -21.24 -37.38
CA ILE A 109 -36.13 -20.10 -36.95
C ILE A 109 -35.02 -20.44 -35.95
N ARG A 110 -33.85 -19.84 -36.15
CA ARG A 110 -32.70 -20.03 -35.25
C ARG A 110 -32.48 -18.70 -34.54
N PRO A 111 -33.38 -18.36 -33.61
CA PRO A 111 -33.33 -17.11 -32.83
C PRO A 111 -31.94 -16.77 -32.31
N VAL A 112 -31.62 -15.48 -32.33
CA VAL A 112 -30.33 -15.00 -31.86
C VAL A 112 -30.50 -13.65 -31.18
N VAL A 113 -29.96 -13.56 -29.97
CA VAL A 113 -30.01 -12.31 -29.23
C VAL A 113 -28.80 -11.50 -29.69
N SER A 114 -29.02 -10.27 -30.11
CA SER A 114 -27.93 -9.41 -30.56
C SER A 114 -28.36 -7.98 -30.82
N THR A 115 -27.39 -7.14 -31.15
CA THR A 115 -27.63 -5.73 -31.41
C THR A 115 -26.91 -5.32 -32.69
N GLN A 116 -27.41 -4.27 -33.33
CA GLN A 116 -26.82 -3.74 -34.55
C GLN A 116 -26.97 -4.66 -35.77
N LEU A 117 -26.46 -5.88 -35.66
CA LEU A 117 -26.55 -6.85 -36.75
C LEU A 117 -27.49 -8.03 -36.44
N LEU A 118 -28.36 -8.38 -37.39
CA LEU A 118 -29.25 -9.53 -37.23
C LEU A 118 -28.47 -10.74 -37.77
N LEU A 119 -28.30 -11.76 -36.94
CA LEU A 119 -27.54 -12.95 -37.31
C LEU A 119 -28.40 -14.19 -37.55
N ASN A 120 -28.04 -14.95 -38.58
CA ASN A 120 -28.74 -16.18 -38.95
C ASN A 120 -30.26 -16.10 -39.17
N GLY A 121 -30.72 -14.98 -39.74
CA GLY A 121 -32.15 -14.83 -39.97
C GLY A 121 -32.54 -15.20 -41.39
N SER A 122 -33.72 -14.75 -41.81
CA SER A 122 -34.20 -15.01 -43.16
C SER A 122 -33.78 -13.89 -44.11
N LEU A 123 -33.41 -14.25 -45.33
CA LEU A 123 -32.99 -13.29 -46.34
C LEU A 123 -34.17 -12.88 -47.22
N ALA A 124 -34.12 -11.66 -47.77
CA ALA A 124 -35.17 -11.19 -48.65
C ALA A 124 -35.04 -11.97 -49.96
N GLU A 125 -36.16 -12.23 -50.60
CA GLU A 125 -36.17 -12.98 -51.86
C GLU A 125 -35.63 -12.21 -53.06
N GLU A 126 -36.09 -10.97 -53.22
CA GLU A 126 -35.66 -10.11 -54.33
C GLU A 126 -34.42 -9.30 -53.97
N GLU A 127 -34.62 -8.01 -53.73
CA GLU A 127 -33.54 -7.10 -53.38
C GLU A 127 -33.63 -6.81 -51.88
N ILE A 128 -32.73 -5.96 -51.39
CA ILE A 128 -32.71 -5.60 -50.00
C ILE A 128 -33.97 -4.80 -49.65
N VAL A 129 -34.58 -5.12 -48.52
CA VAL A 129 -35.79 -4.42 -48.08
C VAL A 129 -35.57 -3.80 -46.70
N ILE A 130 -36.06 -2.58 -46.54
CA ILE A 130 -35.95 -1.86 -45.28
C ILE A 130 -37.36 -1.55 -44.80
N ARG A 131 -37.60 -1.71 -43.50
CA ARG A 131 -38.92 -1.46 -42.95
C ARG A 131 -38.85 -0.69 -41.63
N SER A 132 -39.87 0.13 -41.41
CA SER A 132 -39.97 0.95 -40.21
C SER A 132 -41.44 1.19 -39.94
N GLU A 133 -41.81 1.36 -38.68
CA GLU A 133 -43.20 1.61 -38.37
C GLU A 133 -43.59 2.97 -38.96
N ASN A 134 -42.59 3.84 -39.11
CA ASN A 134 -42.80 5.17 -39.66
C ASN A 134 -41.44 5.82 -39.97
N PHE A 135 -41.04 5.82 -41.24
CA PHE A 135 -39.77 6.39 -41.65
C PHE A 135 -39.57 7.87 -41.28
N THR A 136 -40.65 8.63 -41.30
CA THR A 136 -40.62 10.06 -40.98
C THR A 136 -40.29 10.30 -39.51
N ASN A 137 -40.54 9.30 -38.68
CA ASN A 137 -40.25 9.38 -37.25
C ASN A 137 -38.87 8.79 -37.04
N ASN A 138 -37.90 9.64 -36.75
CA ASN A 138 -36.53 9.20 -36.53
C ASN A 138 -36.37 8.34 -35.28
N ALA A 139 -37.36 8.37 -34.38
CA ALA A 139 -37.27 7.56 -33.16
C ALA A 139 -37.73 6.12 -33.41
N LYS A 140 -38.14 5.83 -34.64
CA LYS A 140 -38.57 4.47 -34.98
C LYS A 140 -37.42 3.72 -35.62
N THR A 141 -37.17 2.51 -35.14
CA THR A 141 -36.10 1.68 -35.66
C THR A 141 -36.34 1.24 -37.10
N ILE A 142 -35.26 1.15 -37.86
CA ILE A 142 -35.32 0.73 -39.26
C ILE A 142 -34.77 -0.68 -39.35
N ILE A 143 -35.60 -1.61 -39.78
CA ILE A 143 -35.17 -3.00 -39.91
C ILE A 143 -34.75 -3.23 -41.35
N VAL A 144 -33.51 -3.64 -41.53
CA VAL A 144 -32.93 -3.92 -42.83
C VAL A 144 -32.89 -5.43 -43.02
N GLN A 145 -33.45 -5.90 -44.13
CA GLN A 145 -33.43 -7.33 -44.42
C GLN A 145 -32.64 -7.50 -45.71
N LEU A 146 -31.45 -8.09 -45.56
CA LEU A 146 -30.57 -8.32 -46.69
C LEU A 146 -31.07 -9.47 -47.57
N ASN A 147 -30.59 -9.51 -48.81
CA ASN A 147 -30.95 -10.57 -49.73
C ASN A 147 -29.73 -11.43 -50.01
N GLU A 148 -28.61 -11.05 -49.40
CA GLU A 148 -27.35 -11.77 -49.51
C GLU A 148 -26.65 -11.77 -48.14
N SER A 149 -26.26 -12.94 -47.67
CA SER A 149 -25.58 -13.06 -46.39
C SER A 149 -24.10 -12.72 -46.46
N VAL A 150 -23.62 -12.07 -45.40
CA VAL A 150 -22.21 -11.73 -45.29
C VAL A 150 -21.75 -12.56 -44.10
N VAL A 151 -20.92 -13.57 -44.37
CA VAL A 151 -20.43 -14.41 -43.32
C VAL A 151 -19.52 -13.61 -42.38
N ILE A 152 -19.65 -13.88 -41.09
CA ILE A 152 -18.81 -13.23 -40.09
C ILE A 152 -18.31 -14.31 -39.15
N ASN A 153 -16.99 -14.45 -39.08
CA ASN A 153 -16.39 -15.46 -38.22
C ASN A 153 -15.61 -14.87 -37.07
N CYS A 154 -15.87 -15.40 -35.89
CA CYS A 154 -15.20 -14.92 -34.70
C CYS A 154 -14.34 -16.01 -34.09
N THR A 155 -13.39 -15.59 -33.27
CA THR A 155 -12.51 -16.51 -32.59
C THR A 155 -12.29 -15.96 -31.19
N GLY A 156 -12.02 -16.85 -30.23
CA GLY A 156 -11.79 -16.41 -28.87
C GLY A 156 -10.54 -15.57 -28.84
N ALA A 157 -9.83 -15.57 -29.97
CA ALA A 157 -8.59 -14.83 -30.12
C ALA A 157 -8.81 -13.32 -29.99
N GLY A 158 -10.05 -12.93 -29.75
CA GLY A 158 -10.36 -11.53 -29.58
C GLY A 158 -10.69 -10.74 -30.84
N HIS A 159 -11.28 -11.39 -31.84
CA HIS A 159 -11.64 -10.67 -33.06
C HIS A 159 -12.50 -11.48 -34.02
N CYS A 160 -13.30 -10.76 -34.81
CA CYS A 160 -14.17 -11.41 -35.80
C CYS A 160 -13.75 -10.95 -37.18
N ASN A 161 -13.87 -11.86 -38.14
CA ASN A 161 -13.49 -11.59 -39.52
C ASN A 161 -14.70 -11.39 -40.42
N LEU A 162 -14.61 -10.37 -41.24
CA LEU A 162 -15.69 -10.00 -42.15
C LEU A 162 -15.09 -9.51 -43.47
N SER A 163 -15.55 -10.08 -44.58
CA SER A 163 -15.06 -9.66 -45.90
C SER A 163 -15.32 -8.17 -46.10
N LYS A 164 -14.27 -7.42 -46.42
CA LYS A 164 -14.37 -5.98 -46.60
C LYS A 164 -15.14 -5.55 -47.85
N THR A 165 -14.78 -6.11 -49.00
CA THR A 165 -15.48 -5.76 -50.24
C THR A 165 -16.96 -6.15 -50.12
N GLN A 166 -17.20 -7.31 -49.52
CA GLN A 166 -18.55 -7.81 -49.33
C GLN A 166 -19.39 -6.81 -48.53
N TRP A 167 -18.87 -6.38 -47.39
CA TRP A 167 -19.58 -5.45 -46.53
C TRP A 167 -19.72 -4.07 -47.16
N GLU A 168 -18.72 -3.67 -47.93
CA GLU A 168 -18.75 -2.38 -48.60
C GLU A 168 -19.89 -2.35 -49.59
N ASN A 169 -20.08 -3.45 -50.31
CA ASN A 169 -21.15 -3.54 -51.30
C ASN A 169 -22.50 -3.47 -50.58
N THR A 170 -22.58 -4.14 -49.43
CA THR A 170 -23.80 -4.16 -48.64
C THR A 170 -24.22 -2.77 -48.22
N LEU A 171 -23.27 -2.01 -47.66
CA LEU A 171 -23.55 -0.65 -47.22
C LEU A 171 -24.07 0.20 -48.38
N GLU A 172 -23.44 0.06 -49.55
CA GLU A 172 -23.86 0.81 -50.73
C GLU A 172 -25.30 0.48 -51.12
N GLN A 173 -25.62 -0.81 -51.26
CA GLN A 173 -26.98 -1.22 -51.61
C GLN A 173 -28.00 -0.79 -50.57
N ILE A 174 -27.62 -0.82 -49.30
CA ILE A 174 -28.55 -0.39 -48.26
C ILE A 174 -28.79 1.11 -48.45
N ALA A 175 -27.71 1.83 -48.71
CA ALA A 175 -27.76 3.28 -48.94
C ALA A 175 -28.73 3.55 -50.08
N ILE A 176 -28.61 2.77 -51.15
CA ILE A 176 -29.49 2.94 -52.29
C ILE A 176 -30.95 2.84 -51.87
N LYS A 177 -31.27 1.80 -51.09
CA LYS A 177 -32.63 1.60 -50.63
C LYS A 177 -33.09 2.78 -49.77
N LEU A 178 -32.22 3.27 -48.90
CA LEU A 178 -32.58 4.40 -48.06
C LEU A 178 -32.88 5.62 -48.94
N LYS A 179 -32.14 5.76 -50.05
CA LYS A 179 -32.37 6.87 -50.96
C LYS A 179 -33.73 6.72 -51.64
N GLU A 180 -34.14 5.48 -51.86
CA GLU A 180 -35.43 5.21 -52.47
C GLU A 180 -36.55 5.66 -51.53
N GLN A 181 -36.26 5.65 -50.22
CA GLN A 181 -37.25 6.05 -49.21
C GLN A 181 -37.19 7.52 -48.82
N PHE A 182 -36.00 8.11 -48.81
CA PHE A 182 -35.84 9.50 -48.39
C PHE A 182 -35.47 10.51 -49.47
N GLY A 183 -35.08 10.06 -50.65
CA GLY A 183 -34.73 11.00 -51.70
C GLY A 183 -33.47 10.65 -52.45
N ASN A 184 -33.59 10.53 -53.77
CA ASN A 184 -32.45 10.18 -54.62
C ASN A 184 -31.36 11.23 -54.67
N ASN A 185 -31.60 12.39 -54.08
CA ASN A 185 -30.62 13.46 -54.07
C ASN A 185 -29.90 13.60 -52.74
N LYS A 186 -30.52 13.10 -51.66
CA LYS A 186 -29.90 13.20 -50.35
C LYS A 186 -28.62 12.39 -50.29
N THR A 187 -27.71 12.78 -49.40
CA THR A 187 -26.46 12.07 -49.23
C THR A 187 -26.61 11.12 -48.04
N ILE A 188 -26.30 9.84 -48.26
CA ILE A 188 -26.41 8.84 -47.21
C ILE A 188 -25.09 8.62 -46.49
N ILE A 189 -25.14 8.71 -45.17
CA ILE A 189 -23.96 8.53 -44.34
C ILE A 189 -24.21 7.59 -43.16
N PHE A 190 -23.24 6.71 -42.91
CA PHE A 190 -23.31 5.78 -41.78
C PHE A 190 -22.30 6.22 -40.72
N ASN A 191 -22.74 6.24 -39.46
CA ASN A 191 -21.90 6.63 -38.33
C ASN A 191 -22.09 5.65 -37.18
N PRO A 192 -21.06 5.48 -36.36
CA PRO A 192 -21.16 4.55 -35.23
C PRO A 192 -22.22 5.00 -34.23
N SER A 193 -22.52 4.11 -33.29
CA SER A 193 -23.49 4.37 -32.24
C SER A 193 -23.20 5.68 -31.50
N SER A 194 -24.23 6.41 -31.12
CA SER A 194 -24.06 7.66 -30.37
C SER A 194 -23.71 7.31 -28.92
N GLY A 195 -23.84 6.03 -28.56
CA GLY A 195 -23.50 5.60 -27.21
C GLY A 195 -24.62 5.00 -26.36
N GLY A 196 -24.25 4.51 -25.18
CA GLY A 196 -25.20 3.91 -24.26
C GLY A 196 -24.54 2.72 -23.59
N ASP A 197 -25.33 1.80 -23.06
CA ASP A 197 -24.77 0.61 -22.44
C ASP A 197 -23.85 -0.08 -23.46
N PRO A 198 -22.87 -0.87 -22.98
CA PRO A 198 -21.95 -1.55 -23.90
C PRO A 198 -22.70 -2.38 -24.96
N GLU A 199 -23.77 -3.03 -24.50
CA GLU A 199 -24.59 -3.85 -25.37
C GLU A 199 -25.08 -3.07 -26.59
N ILE A 200 -25.51 -1.83 -26.37
CA ILE A 200 -26.03 -0.93 -27.40
C ILE A 200 -24.94 -0.31 -28.29
N VAL A 201 -23.79 0.01 -27.69
CA VAL A 201 -22.71 0.65 -28.44
C VAL A 201 -21.89 -0.27 -29.31
N THR A 202 -21.80 -1.54 -28.93
CA THR A 202 -21.03 -2.50 -29.71
C THR A 202 -22.00 -3.41 -30.41
N HIS A 203 -21.44 -4.30 -31.22
CA HIS A 203 -22.25 -5.29 -31.88
C HIS A 203 -22.08 -6.43 -30.91
N SER A 204 -23.11 -6.71 -30.12
CA SER A 204 -23.02 -7.81 -29.16
C SER A 204 -24.03 -8.90 -29.53
N PHE A 205 -23.76 -10.10 -29.06
CA PHE A 205 -24.63 -11.23 -29.36
C PHE A 205 -24.18 -12.40 -28.52
N ASN A 206 -25.03 -13.40 -28.41
CA ASN A 206 -24.67 -14.58 -27.66
C ASN A 206 -24.50 -15.69 -28.68
N CYS A 207 -23.34 -16.35 -28.64
CA CYS A 207 -23.08 -17.44 -29.57
C CYS A 207 -22.56 -18.63 -28.76
N GLY A 208 -23.22 -19.77 -28.92
CA GLY A 208 -22.82 -20.96 -28.19
C GLY A 208 -22.92 -20.75 -26.69
N GLY A 209 -23.64 -19.70 -26.29
CA GLY A 209 -23.79 -19.43 -24.87
C GLY A 209 -22.84 -18.36 -24.34
N GLU A 210 -21.86 -17.95 -25.15
CA GLU A 210 -20.92 -16.93 -24.71
C GLU A 210 -21.38 -15.56 -25.16
N PHE A 211 -21.03 -14.53 -24.39
CA PHE A 211 -21.43 -13.17 -24.73
C PHE A 211 -20.30 -12.38 -25.40
N PHE A 212 -20.47 -12.11 -26.69
CA PHE A 212 -19.46 -11.37 -27.44
C PHE A 212 -19.81 -9.88 -27.55
N TYR A 213 -18.78 -9.05 -27.55
CA TYR A 213 -18.91 -7.61 -27.68
C TYR A 213 -17.83 -7.18 -28.68
N CYS A 214 -18.24 -6.63 -29.81
CA CYS A 214 -17.27 -6.23 -30.83
C CYS A 214 -17.36 -4.76 -31.17
N ASN A 215 -16.20 -4.13 -31.36
CA ASN A 215 -16.20 -2.73 -31.72
C ASN A 215 -16.67 -2.71 -33.17
N SER A 216 -17.77 -2.04 -33.43
CA SER A 216 -18.31 -1.97 -34.78
C SER A 216 -18.04 -0.66 -35.50
N THR A 217 -17.08 0.12 -34.99
CA THR A 217 -16.73 1.40 -35.58
C THR A 217 -16.37 1.27 -37.05
N GLN A 218 -15.54 0.30 -37.37
CA GLN A 218 -15.14 0.10 -38.76
C GLN A 218 -16.37 -0.14 -39.63
N LEU A 219 -17.31 -0.92 -39.10
CA LEU A 219 -18.52 -1.28 -39.82
C LEU A 219 -19.40 -0.11 -40.25
N PHE A 220 -19.45 0.94 -39.46
CA PHE A 220 -20.33 2.04 -39.79
C PHE A 220 -19.74 3.43 -39.92
N THR A 221 -18.68 3.55 -40.71
CA THR A 221 -18.03 4.83 -40.96
C THR A 221 -17.87 4.83 -42.48
N TRP A 222 -18.91 5.26 -43.19
CA TRP A 222 -18.93 5.22 -44.65
C TRP A 222 -19.53 6.45 -45.36
N ASN A 223 -19.03 6.72 -46.57
CA ASN A 223 -19.50 7.82 -47.41
C ASN A 223 -20.07 7.25 -48.71
N ASP A 224 -21.09 7.91 -49.26
CA ASP A 224 -21.70 7.46 -50.50
C ASP A 224 -21.16 8.25 -51.69
N ARG A 233 -10.47 -7.42 -49.13
CA ARG A 233 -9.66 -7.74 -47.96
C ARG A 233 -10.58 -8.02 -46.78
N ASN A 234 -10.01 -8.16 -45.58
CA ASN A 234 -10.80 -8.44 -44.39
C ASN A 234 -10.93 -7.28 -43.44
N ILE A 235 -12.09 -7.22 -42.78
CA ILE A 235 -12.35 -6.19 -41.78
C ILE A 235 -12.24 -6.93 -40.45
N THR A 236 -11.24 -6.56 -39.64
CA THR A 236 -11.06 -7.22 -38.35
C THR A 236 -11.61 -6.35 -37.24
N LEU A 237 -12.59 -6.90 -36.54
CA LEU A 237 -13.21 -6.18 -35.44
C LEU A 237 -12.67 -6.66 -34.11
N PRO A 238 -12.28 -5.71 -33.24
CA PRO A 238 -11.75 -6.07 -31.91
C PRO A 238 -12.96 -6.57 -31.13
N CYS A 239 -12.97 -7.85 -30.75
CA CYS A 239 -14.08 -8.36 -29.97
C CYS A 239 -13.63 -8.82 -28.59
N ARG A 240 -14.59 -9.04 -27.71
CA ARG A 240 -14.27 -9.44 -26.36
C ARG A 240 -15.40 -10.28 -25.79
N ILE A 241 -15.06 -11.27 -24.96
CA ILE A 241 -16.09 -12.08 -24.33
C ILE A 241 -16.20 -11.60 -22.89
N LYS A 242 -17.42 -11.30 -22.46
CA LYS A 242 -17.64 -10.80 -21.12
C LYS A 242 -18.40 -11.76 -20.21
N GLN A 243 -18.07 -11.73 -18.92
CA GLN A 243 -18.76 -12.55 -17.92
C GLN A 243 -19.76 -11.68 -17.20
N ILE A 244 -19.48 -10.38 -17.12
CA ILE A 244 -20.36 -9.42 -16.46
C ILE A 244 -21.07 -8.61 -17.54
N ILE A 245 -22.39 -8.64 -17.54
CA ILE A 245 -23.18 -7.96 -18.57
C ILE A 245 -24.48 -7.33 -18.08
N ASN A 246 -25.11 -6.57 -18.98
CA ASN A 246 -26.42 -5.97 -18.69
C ASN A 246 -27.41 -6.89 -19.38
N MET A 247 -28.50 -7.22 -18.70
CA MET A 247 -29.48 -8.13 -19.25
C MET A 247 -30.39 -7.50 -20.29
N TRP A 248 -30.79 -8.30 -21.27
CA TRP A 248 -31.69 -7.80 -22.30
C TRP A 248 -33.12 -8.12 -21.87
N GLN A 249 -33.29 -9.20 -21.12
CA GLN A 249 -34.61 -9.65 -20.67
C GLN A 249 -35.31 -8.64 -19.75
N GLU A 250 -34.52 -7.96 -18.93
CA GLU A 250 -35.04 -6.97 -17.98
C GLU A 250 -33.89 -6.09 -17.52
N VAL A 251 -34.20 -4.96 -16.90
CA VAL A 251 -33.12 -4.08 -16.41
C VAL A 251 -32.32 -4.76 -15.30
N GLY A 252 -31.01 -4.80 -15.45
CA GLY A 252 -30.17 -5.42 -14.43
C GLY A 252 -28.85 -5.92 -14.96
N LYS A 253 -28.00 -6.38 -14.05
CA LYS A 253 -26.71 -6.90 -14.43
C LYS A 253 -26.62 -8.39 -14.11
N ALA A 254 -25.83 -9.11 -14.88
CA ALA A 254 -25.68 -10.54 -14.66
C ALA A 254 -24.24 -10.98 -14.82
N MET A 255 -23.89 -12.03 -14.09
CA MET A 255 -22.56 -12.57 -14.19
C MET A 255 -22.68 -14.05 -14.49
N TYR A 256 -21.96 -14.48 -15.51
CA TYR A 256 -21.95 -15.87 -15.92
C TYR A 256 -20.54 -16.42 -15.71
N ALA A 257 -20.41 -17.75 -15.72
CA ALA A 257 -19.12 -18.42 -15.54
C ALA A 257 -18.20 -18.20 -16.75
N PRO A 258 -16.88 -18.37 -16.56
CA PRO A 258 -15.93 -18.18 -17.67
C PRO A 258 -16.10 -19.26 -18.75
N PRO A 259 -15.51 -19.03 -19.93
CA PRO A 259 -15.62 -20.02 -21.01
C PRO A 259 -14.91 -21.31 -20.60
N ILE A 260 -15.38 -22.43 -21.13
CA ILE A 260 -14.79 -23.73 -20.81
C ILE A 260 -13.48 -24.03 -21.54
N ARG A 261 -13.57 -24.82 -22.61
CA ARG A 261 -12.42 -25.23 -23.40
C ARG A 261 -11.39 -24.15 -23.70
N GLY A 262 -11.86 -23.05 -24.27
CA GLY A 262 -10.96 -21.98 -24.63
C GLY A 262 -10.86 -21.99 -26.15
N GLN A 263 -10.44 -20.88 -26.74
CA GLN A 263 -10.36 -20.79 -28.20
C GLN A 263 -11.79 -20.90 -28.71
N ILE A 264 -12.65 -20.04 -28.17
CA ILE A 264 -14.06 -19.99 -28.54
C ILE A 264 -14.20 -19.61 -30.01
N ARG A 265 -15.19 -20.19 -30.69
CA ARG A 265 -15.40 -19.91 -32.10
C ARG A 265 -16.87 -19.67 -32.42
N CYS A 266 -17.13 -18.94 -33.51
CA CYS A 266 -18.49 -18.65 -33.93
C CYS A 266 -18.51 -18.26 -35.41
N SER A 267 -19.45 -18.84 -36.15
CA SER A 267 -19.61 -18.54 -37.56
C SER A 267 -21.07 -18.19 -37.76
N SER A 268 -21.33 -16.98 -38.26
CA SER A 268 -22.70 -16.55 -38.49
C SER A 268 -22.88 -15.82 -39.81
N ASN A 269 -24.12 -15.74 -40.28
CA ASN A 269 -24.46 -15.04 -41.50
C ASN A 269 -25.20 -13.77 -41.14
N ILE A 270 -24.61 -12.61 -41.42
CA ILE A 270 -25.28 -11.34 -41.14
C ILE A 270 -26.40 -11.29 -42.18
N THR A 271 -27.65 -11.30 -41.71
CA THR A 271 -28.80 -11.31 -42.59
C THR A 271 -29.65 -10.05 -42.49
N GLY A 272 -29.32 -9.19 -41.54
CA GLY A 272 -30.07 -7.96 -41.37
C GLY A 272 -29.33 -6.99 -40.49
N LEU A 273 -29.94 -5.84 -40.26
CA LEU A 273 -29.37 -4.80 -39.41
C LEU A 273 -30.50 -3.99 -38.79
N LEU A 274 -30.20 -3.28 -37.71
CA LEU A 274 -31.17 -2.42 -37.04
C LEU A 274 -30.51 -1.04 -37.06
N LEU A 275 -31.10 -0.13 -37.81
CA LEU A 275 -30.57 1.21 -37.95
C LEU A 275 -31.44 2.29 -37.35
N THR A 276 -30.83 3.42 -37.04
CA THR A 276 -31.55 4.57 -36.51
C THR A 276 -31.14 5.77 -37.35
N ARG A 277 -32.05 6.71 -37.52
CA ARG A 277 -31.77 7.91 -38.31
C ARG A 277 -31.73 9.13 -37.39
N ASP A 278 -30.66 9.89 -37.50
CA ASP A 278 -30.48 11.10 -36.69
C ASP A 278 -31.60 12.10 -36.91
N GLY A 279 -32.21 12.56 -35.83
CA GLY A 279 -33.26 13.54 -35.96
C GLY A 279 -32.64 14.72 -36.68
N GLY A 280 -33.22 15.12 -37.79
CA GLY A 280 -32.65 16.22 -38.54
C GLY A 280 -33.55 17.41 -38.83
N LYS A 281 -33.44 18.45 -38.02
CA LYS A 281 -34.22 19.65 -38.25
C LYS A 281 -33.34 20.45 -39.18
N ASP A 282 -32.06 20.10 -39.13
CA ASP A 282 -31.04 20.74 -39.95
C ASP A 282 -31.23 20.38 -41.41
N THR A 283 -31.58 21.39 -42.20
CA THR A 283 -31.79 21.22 -43.63
C THR A 283 -30.44 21.14 -44.31
N ASN A 284 -30.13 19.98 -44.88
CA ASN A 284 -28.85 19.79 -45.57
C ASN A 284 -28.90 18.67 -46.59
N GLY A 285 -30.11 18.19 -46.88
CA GLY A 285 -30.27 17.13 -47.86
C GLY A 285 -29.43 15.90 -47.56
N THR A 286 -29.14 15.67 -46.29
CA THR A 286 -28.36 14.50 -45.90
C THR A 286 -28.96 13.75 -44.72
N GLU A 287 -28.88 12.43 -44.78
CA GLU A 287 -29.41 11.58 -43.73
C GLU A 287 -28.27 10.78 -43.12
N ILE A 288 -28.26 10.69 -41.79
CA ILE A 288 -27.22 9.94 -41.10
C ILE A 288 -27.86 8.72 -40.41
N PHE A 289 -27.22 7.57 -40.52
CA PHE A 289 -27.75 6.36 -39.91
C PHE A 289 -26.71 5.68 -39.04
N ARG A 290 -27.16 5.23 -37.86
CA ARG A 290 -26.28 4.55 -36.91
C ARG A 290 -26.84 3.20 -36.49
N PRO A 291 -25.99 2.31 -35.96
CA PRO A 291 -26.41 0.98 -35.51
C PRO A 291 -27.43 1.17 -34.37
N GLY A 292 -28.47 0.35 -34.38
CA GLY A 292 -29.49 0.44 -33.36
C GLY A 292 -29.67 -0.88 -32.65
N GLY A 293 -30.85 -1.13 -32.11
CA GLY A 293 -31.07 -2.39 -31.42
C GLY A 293 -31.16 -2.22 -29.92
N GLY A 294 -31.50 -3.29 -29.22
CA GLY A 294 -31.63 -3.23 -27.77
C GLY A 294 -32.87 -3.99 -27.38
N ASP A 295 -34.01 -3.55 -27.87
CA ASP A 295 -35.27 -4.23 -27.60
C ASP A 295 -35.22 -5.44 -28.54
N MET A 296 -35.05 -6.63 -27.99
CA MET A 296 -34.98 -7.83 -28.81
C MET A 296 -36.26 -8.14 -29.60
N ARG A 297 -37.33 -7.41 -29.34
CA ARG A 297 -38.56 -7.65 -30.07
C ARG A 297 -38.39 -7.30 -31.54
N ASP A 298 -37.56 -6.30 -31.85
CA ASP A 298 -37.35 -5.96 -33.25
C ASP A 298 -36.64 -7.11 -33.95
N ASN A 299 -35.85 -7.86 -33.18
CA ASN A 299 -35.14 -9.01 -33.74
C ASN A 299 -36.18 -10.05 -34.13
N TRP A 300 -37.23 -10.18 -33.32
CA TRP A 300 -38.27 -11.16 -33.60
C TRP A 300 -39.15 -10.73 -34.79
N ARG A 301 -39.38 -9.42 -34.91
CA ARG A 301 -40.20 -8.88 -36.01
C ARG A 301 -39.55 -9.14 -37.36
N SER A 302 -38.23 -9.12 -37.40
CA SER A 302 -37.51 -9.36 -38.64
C SER A 302 -37.85 -10.73 -39.22
N GLU A 303 -38.27 -11.65 -38.36
CA GLU A 303 -38.63 -13.01 -38.78
C GLU A 303 -40.15 -13.22 -38.87
N LEU A 304 -40.91 -12.54 -38.02
CA LEU A 304 -42.35 -12.75 -38.00
C LEU A 304 -43.22 -11.73 -38.74
N TYR A 305 -42.58 -10.74 -39.36
CA TYR A 305 -43.28 -9.68 -40.08
C TYR A 305 -44.32 -10.10 -41.12
N LYS A 306 -44.10 -11.25 -41.78
CA LYS A 306 -45.06 -11.67 -42.79
C LYS A 306 -46.17 -12.59 -42.27
N TYR A 307 -46.24 -12.80 -40.96
CA TYR A 307 -47.28 -13.66 -40.42
C TYR A 307 -48.27 -12.92 -39.55
N LYS A 308 -49.47 -13.48 -39.49
CA LYS A 308 -50.57 -12.94 -38.71
C LYS A 308 -51.45 -14.14 -38.37
N VAL A 309 -51.79 -14.29 -37.10
CA VAL A 309 -52.65 -15.40 -36.69
C VAL A 309 -54.09 -14.90 -36.60
N VAL A 310 -55.03 -15.70 -37.08
CA VAL A 310 -56.43 -15.32 -37.03
C VAL A 310 -57.33 -16.49 -36.64
N LYS A 311 -58.50 -16.16 -36.11
CA LYS A 311 -59.48 -17.16 -35.71
C LYS A 311 -60.07 -17.78 -36.96
N ILE A 312 -60.22 -19.10 -36.97
CA ILE A 312 -60.80 -19.76 -38.14
C ILE A 312 -62.28 -19.40 -38.19
N GLU A 313 -62.63 -18.49 -39.09
CA GLU A 313 -64.01 -18.04 -39.27
C GLU A 313 -64.54 -18.44 -40.64
N ASP B 1 -22.51 -28.69 4.31
CA ASP B 1 -22.72 -29.07 2.89
C ASP B 1 -21.61 -30.02 2.47
N ILE B 2 -20.64 -29.50 1.71
CA ILE B 2 -19.53 -30.34 1.26
C ILE B 2 -18.41 -30.41 2.29
N VAL B 3 -18.18 -31.62 2.79
CA VAL B 3 -17.16 -31.89 3.80
C VAL B 3 -15.83 -32.37 3.23
N MET B 4 -14.75 -31.71 3.63
CA MET B 4 -13.40 -32.08 3.17
C MET B 4 -12.72 -32.85 4.30
N THR B 5 -12.22 -34.04 4.00
CA THR B 5 -11.54 -34.88 4.99
C THR B 5 -10.09 -35.17 4.63
N GLN B 6 -9.18 -34.86 5.55
CA GLN B 6 -7.76 -35.06 5.32
C GLN B 6 -7.16 -36.21 6.14
N SER B 7 -6.18 -36.89 5.56
CA SER B 7 -5.52 -38.00 6.25
C SER B 7 -4.07 -38.14 5.81
N PRO B 8 -3.19 -38.55 6.75
CA PRO B 8 -3.55 -38.85 8.13
C PRO B 8 -3.66 -37.53 8.89
N ALA B 9 -4.10 -37.57 10.14
CA ALA B 9 -4.19 -36.34 10.92
C ALA B 9 -2.75 -35.87 11.10
N THR B 10 -1.87 -36.82 11.42
CA THR B 10 -0.46 -36.55 11.62
C THR B 10 0.38 -37.54 10.81
N LEU B 11 1.38 -37.02 10.13
CA LEU B 11 2.26 -37.84 9.33
C LEU B 11 3.71 -37.55 9.75
N SER B 12 4.44 -38.59 10.14
CA SER B 12 5.84 -38.46 10.57
C SER B 12 6.76 -38.93 9.45
N VAL B 13 7.67 -38.07 9.03
CA VAL B 13 8.58 -38.43 7.96
C VAL B 13 9.99 -37.91 8.16
N SER B 14 10.96 -38.71 7.74
CA SER B 14 12.36 -38.34 7.87
C SER B 14 12.66 -37.30 6.80
N PRO B 15 13.45 -36.26 7.15
CA PRO B 15 13.81 -35.21 6.19
C PRO B 15 14.52 -35.80 4.97
N GLY B 16 14.16 -35.33 3.79
CA GLY B 16 14.78 -35.84 2.57
C GLY B 16 13.91 -36.88 1.90
N GLU B 17 13.01 -37.47 2.67
CA GLU B 17 12.10 -38.49 2.16
C GLU B 17 10.89 -37.83 1.49
N ARG B 18 10.04 -38.67 0.90
CA ARG B 18 8.84 -38.19 0.23
C ARG B 18 7.64 -38.23 1.17
N ALA B 19 6.63 -37.44 0.87
CA ALA B 19 5.41 -37.38 1.68
C ALA B 19 4.19 -37.28 0.78
N THR B 20 3.16 -38.04 1.09
CA THR B 20 1.93 -38.00 0.31
C THR B 20 0.78 -37.66 1.24
N LEU B 21 0.15 -36.51 1.01
CA LEU B 21 -0.98 -36.08 1.82
C LEU B 21 -2.27 -36.36 1.05
N SER B 22 -3.28 -36.80 1.79
CA SER B 22 -4.57 -37.14 1.20
C SER B 22 -5.69 -36.21 1.65
N CYS B 23 -6.63 -35.93 0.73
CA CYS B 23 -7.80 -35.07 0.98
C CYS B 23 -9.00 -35.67 0.23
N ARG B 24 -10.12 -35.81 0.92
CA ARG B 24 -11.34 -36.37 0.32
C ARG B 24 -12.53 -35.43 0.48
N ALA B 25 -13.28 -35.22 -0.61
CA ALA B 25 -14.47 -34.38 -0.54
C ALA B 25 -15.64 -35.33 -0.33
N SER B 26 -16.71 -34.86 0.32
CA SER B 26 -17.88 -35.71 0.55
C SER B 26 -18.70 -35.90 -0.72
N GLU B 27 -18.26 -35.26 -1.79
CA GLU B 27 -18.90 -35.35 -3.11
C GLU B 27 -17.99 -34.70 -4.14
N SER B 28 -18.25 -34.91 -5.42
CA SER B 28 -17.43 -34.34 -6.46
C SER B 28 -17.26 -32.83 -6.38
N VAL B 29 -16.03 -32.39 -6.59
CA VAL B 29 -15.67 -30.98 -6.55
C VAL B 29 -14.92 -30.67 -7.84
N SER B 30 -14.93 -31.63 -8.76
CA SER B 30 -14.26 -31.50 -10.05
C SER B 30 -12.76 -31.22 -9.83
N SER B 31 -12.29 -30.02 -10.20
CA SER B 31 -10.89 -29.68 -10.00
C SER B 31 -10.68 -28.40 -9.18
N ASP B 32 -11.74 -27.86 -8.61
CA ASP B 32 -11.62 -26.66 -7.79
C ASP B 32 -11.15 -27.07 -6.40
N LEU B 33 -9.87 -27.47 -6.34
CA LEU B 33 -9.25 -27.93 -5.10
C LEU B 33 -7.89 -27.26 -4.91
N ALA B 34 -7.71 -26.64 -3.75
CA ALA B 34 -6.47 -25.94 -3.45
C ALA B 34 -5.80 -26.51 -2.19
N TRP B 35 -4.48 -26.34 -2.09
CA TRP B 35 -3.72 -26.80 -0.94
C TRP B 35 -2.98 -25.60 -0.36
N TYR B 36 -2.96 -25.48 0.96
CA TYR B 36 -2.27 -24.38 1.62
C TYR B 36 -1.29 -24.92 2.68
N GLN B 37 -0.26 -24.14 2.98
CA GLN B 37 0.72 -24.49 4.00
C GLN B 37 0.68 -23.43 5.09
N GLN B 38 0.68 -23.85 6.35
CA GLN B 38 0.66 -22.87 7.42
C GLN B 38 1.56 -23.24 8.57
N LYS B 39 2.45 -22.33 8.93
CA LYS B 39 3.34 -22.56 10.06
C LYS B 39 2.72 -21.75 11.20
N PRO B 40 3.01 -22.15 12.45
CA PRO B 40 2.47 -21.45 13.62
C PRO B 40 2.79 -19.96 13.68
N GLY B 41 1.78 -19.15 14.02
CA GLY B 41 1.98 -17.72 14.12
C GLY B 41 2.00 -17.08 12.73
N GLN B 42 1.75 -17.87 11.70
CA GLN B 42 1.75 -17.35 10.34
C GLN B 42 0.46 -17.53 9.57
N ALA B 43 0.36 -16.81 8.46
CA ALA B 43 -0.78 -16.85 7.59
C ALA B 43 -0.63 -18.01 6.61
N PRO B 44 -1.75 -18.61 6.19
CA PRO B 44 -1.63 -19.72 5.24
C PRO B 44 -0.94 -19.19 3.97
N ARG B 45 -0.31 -20.10 3.23
CA ARG B 45 0.37 -19.77 1.98
C ARG B 45 -0.15 -20.73 0.91
N LEU B 46 -0.56 -20.19 -0.23
CA LEU B 46 -1.11 -21.01 -1.32
C LEU B 46 -0.03 -21.85 -1.99
N LEU B 47 -0.32 -23.13 -2.23
CA LEU B 47 0.63 -24.04 -2.85
C LEU B 47 0.17 -24.55 -4.21
N ILE B 48 -1.06 -25.06 -4.22
CA ILE B 48 -1.67 -25.64 -5.41
C ILE B 48 -3.11 -25.18 -5.50
N TYR B 49 -3.57 -24.94 -6.73
CA TYR B 49 -4.95 -24.57 -6.97
C TYR B 49 -5.31 -25.32 -8.24
N GLY B 50 -6.60 -25.49 -8.49
CA GLY B 50 -7.01 -26.23 -9.67
C GLY B 50 -6.58 -27.69 -9.59
N ALA B 51 -6.41 -28.18 -8.36
CA ALA B 51 -6.01 -29.56 -8.08
C ALA B 51 -4.58 -29.92 -8.44
N SER B 52 -4.08 -29.38 -9.55
CA SER B 52 -2.73 -29.72 -9.96
C SER B 52 -1.81 -28.58 -10.40
N THR B 53 -2.27 -27.34 -10.30
CA THR B 53 -1.43 -26.23 -10.73
C THR B 53 -0.71 -25.57 -9.57
N ARG B 54 0.62 -25.59 -9.63
CA ARG B 54 1.46 -25.01 -8.59
C ARG B 54 1.45 -23.49 -8.68
N ALA B 55 1.25 -22.83 -7.55
CA ALA B 55 1.24 -21.37 -7.51
C ALA B 55 2.62 -20.80 -7.79
N THR B 56 2.69 -19.54 -8.22
CA THR B 56 3.98 -18.93 -8.50
C THR B 56 4.80 -18.85 -7.23
N GLY B 57 6.07 -19.24 -7.33
CA GLY B 57 6.95 -19.20 -6.18
C GLY B 57 7.09 -20.52 -5.43
N VAL B 58 6.14 -21.43 -5.60
CA VAL B 58 6.19 -22.70 -4.88
C VAL B 58 7.14 -23.69 -5.58
N PRO B 59 8.13 -24.23 -4.84
CA PRO B 59 9.12 -25.19 -5.38
C PRO B 59 8.49 -26.36 -6.12
N ALA B 60 9.22 -26.89 -7.10
CA ALA B 60 8.74 -27.99 -7.90
C ALA B 60 8.54 -29.30 -7.13
N ARG B 61 9.09 -29.40 -5.93
CA ARG B 61 8.90 -30.64 -5.16
C ARG B 61 7.44 -30.80 -4.73
N PHE B 62 6.68 -29.73 -4.81
CA PHE B 62 5.26 -29.75 -4.46
C PHE B 62 4.42 -30.00 -5.71
N SER B 63 3.75 -31.13 -5.76
CA SER B 63 2.90 -31.44 -6.91
C SER B 63 1.51 -31.91 -6.48
N GLY B 64 0.50 -31.34 -7.09
CA GLY B 64 -0.86 -31.72 -6.75
C GLY B 64 -1.39 -32.73 -7.73
N SER B 65 -2.27 -33.61 -7.26
CA SER B 65 -2.84 -34.63 -8.12
C SER B 65 -4.27 -35.01 -7.72
N GLY B 66 -5.04 -35.50 -8.69
CA GLY B 66 -6.41 -35.92 -8.43
C GLY B 66 -7.53 -35.09 -9.02
N SER B 67 -8.75 -35.59 -8.90
CA SER B 67 -9.96 -34.91 -9.40
C SER B 67 -11.17 -35.61 -8.80
N GLY B 68 -12.33 -34.97 -8.87
CA GLY B 68 -13.53 -35.57 -8.31
C GLY B 68 -13.63 -35.41 -6.81
N ALA B 69 -13.43 -36.50 -6.08
CA ALA B 69 -13.49 -36.47 -4.61
C ALA B 69 -12.24 -37.06 -3.96
N GLU B 70 -11.20 -37.27 -4.76
CA GLU B 70 -9.95 -37.86 -4.27
C GLU B 70 -8.74 -37.05 -4.74
N PHE B 71 -8.02 -36.43 -3.80
CA PHE B 71 -6.87 -35.61 -4.17
C PHE B 71 -5.63 -35.96 -3.35
N THR B 72 -4.47 -35.58 -3.86
CA THR B 72 -3.23 -35.87 -3.17
C THR B 72 -2.21 -34.75 -3.32
N LEU B 73 -1.45 -34.52 -2.26
CA LEU B 73 -0.40 -33.50 -2.26
C LEU B 73 0.90 -34.27 -2.03
N THR B 74 1.81 -34.24 -2.99
CA THR B 74 3.06 -34.95 -2.81
C THR B 74 4.24 -34.00 -2.73
N ILE B 75 5.14 -34.30 -1.81
CA ILE B 75 6.35 -33.53 -1.63
C ILE B 75 7.45 -34.56 -1.82
N SER B 76 8.06 -34.53 -3.00
CA SER B 76 9.12 -35.47 -3.38
C SER B 76 10.28 -35.62 -2.40
N SER B 77 10.73 -34.51 -1.81
CA SER B 77 11.84 -34.56 -0.86
C SER B 77 11.69 -33.53 0.24
N LEU B 78 11.20 -33.95 1.40
CA LEU B 78 11.00 -33.03 2.51
C LEU B 78 12.23 -32.28 2.98
N GLN B 79 12.07 -30.97 3.13
CA GLN B 79 13.13 -30.09 3.60
C GLN B 79 12.68 -29.51 4.91
N SER B 80 13.62 -28.88 5.62
CA SER B 80 13.32 -28.29 6.92
C SER B 80 12.09 -27.38 6.89
N GLU B 81 11.96 -26.60 5.81
CA GLU B 81 10.86 -25.66 5.68
C GLU B 81 9.48 -26.23 5.41
N ASP B 82 9.41 -27.49 5.00
CA ASP B 82 8.13 -28.10 4.68
C ASP B 82 7.34 -28.63 5.88
N PHE B 83 8.01 -28.94 6.98
CA PHE B 83 7.32 -29.43 8.15
C PHE B 83 6.38 -28.37 8.71
N ALA B 84 5.08 -28.54 8.45
CA ALA B 84 4.06 -27.61 8.90
C ALA B 84 2.69 -28.30 8.84
N VAL B 85 1.63 -27.49 8.72
CA VAL B 85 0.29 -28.02 8.63
C VAL B 85 -0.22 -27.66 7.24
N TYR B 86 -0.84 -28.65 6.59
CA TYR B 86 -1.38 -28.50 5.25
C TYR B 86 -2.90 -28.61 5.21
N TYR B 87 -3.53 -27.68 4.52
CA TYR B 87 -4.99 -27.66 4.43
C TYR B 87 -5.44 -27.69 2.97
N CYS B 88 -6.46 -28.49 2.69
CA CYS B 88 -7.02 -28.49 1.35
C CYS B 88 -8.27 -27.65 1.44
N GLN B 89 -8.75 -27.15 0.29
CA GLN B 89 -9.95 -26.33 0.23
C GLN B 89 -10.68 -26.52 -1.09
N GLN B 90 -11.98 -26.80 -1.03
CA GLN B 90 -12.74 -26.94 -2.25
C GLN B 90 -13.46 -25.62 -2.50
N TYR B 91 -13.63 -25.27 -3.78
CA TYR B 91 -14.31 -24.03 -4.15
C TYR B 91 -15.04 -24.25 -5.47
N ASN B 92 -15.70 -25.41 -5.55
CA ASN B 92 -16.42 -25.78 -6.74
C ASN B 92 -17.93 -25.55 -6.67
N ASN B 93 -18.52 -25.55 -5.46
CA ASN B 93 -19.96 -25.35 -5.36
C ASN B 93 -20.40 -23.91 -5.55
N TRP B 94 -21.64 -23.75 -5.98
CA TRP B 94 -22.24 -22.45 -6.23
C TRP B 94 -23.76 -22.61 -6.14
N PRO B 95 -24.45 -21.73 -5.39
CA PRO B 95 -23.87 -20.61 -4.62
C PRO B 95 -22.68 -21.09 -3.79
N PRO B 96 -21.70 -20.21 -3.57
CA PRO B 96 -20.49 -20.55 -2.81
C PRO B 96 -20.61 -20.80 -1.31
N ARG B 97 -20.12 -21.97 -0.89
CA ARG B 97 -20.06 -22.40 0.51
C ARG B 97 -18.73 -23.15 0.55
N TYR B 98 -17.64 -22.41 0.40
CA TYR B 98 -16.33 -23.02 0.37
C TYR B 98 -15.95 -23.59 1.73
N THR B 99 -15.15 -24.66 1.72
CA THR B 99 -14.79 -25.33 2.94
C THR B 99 -13.36 -25.88 2.95
N PHE B 100 -12.78 -25.94 4.16
CA PHE B 100 -11.41 -26.44 4.34
C PHE B 100 -11.43 -27.81 5.01
N GLY B 101 -10.35 -28.56 4.85
CA GLY B 101 -10.23 -29.84 5.51
C GLY B 101 -9.71 -29.46 6.89
N GLN B 102 -9.74 -30.37 7.86
CA GLN B 102 -9.27 -30.02 9.18
C GLN B 102 -7.75 -30.08 9.33
N GLY B 103 -7.06 -30.29 8.20
CA GLY B 103 -5.60 -30.30 8.21
C GLY B 103 -4.84 -31.57 8.53
N THR B 104 -3.59 -31.59 8.04
CA THR B 104 -2.65 -32.69 8.24
C THR B 104 -1.34 -32.06 8.68
N ARG B 105 -0.89 -32.42 9.87
CA ARG B 105 0.35 -31.89 10.37
C ARG B 105 1.49 -32.80 9.94
N LEU B 106 2.52 -32.21 9.33
CA LEU B 106 3.68 -32.96 8.88
C LEU B 106 4.78 -32.72 9.90
N GLU B 107 5.17 -33.79 10.58
CA GLU B 107 6.18 -33.74 11.64
C GLU B 107 7.46 -34.52 11.30
N ILE B 108 8.55 -34.17 11.98
CA ILE B 108 9.84 -34.82 11.75
C ILE B 108 9.96 -36.13 12.50
N LYS B 109 10.29 -37.19 11.78
CA LYS B 109 10.46 -38.49 12.41
C LYS B 109 11.92 -38.59 12.88
N ARG B 110 12.10 -38.91 14.16
CA ARG B 110 13.42 -39.05 14.73
C ARG B 110 13.39 -40.25 15.68
N THR B 111 14.51 -40.55 16.33
CA THR B 111 14.57 -41.67 17.26
C THR B 111 13.85 -41.35 18.57
N VAL B 112 13.33 -42.39 19.21
CA VAL B 112 12.62 -42.28 20.48
C VAL B 112 13.54 -41.67 21.55
N ALA B 113 12.98 -40.79 22.37
CA ALA B 113 13.74 -40.17 23.44
C ALA B 113 12.81 -40.02 24.64
N ALA B 114 13.21 -40.59 25.77
CA ALA B 114 12.42 -40.53 26.99
C ALA B 114 12.54 -39.13 27.56
N PRO B 115 11.47 -38.62 28.18
CA PRO B 115 11.51 -37.28 28.75
C PRO B 115 12.18 -37.23 30.10
N SER B 116 12.57 -36.04 30.51
CA SER B 116 13.13 -35.81 31.84
C SER B 116 11.87 -35.32 32.53
N VAL B 117 11.66 -35.74 33.78
CA VAL B 117 10.46 -35.32 34.50
C VAL B 117 10.85 -34.49 35.72
N PHE B 118 10.10 -33.42 35.96
CA PHE B 118 10.33 -32.56 37.11
C PHE B 118 9.00 -32.11 37.66
N ILE B 119 8.90 -32.00 38.97
CA ILE B 119 7.66 -31.54 39.57
C ILE B 119 7.99 -30.26 40.33
N PHE B 120 7.07 -29.30 40.28
CA PHE B 120 7.24 -28.02 40.96
C PHE B 120 6.08 -27.76 41.91
N PRO B 121 6.35 -27.71 43.22
CA PRO B 121 5.22 -27.46 44.12
C PRO B 121 4.85 -25.97 44.01
N PRO B 122 3.66 -25.60 44.48
CA PRO B 122 3.30 -24.19 44.39
C PRO B 122 4.18 -23.35 45.30
N SER B 123 4.41 -22.10 44.90
CA SER B 123 5.24 -21.19 45.69
C SER B 123 4.43 -20.59 46.84
N ASP B 124 5.13 -20.09 47.85
CA ASP B 124 4.45 -19.48 48.99
C ASP B 124 3.76 -18.21 48.49
N GLU B 125 4.35 -17.61 47.47
CA GLU B 125 3.84 -16.40 46.86
C GLU B 125 2.45 -16.65 46.30
N GLN B 126 2.27 -17.79 45.61
CA GLN B 126 0.96 -18.12 45.04
C GLN B 126 -0.02 -18.57 46.12
N LEU B 127 0.49 -19.28 47.13
CA LEU B 127 -0.37 -19.73 48.22
C LEU B 127 -1.04 -18.53 48.89
N LYS B 128 -0.25 -17.50 49.19
CA LYS B 128 -0.79 -16.32 49.84
C LYS B 128 -1.98 -15.74 49.08
N SER B 129 -2.02 -16.00 47.78
CA SER B 129 -3.08 -15.49 46.93
C SER B 129 -4.38 -16.31 46.90
N GLY B 130 -4.39 -17.44 47.60
CA GLY B 130 -5.59 -18.24 47.63
C GLY B 130 -5.62 -19.46 46.74
N THR B 131 -4.68 -19.56 45.81
CA THR B 131 -4.65 -20.71 44.92
C THR B 131 -3.33 -21.47 44.99
N ALA B 132 -3.35 -22.70 44.46
CA ALA B 132 -2.17 -23.55 44.46
C ALA B 132 -2.08 -24.33 43.15
N SER B 133 -1.03 -24.10 42.38
CA SER B 133 -0.85 -24.81 41.12
C SER B 133 0.37 -25.71 41.26
N VAL B 134 0.21 -26.99 40.95
CA VAL B 134 1.32 -27.94 41.00
C VAL B 134 1.72 -28.22 39.56
N VAL B 135 2.99 -28.00 39.23
CA VAL B 135 3.41 -28.22 37.85
C VAL B 135 4.29 -29.43 37.64
N CYS B 136 3.99 -30.18 36.59
CA CYS B 136 4.77 -31.35 36.21
C CYS B 136 5.34 -31.08 34.83
N LEU B 137 6.65 -31.20 34.69
CA LEU B 137 7.31 -30.95 33.44
C LEU B 137 7.89 -32.22 32.82
N LEU B 138 7.74 -32.33 31.50
CA LEU B 138 8.27 -33.47 30.72
C LEU B 138 9.15 -32.81 29.65
N ASN B 139 10.46 -32.96 29.81
CA ASN B 139 11.42 -32.33 28.92
C ASN B 139 11.97 -33.14 27.74
N ASN B 140 12.01 -32.49 26.58
CA ASN B 140 12.53 -33.05 25.33
C ASN B 140 12.36 -34.54 25.09
N PHE B 141 11.15 -34.95 24.72
CA PHE B 141 10.85 -36.36 24.46
C PHE B 141 10.26 -36.57 23.06
N TYR B 142 10.30 -37.81 22.59
CA TYR B 142 9.75 -38.16 21.28
C TYR B 142 9.42 -39.64 21.26
N PRO B 143 8.28 -40.02 20.65
CA PRO B 143 7.31 -39.15 19.98
C PRO B 143 6.44 -38.28 20.90
N ARG B 144 5.51 -37.56 20.30
CA ARG B 144 4.64 -36.63 21.02
C ARG B 144 3.68 -37.27 22.03
N GLU B 145 3.29 -38.51 21.79
CA GLU B 145 2.36 -39.20 22.68
C GLU B 145 2.97 -39.46 24.06
N ALA B 146 2.27 -39.03 25.10
CA ALA B 146 2.71 -39.23 26.48
C ALA B 146 1.50 -39.23 27.40
N LYS B 147 1.67 -39.72 28.62
CA LYS B 147 0.56 -39.79 29.56
C LYS B 147 0.97 -39.31 30.94
N VAL B 148 0.20 -38.36 31.48
CA VAL B 148 0.49 -37.84 32.81
C VAL B 148 -0.65 -38.21 33.74
N GLN B 149 -0.30 -38.78 34.89
CA GLN B 149 -1.27 -39.20 35.88
C GLN B 149 -0.93 -38.50 37.18
N TRP B 150 -1.88 -37.74 37.72
CA TRP B 150 -1.68 -37.04 38.99
C TRP B 150 -2.24 -37.85 40.15
N LYS B 151 -1.48 -37.91 41.24
CA LYS B 151 -1.91 -38.62 42.44
C LYS B 151 -1.73 -37.74 43.67
N VAL B 152 -2.79 -37.60 44.45
CA VAL B 152 -2.76 -36.81 45.67
C VAL B 152 -3.09 -37.79 46.80
N ASP B 153 -2.07 -38.12 47.60
CA ASP B 153 -2.20 -39.08 48.69
C ASP B 153 -2.52 -40.47 48.12
N ASN B 154 -1.91 -40.78 46.98
CA ASN B 154 -2.10 -42.04 46.28
C ASN B 154 -3.47 -42.20 45.62
N ALA B 155 -4.28 -41.15 45.66
CA ALA B 155 -5.59 -41.18 45.03
C ALA B 155 -5.44 -40.67 43.60
N LEU B 156 -5.90 -41.44 42.62
CA LEU B 156 -5.80 -41.02 41.22
C LEU B 156 -6.71 -39.82 40.97
N GLN B 157 -6.14 -38.79 40.37
CA GLN B 157 -6.88 -37.56 40.08
C GLN B 157 -7.38 -37.53 38.65
N SER B 158 -8.37 -36.66 38.41
CA SER B 158 -8.95 -36.48 37.09
C SER B 158 -9.91 -35.31 37.13
N GLY B 159 -10.00 -34.59 36.02
CA GLY B 159 -10.89 -33.46 35.95
C GLY B 159 -10.37 -32.18 36.58
N ASN B 160 -9.12 -32.20 37.04
CA ASN B 160 -8.53 -31.01 37.68
C ASN B 160 -7.16 -30.58 37.16
N SER B 161 -6.81 -30.95 35.94
CA SER B 161 -5.51 -30.58 35.38
C SER B 161 -5.59 -30.16 33.91
N GLN B 162 -4.61 -29.37 33.48
CA GLN B 162 -4.51 -28.86 32.12
C GLN B 162 -3.13 -29.17 31.54
N GLU B 163 -3.10 -29.67 30.31
CA GLU B 163 -1.84 -30.00 29.65
C GLU B 163 -1.53 -29.00 28.56
N SER B 164 -0.23 -28.78 28.33
CA SER B 164 0.20 -27.87 27.28
C SER B 164 1.44 -28.47 26.62
N VAL B 165 1.49 -28.45 25.29
CA VAL B 165 2.61 -29.03 24.56
C VAL B 165 3.23 -28.04 23.57
N THR B 166 4.56 -27.97 23.56
CA THR B 166 5.25 -27.06 22.65
C THR B 166 5.19 -27.59 21.21
N GLU B 167 5.70 -26.80 20.27
CA GLU B 167 5.78 -27.21 18.87
C GLU B 167 7.03 -28.08 18.81
N GLN B 168 7.22 -28.83 17.74
CA GLN B 168 8.40 -29.66 17.67
C GLN B 168 9.64 -28.76 17.65
N ASP B 169 10.61 -29.06 18.53
CA ASP B 169 11.85 -28.27 18.62
C ASP B 169 12.59 -28.25 17.28
N SER B 170 13.07 -27.07 16.89
CA SER B 170 13.79 -26.92 15.62
C SER B 170 15.24 -27.39 15.68
N LYS B 171 15.72 -27.77 16.86
CA LYS B 171 17.10 -28.24 16.99
C LYS B 171 17.21 -29.74 17.21
N ASP B 172 16.38 -30.29 18.11
CA ASP B 172 16.47 -31.72 18.35
C ASP B 172 15.19 -32.50 18.06
N SER B 173 14.25 -31.86 17.39
CA SER B 173 12.99 -32.50 17.01
C SER B 173 12.21 -33.18 18.11
N THR B 174 12.35 -32.71 19.34
CA THR B 174 11.59 -33.31 20.44
C THR B 174 10.44 -32.39 20.86
N TYR B 175 9.62 -32.88 21.78
CA TYR B 175 8.50 -32.13 22.30
C TYR B 175 8.69 -31.99 23.79
N SER B 176 8.03 -31.00 24.38
CA SER B 176 8.07 -30.76 25.82
C SER B 176 6.64 -30.55 26.21
N LEU B 177 6.29 -30.94 27.44
CA LEU B 177 4.90 -30.83 27.87
C LEU B 177 4.78 -30.53 29.36
N SER B 178 3.77 -29.73 29.70
CA SER B 178 3.54 -29.40 31.10
C SER B 178 2.13 -29.84 31.47
N SER B 179 1.96 -30.29 32.70
CA SER B 179 0.66 -30.67 33.18
C SER B 179 0.50 -29.93 34.50
N THR B 180 -0.55 -29.13 34.59
CA THR B 180 -0.78 -28.34 35.80
C THR B 180 -1.99 -28.76 36.59
N LEU B 181 -1.76 -29.12 37.85
CA LEU B 181 -2.85 -29.51 38.72
C LEU B 181 -3.27 -28.22 39.42
N THR B 182 -4.55 -27.86 39.32
CA THR B 182 -5.06 -26.63 39.93
C THR B 182 -6.09 -26.88 41.02
N LEU B 183 -5.77 -26.48 42.24
CA LEU B 183 -6.65 -26.66 43.39
C LEU B 183 -6.70 -25.38 44.18
N SER B 184 -7.66 -25.31 45.10
CA SER B 184 -7.79 -24.15 45.97
C SER B 184 -6.68 -24.28 47.00
N LYS B 185 -6.29 -23.17 47.60
CA LYS B 185 -5.25 -23.22 48.62
C LYS B 185 -5.79 -24.05 49.78
N ALA B 186 -7.10 -24.10 49.90
CA ALA B 186 -7.78 -24.84 50.96
C ALA B 186 -7.66 -26.34 50.79
N ASP B 187 -7.78 -26.81 49.56
CA ASP B 187 -7.68 -28.24 49.32
C ASP B 187 -6.24 -28.71 49.29
N TYR B 188 -5.34 -27.82 48.89
CA TYR B 188 -3.93 -28.15 48.81
C TYR B 188 -3.36 -28.51 50.17
N GLU B 189 -3.71 -27.69 51.16
CA GLU B 189 -3.23 -27.88 52.53
C GLU B 189 -3.85 -29.06 53.25
N LYS B 190 -4.88 -29.65 52.65
CA LYS B 190 -5.55 -30.81 53.24
C LYS B 190 -4.89 -32.11 52.80
N HIS B 191 -3.82 -32.01 52.02
CA HIS B 191 -3.13 -33.19 51.52
C HIS B 191 -1.64 -33.06 51.70
N LYS B 192 -0.95 -34.20 51.72
CA LYS B 192 0.49 -34.20 51.93
C LYS B 192 1.32 -34.56 50.71
N VAL B 193 1.05 -35.70 50.11
CA VAL B 193 1.82 -36.14 48.96
C VAL B 193 1.17 -35.90 47.60
N TYR B 194 1.90 -35.18 46.76
CA TYR B 194 1.48 -34.85 45.41
C TYR B 194 2.46 -35.55 44.48
N ALA B 195 1.93 -36.37 43.57
CA ALA B 195 2.78 -37.11 42.66
C ALA B 195 2.39 -37.01 41.20
N CYS B 196 3.39 -37.07 40.33
CA CYS B 196 3.19 -37.02 38.90
C CYS B 196 3.75 -38.34 38.34
N GLU B 197 2.89 -39.15 37.73
CA GLU B 197 3.33 -40.42 37.15
C GLU B 197 3.33 -40.33 35.63
N VAL B 198 4.53 -40.47 35.04
CA VAL B 198 4.71 -40.35 33.59
C VAL B 198 5.00 -41.65 32.82
N THR B 199 4.17 -41.90 31.81
CA THR B 199 4.34 -43.08 30.95
C THR B 199 4.76 -42.59 29.56
N HIS B 200 5.75 -43.25 28.99
CA HIS B 200 6.22 -42.86 27.66
C HIS B 200 6.98 -44.01 27.02
N GLN B 201 6.87 -44.12 25.70
CA GLN B 201 7.53 -45.16 24.93
C GLN B 201 9.02 -45.27 25.24
N GLY B 202 9.65 -44.14 25.55
CA GLY B 202 11.07 -44.16 25.86
C GLY B 202 11.40 -44.58 27.29
N LEU B 203 10.38 -44.79 28.12
CA LEU B 203 10.61 -45.20 29.51
C LEU B 203 10.21 -46.66 29.73
N SER B 204 11.18 -47.52 30.04
CA SER B 204 10.91 -48.94 30.28
C SER B 204 9.90 -49.10 31.40
N SER B 205 9.88 -48.13 32.31
CA SER B 205 8.96 -48.14 33.42
C SER B 205 8.51 -46.70 33.73
N PRO B 206 7.28 -46.55 34.26
CA PRO B 206 6.79 -45.20 34.58
C PRO B 206 7.69 -44.46 35.57
N VAL B 207 7.86 -43.17 35.34
CA VAL B 207 8.68 -42.34 36.21
C VAL B 207 7.78 -41.46 37.05
N THR B 208 7.95 -41.52 38.36
CA THR B 208 7.11 -40.70 39.24
C THR B 208 7.89 -39.67 40.04
N LYS B 209 7.43 -38.43 39.94
CA LYS B 209 8.04 -37.34 40.67
C LYS B 209 7.02 -36.88 41.69
N SER B 210 7.48 -36.64 42.91
CA SER B 210 6.58 -36.23 43.98
C SER B 210 7.31 -35.50 45.10
N PHE B 211 6.52 -34.92 45.99
CA PHE B 211 7.04 -34.20 47.13
C PHE B 211 5.96 -34.24 48.20
N ASN B 212 6.34 -33.92 49.43
CA ASN B 212 5.39 -33.88 50.55
C ASN B 212 5.20 -32.41 50.81
N ARG B 213 3.97 -31.93 50.66
CA ARG B 213 3.69 -30.51 50.87
C ARG B 213 4.47 -30.02 52.08
N GLY B 214 5.17 -28.90 51.91
CA GLY B 214 5.96 -28.34 52.99
C GLY B 214 7.12 -29.22 53.41
N GLU C 1 0.58 -9.91 -6.85
CA GLU C 1 1.65 -8.89 -6.62
C GLU C 1 1.08 -7.74 -5.79
N VAL C 2 0.46 -8.09 -4.66
CA VAL C 2 -0.15 -7.10 -3.81
C VAL C 2 0.39 -7.11 -2.39
N GLN C 3 -0.38 -6.52 -1.48
CA GLN C 3 -0.05 -6.44 -0.08
C GLN C 3 -1.36 -6.24 0.68
N LEU C 4 -1.65 -7.11 1.63
CA LEU C 4 -2.87 -6.96 2.41
C LEU C 4 -2.46 -6.71 3.85
N VAL C 5 -2.87 -5.57 4.39
CA VAL C 5 -2.54 -5.22 5.77
C VAL C 5 -3.83 -5.06 6.56
N GLU C 6 -3.93 -5.76 7.68
CA GLU C 6 -5.12 -5.72 8.52
C GLU C 6 -4.94 -4.83 9.75
N SER C 7 -6.06 -4.44 10.37
CA SER C 7 -6.06 -3.62 11.57
C SER C 7 -5.58 -4.42 12.79
N GLY C 8 -5.40 -3.71 13.90
CA GLY C 8 -4.92 -4.32 15.13
C GLY C 8 -5.83 -5.24 15.89
N ALA C 9 -5.25 -5.93 16.87
CA ALA C 9 -5.97 -6.89 17.71
C ALA C 9 -7.17 -6.24 18.39
N GLU C 10 -8.18 -7.04 18.69
CA GLU C 10 -9.37 -6.50 19.33
C GLU C 10 -9.84 -7.35 20.51
N VAL C 11 -10.35 -6.67 21.55
CA VAL C 11 -10.91 -7.33 22.73
C VAL C 11 -12.35 -6.86 22.76
N LYS C 12 -13.29 -7.79 22.68
CA LYS C 12 -14.70 -7.44 22.65
C LYS C 12 -15.49 -8.06 23.77
N LYS C 13 -16.61 -7.43 24.10
CA LYS C 13 -17.51 -7.90 25.15
C LYS C 13 -18.59 -8.74 24.45
N PRO C 14 -19.08 -9.80 25.10
CA PRO C 14 -20.12 -10.64 24.48
C PRO C 14 -21.37 -9.84 24.09
N GLY C 15 -21.86 -10.04 22.88
CA GLY C 15 -23.05 -9.33 22.42
C GLY C 15 -22.73 -8.08 21.63
N SER C 16 -21.46 -7.70 21.60
CA SER C 16 -21.09 -6.52 20.85
C SER C 16 -20.74 -6.95 19.44
N SER C 17 -20.23 -6.02 18.64
CA SER C 17 -19.85 -6.33 17.28
C SER C 17 -18.46 -5.77 17.02
N VAL C 18 -17.79 -6.34 16.03
CA VAL C 18 -16.43 -5.93 15.68
C VAL C 18 -16.34 -5.68 14.17
N LYS C 19 -15.41 -4.82 13.78
CA LYS C 19 -15.23 -4.52 12.37
C LYS C 19 -13.73 -4.51 12.03
N VAL C 20 -13.28 -5.59 11.42
CA VAL C 20 -11.88 -5.73 11.03
C VAL C 20 -11.68 -5.14 9.63
N SER C 21 -10.57 -4.42 9.46
CA SER C 21 -10.26 -3.79 8.18
C SER C 21 -9.06 -4.44 7.53
N CYS C 22 -9.02 -4.35 6.21
CA CYS C 22 -7.96 -4.93 5.43
C CYS C 22 -7.64 -4.02 4.25
N LYS C 23 -6.48 -3.37 4.26
CA LYS C 23 -6.16 -2.49 3.14
C LYS C 23 -5.34 -3.18 2.07
N ALA C 24 -5.81 -3.06 0.82
CA ALA C 24 -5.14 -3.68 -0.31
C ALA C 24 -4.37 -2.69 -1.16
N SER C 25 -3.13 -3.03 -1.51
CA SER C 25 -2.33 -2.15 -2.34
C SER C 25 -1.50 -2.96 -3.30
N GLY C 26 -1.05 -2.30 -4.38
CA GLY C 26 -0.21 -2.98 -5.36
C GLY C 26 -0.83 -3.21 -6.73
N ASP C 27 -2.15 -3.13 -6.84
CA ASP C 27 -2.81 -3.36 -8.11
C ASP C 27 -4.24 -2.82 -8.10
N THR C 28 -4.93 -2.90 -9.24
CA THR C 28 -6.31 -2.41 -9.33
C THR C 28 -7.28 -3.16 -8.42
N PHE C 29 -7.70 -2.48 -7.36
CA PHE C 29 -8.63 -3.02 -6.36
C PHE C 29 -9.79 -3.84 -6.95
N ILE C 30 -10.62 -3.22 -7.79
CA ILE C 30 -11.77 -3.93 -8.34
C ILE C 30 -11.47 -5.16 -9.19
N ARG C 31 -10.19 -5.46 -9.42
CA ARG C 31 -9.86 -6.65 -10.18
C ARG C 31 -9.65 -7.85 -9.27
N TYR C 32 -9.95 -7.66 -7.99
CA TYR C 32 -9.79 -8.73 -7.02
C TYR C 32 -11.06 -9.02 -6.24
N SER C 33 -11.19 -10.26 -5.80
CA SER C 33 -12.31 -10.66 -4.97
C SER C 33 -11.63 -10.93 -3.64
N PHE C 34 -12.27 -10.63 -2.54
CA PHE C 34 -11.66 -10.85 -1.24
C PHE C 34 -12.46 -11.80 -0.34
N THR C 35 -11.73 -12.58 0.43
CA THR C 35 -12.33 -13.56 1.32
C THR C 35 -11.86 -13.40 2.77
N TRP C 36 -12.72 -13.79 3.71
CA TRP C 36 -12.33 -13.73 5.11
C TRP C 36 -12.34 -15.15 5.66
N VAL C 37 -11.30 -15.48 6.41
CA VAL C 37 -11.13 -16.80 7.02
C VAL C 37 -10.79 -16.63 8.51
N ARG C 38 -11.36 -17.49 9.35
CA ARG C 38 -11.11 -17.43 10.79
C ARG C 38 -10.47 -18.72 11.26
N GLN C 39 -9.64 -18.59 12.29
CA GLN C 39 -8.97 -19.73 12.85
C GLN C 39 -9.02 -19.61 14.37
N ALA C 40 -9.86 -20.41 15.00
CA ALA C 40 -9.96 -20.37 16.45
C ALA C 40 -8.64 -20.95 16.98
N PRO C 41 -8.21 -20.53 18.18
CA PRO C 41 -6.95 -21.03 18.74
C PRO C 41 -6.81 -22.55 18.75
N GLY C 42 -5.74 -23.04 18.10
CA GLY C 42 -5.49 -24.47 18.03
C GLY C 42 -6.30 -25.21 16.98
N GLN C 43 -7.15 -24.51 16.23
CA GLN C 43 -7.98 -25.15 15.21
C GLN C 43 -7.61 -24.86 13.78
N GLY C 44 -8.40 -25.39 12.85
CA GLY C 44 -8.16 -25.19 11.45
C GLY C 44 -8.77 -23.93 10.88
N LEU C 45 -8.77 -23.84 9.55
CA LEU C 45 -9.31 -22.69 8.86
C LEU C 45 -10.80 -22.84 8.64
N GLU C 46 -11.51 -21.71 8.69
CA GLU C 46 -12.95 -21.72 8.47
C GLU C 46 -13.30 -20.59 7.52
N TRP C 47 -13.93 -20.95 6.41
CA TRP C 47 -14.34 -19.98 5.39
C TRP C 47 -15.53 -19.22 5.94
N MET C 48 -15.48 -17.90 5.89
CA MET C 48 -16.56 -17.08 6.41
C MET C 48 -17.40 -16.46 5.30
N GLY C 49 -16.73 -16.01 4.23
CA GLY C 49 -17.43 -15.40 3.13
C GLY C 49 -16.48 -14.78 2.13
N ARG C 50 -17.03 -14.35 1.00
CA ARG C 50 -16.22 -13.75 -0.06
C ARG C 50 -17.00 -12.65 -0.76
N ILE C 51 -16.33 -11.54 -1.07
CA ILE C 51 -16.99 -10.43 -1.75
C ILE C 51 -16.47 -10.25 -3.18
N ILE C 52 -17.41 -10.11 -4.11
CA ILE C 52 -17.08 -9.90 -5.51
C ILE C 52 -17.06 -8.37 -5.60
N THR C 53 -15.88 -7.81 -5.33
CA THR C 53 -15.66 -6.37 -5.30
C THR C 53 -16.32 -5.53 -6.42
N ILE C 54 -16.11 -5.91 -7.67
CA ILE C 54 -16.68 -5.17 -8.81
C ILE C 54 -18.20 -5.10 -8.80
N LEU C 55 -18.84 -6.10 -8.23
CA LEU C 55 -20.30 -6.17 -8.15
C LEU C 55 -20.81 -5.73 -6.78
N ASP C 56 -19.90 -5.60 -5.83
CA ASP C 56 -20.27 -5.24 -4.46
C ASP C 56 -21.28 -6.24 -3.94
N VAL C 57 -21.08 -7.51 -4.28
CA VAL C 57 -21.96 -8.58 -3.83
C VAL C 57 -21.13 -9.54 -2.98
N ALA C 58 -21.64 -9.90 -1.80
CA ALA C 58 -20.90 -10.82 -0.94
C ALA C 58 -21.71 -12.06 -0.61
N HIS C 59 -21.02 -13.19 -0.48
CA HIS C 59 -21.68 -14.45 -0.13
C HIS C 59 -21.08 -14.93 1.18
N TYR C 60 -21.88 -15.63 1.99
CA TYR C 60 -21.40 -16.07 3.31
C TYR C 60 -21.58 -17.55 3.64
N ALA C 61 -20.86 -17.97 4.66
CA ALA C 61 -20.93 -19.34 5.18
C ALA C 61 -22.27 -19.41 5.92
N PRO C 62 -23.12 -20.38 5.57
CA PRO C 62 -24.43 -20.57 6.20
C PRO C 62 -24.55 -20.38 7.71
N HIS C 63 -23.59 -20.90 8.47
CA HIS C 63 -23.65 -20.79 9.93
C HIS C 63 -23.39 -19.40 10.53
N LEU C 64 -23.11 -18.42 9.67
CA LEU C 64 -22.89 -17.06 10.12
C LEU C 64 -24.12 -16.28 9.69
N GLN C 65 -25.27 -16.90 9.89
CA GLN C 65 -26.58 -16.38 9.53
C GLN C 65 -26.87 -14.93 9.89
N GLY C 66 -26.70 -14.04 8.92
CA GLY C 66 -26.99 -12.64 9.16
C GLY C 66 -26.20 -11.92 10.23
N ARG C 67 -25.16 -12.55 10.77
CA ARG C 67 -24.35 -11.89 11.79
C ARG C 67 -23.09 -11.30 11.14
N VAL C 68 -22.81 -11.72 9.92
CA VAL C 68 -21.61 -11.25 9.23
C VAL C 68 -21.90 -10.43 7.98
N THR C 69 -21.11 -9.37 7.79
CA THR C 69 -21.26 -8.52 6.63
C THR C 69 -19.88 -8.15 6.11
N ILE C 70 -19.65 -8.44 4.85
CA ILE C 70 -18.39 -8.12 4.21
C ILE C 70 -18.61 -6.97 3.24
N THR C 71 -17.86 -5.89 3.42
CA THR C 71 -17.99 -4.73 2.57
C THR C 71 -16.66 -4.26 2.02
N ALA C 72 -16.70 -3.51 0.94
CA ALA C 72 -15.48 -3.01 0.33
C ALA C 72 -15.62 -1.52 0.05
N ASP C 73 -14.53 -0.78 0.19
CA ASP C 73 -14.52 0.65 -0.08
C ASP C 73 -13.55 0.87 -1.23
N LYS C 74 -14.10 0.98 -2.43
CA LYS C 74 -13.29 1.18 -3.63
C LYS C 74 -12.44 2.43 -3.56
N SER C 75 -12.95 3.45 -2.89
CA SER C 75 -12.24 4.71 -2.75
C SER C 75 -10.91 4.56 -2.00
N THR C 76 -10.88 3.64 -1.03
CA THR C 76 -9.68 3.43 -0.23
C THR C 76 -9.07 2.04 -0.34
N SER C 77 -9.50 1.25 -1.31
CA SER C 77 -8.99 -0.10 -1.49
C SER C 77 -9.04 -0.83 -0.15
N THR C 78 -10.14 -0.69 0.57
CA THR C 78 -10.27 -1.35 1.87
C THR C 78 -11.47 -2.29 1.97
N VAL C 79 -11.24 -3.45 2.55
CA VAL C 79 -12.30 -4.44 2.73
C VAL C 79 -12.55 -4.54 4.23
N TYR C 80 -13.81 -4.71 4.60
CA TYR C 80 -14.18 -4.81 6.01
C TYR C 80 -14.96 -6.07 6.29
N LEU C 81 -14.84 -6.54 7.53
CA LEU C 81 -15.56 -7.71 7.96
C LEU C 81 -16.26 -7.30 9.26
N GLU C 82 -17.57 -7.52 9.31
CA GLU C 82 -18.31 -7.19 10.52
C GLU C 82 -19.00 -8.44 11.00
N LEU C 83 -18.83 -8.73 12.29
CA LEU C 83 -19.43 -9.90 12.94
C LEU C 83 -20.21 -9.36 14.12
N ARG C 84 -21.53 -9.58 14.13
CA ARG C 84 -22.38 -9.07 15.21
C ARG C 84 -22.75 -10.05 16.29
N ASN C 85 -23.24 -9.51 17.39
CA ASN C 85 -23.67 -10.29 18.53
C ASN C 85 -22.63 -11.38 18.82
N LEU C 86 -21.41 -10.94 19.11
CA LEU C 86 -20.29 -11.82 19.39
C LEU C 86 -20.49 -12.74 20.60
N ARG C 87 -19.92 -13.94 20.52
CA ARG C 87 -19.98 -14.92 21.60
C ARG C 87 -18.53 -15.27 21.89
N SER C 88 -18.25 -15.74 23.10
CA SER C 88 -16.87 -16.06 23.45
C SER C 88 -16.24 -17.01 22.45
N ASP C 89 -17.02 -17.92 21.89
CA ASP C 89 -16.46 -18.86 20.93
C ASP C 89 -16.27 -18.27 19.52
N ASP C 90 -16.32 -16.94 19.42
CA ASP C 90 -16.08 -16.25 18.15
C ASP C 90 -14.61 -15.85 18.19
N THR C 91 -14.00 -16.06 19.34
CA THR C 91 -12.61 -15.75 19.57
C THR C 91 -11.72 -16.48 18.57
N ALA C 92 -10.79 -15.75 17.97
CA ALA C 92 -9.92 -16.35 16.98
C ALA C 92 -9.18 -15.30 16.20
N VAL C 93 -8.35 -15.79 15.30
CA VAL C 93 -7.57 -14.96 14.42
C VAL C 93 -8.34 -14.92 13.11
N TYR C 94 -8.55 -13.70 12.60
CA TYR C 94 -9.29 -13.50 11.37
C TYR C 94 -8.36 -13.09 10.24
N PHE C 95 -8.42 -13.83 9.14
CA PHE C 95 -7.57 -13.52 8.00
C PHE C 95 -8.36 -13.01 6.84
N CYS C 96 -7.77 -12.02 6.20
CA CYS C 96 -8.30 -11.40 5.02
C CYS C 96 -7.43 -11.99 3.93
N ALA C 97 -8.01 -12.29 2.77
CA ALA C 97 -7.25 -12.85 1.67
C ALA C 97 -7.86 -12.42 0.35
N GLY C 98 -7.14 -12.62 -0.74
CA GLY C 98 -7.68 -12.23 -2.03
C GLY C 98 -7.02 -12.90 -3.21
N VAL C 99 -7.62 -12.74 -4.38
CA VAL C 99 -7.08 -13.34 -5.60
C VAL C 99 -7.48 -12.51 -6.80
N TYR C 100 -6.63 -12.49 -7.82
CA TYR C 100 -6.88 -11.75 -9.05
C TYR C 100 -8.00 -12.41 -9.86
N GLU C 101 -8.92 -11.60 -10.37
CA GLU C 101 -10.04 -12.14 -11.15
C GLU C 101 -9.96 -11.82 -12.63
N GLY C 102 -9.06 -10.92 -12.99
CA GLY C 102 -8.94 -10.54 -14.38
C GLY C 102 -9.44 -9.12 -14.59
N GLU C 103 -9.66 -8.75 -15.85
CA GLU C 103 -10.11 -7.40 -16.21
C GLU C 103 -11.58 -7.18 -15.91
N ALA C 104 -11.90 -7.13 -14.62
CA ALA C 104 -13.26 -6.94 -14.16
C ALA C 104 -13.86 -5.65 -14.69
N ASP C 105 -13.07 -4.58 -14.74
CA ASP C 105 -13.51 -3.29 -15.23
C ASP C 105 -13.85 -3.34 -16.72
N GLU C 106 -13.46 -4.43 -17.37
CA GLU C 106 -13.77 -4.57 -18.79
C GLU C 106 -14.82 -5.65 -19.01
N GLY C 107 -15.36 -6.17 -17.91
CA GLY C 107 -16.38 -7.19 -18.01
C GLY C 107 -15.93 -8.64 -17.91
N GLU C 108 -14.61 -8.86 -17.76
CA GLU C 108 -14.07 -10.21 -17.63
C GLU C 108 -13.95 -10.62 -16.18
N TYR C 109 -14.25 -11.88 -15.88
CA TYR C 109 -14.17 -12.35 -14.50
C TYR C 109 -13.97 -13.86 -14.38
N ASP C 110 -12.88 -14.28 -13.74
CA ASP C 110 -12.58 -15.71 -13.56
C ASP C 110 -13.42 -16.31 -12.44
N ASN C 111 -13.75 -15.49 -11.44
CA ASN C 111 -14.51 -15.91 -10.27
C ASN C 111 -13.74 -17.04 -9.56
N ASN C 112 -12.49 -16.75 -9.22
CA ASN C 112 -11.62 -17.70 -8.54
C ASN C 112 -11.95 -17.82 -7.06
N GLY C 113 -12.02 -19.07 -6.59
CA GLY C 113 -12.34 -19.35 -5.20
C GLY C 113 -11.16 -19.65 -4.30
N PHE C 114 -9.95 -19.76 -4.87
CA PHE C 114 -8.77 -20.02 -4.05
C PHE C 114 -8.20 -18.69 -3.55
N LEU C 115 -7.26 -18.77 -2.61
CA LEU C 115 -6.69 -17.56 -2.00
C LEU C 115 -5.19 -17.44 -2.12
N LYS C 116 -4.75 -16.50 -2.96
CA LYS C 116 -3.34 -16.28 -3.20
C LYS C 116 -2.66 -15.28 -2.25
N HIS C 117 -3.29 -14.12 -2.07
CA HIS C 117 -2.70 -13.10 -1.21
C HIS C 117 -3.40 -13.09 0.15
N TRP C 118 -2.60 -13.05 1.21
CA TRP C 118 -3.09 -13.08 2.58
C TRP C 118 -2.66 -11.94 3.50
N GLY C 119 -3.60 -11.47 4.32
CA GLY C 119 -3.28 -10.44 5.29
C GLY C 119 -2.46 -11.13 6.36
N GLN C 120 -2.10 -10.40 7.41
CA GLN C 120 -1.29 -11.01 8.46
C GLN C 120 -2.17 -11.61 9.54
N GLY C 121 -3.45 -11.27 9.49
CA GLY C 121 -4.37 -11.77 10.50
C GLY C 121 -4.60 -10.76 11.61
N THR C 122 -5.78 -10.85 12.21
CA THR C 122 -6.16 -9.99 13.31
C THR C 122 -6.76 -10.88 14.37
N LEU C 123 -6.25 -10.79 15.60
CA LEU C 123 -6.82 -11.58 16.69
C LEU C 123 -7.96 -10.81 17.33
N VAL C 124 -9.09 -11.50 17.50
CA VAL C 124 -10.25 -10.92 18.14
C VAL C 124 -10.58 -11.81 19.32
N THR C 125 -10.59 -11.23 20.51
CA THR C 125 -10.89 -11.99 21.72
C THR C 125 -12.23 -11.52 22.23
N VAL C 126 -13.16 -12.45 22.38
CA VAL C 126 -14.48 -12.11 22.88
C VAL C 126 -14.60 -12.74 24.24
N SER C 127 -14.76 -11.89 25.25
CA SER C 127 -14.86 -12.36 26.62
C SER C 127 -15.41 -11.27 27.54
N SER C 128 -16.03 -11.69 28.63
CA SER C 128 -16.58 -10.73 29.58
C SER C 128 -15.46 -10.26 30.51
N ALA C 129 -14.28 -10.88 30.41
CA ALA C 129 -13.15 -10.50 31.24
C ALA C 129 -12.63 -9.11 30.89
N SER C 130 -12.04 -8.45 31.87
CA SER C 130 -11.47 -7.14 31.67
C SER C 130 -9.96 -7.37 31.65
N THR C 131 -9.24 -6.53 30.92
CA THR C 131 -7.80 -6.68 30.80
C THR C 131 -7.05 -6.71 32.11
N LYS C 132 -6.07 -7.59 32.23
CA LYS C 132 -5.28 -7.66 33.45
C LYS C 132 -3.96 -8.38 33.31
N GLY C 133 -2.94 -7.80 33.93
CA GLY C 133 -1.61 -8.35 33.88
C GLY C 133 -1.50 -9.66 34.62
N PRO C 134 -0.52 -10.50 34.25
CA PRO C 134 -0.37 -11.79 34.92
C PRO C 134 0.34 -11.66 36.24
N SER C 135 0.18 -12.67 37.09
CA SER C 135 0.91 -12.70 38.35
C SER C 135 2.05 -13.64 37.96
N VAL C 136 3.26 -13.35 38.40
CA VAL C 136 4.39 -14.19 38.02
C VAL C 136 4.96 -14.94 39.20
N PHE C 137 4.80 -16.26 39.21
CA PHE C 137 5.29 -17.09 40.30
C PHE C 137 6.54 -17.89 39.95
N PRO C 138 7.50 -17.97 40.88
CA PRO C 138 8.73 -18.72 40.66
C PRO C 138 8.51 -20.23 40.76
N LEU C 139 9.16 -20.98 39.87
CA LEU C 139 9.10 -22.44 39.86
C LEU C 139 10.54 -22.82 40.19
N ALA C 140 10.83 -22.92 41.48
CA ALA C 140 12.18 -23.22 41.95
C ALA C 140 12.73 -24.62 41.72
N PRO C 141 14.05 -24.70 41.48
CA PRO C 141 14.74 -25.97 41.23
C PRO C 141 14.77 -26.69 42.58
N SER C 142 14.61 -28.00 42.58
CA SER C 142 14.61 -28.77 43.82
C SER C 142 14.95 -30.22 43.56
N SER C 143 13.95 -31.00 43.14
CA SER C 143 14.15 -32.41 42.84
C SER C 143 15.14 -32.45 41.68
N LYS C 144 14.61 -32.21 40.48
CA LYS C 144 15.40 -32.19 39.24
C LYS C 144 16.41 -33.34 39.16
N SER C 145 17.36 -33.22 38.23
CA SER C 145 18.37 -34.24 38.07
C SER C 145 19.14 -34.43 39.38
N THR C 146 18.71 -35.42 40.16
CA THR C 146 19.28 -35.76 41.46
C THR C 146 20.68 -35.22 41.75
N SER C 147 20.89 -34.83 43.01
CA SER C 147 22.17 -34.31 43.49
C SER C 147 22.72 -33.14 42.67
N GLY C 148 21.96 -32.72 41.67
CA GLY C 148 22.42 -31.62 40.84
C GLY C 148 22.81 -32.04 39.44
N GLY C 149 23.74 -31.29 38.85
CA GLY C 149 24.17 -31.57 37.51
C GLY C 149 23.33 -30.70 36.61
N THR C 150 22.08 -31.08 36.43
CA THR C 150 21.12 -30.34 35.63
C THR C 150 19.89 -30.01 36.44
N ALA C 151 19.58 -28.73 36.54
CA ALA C 151 18.40 -28.28 37.29
C ALA C 151 17.38 -27.66 36.37
N ALA C 152 16.10 -27.86 36.67
CA ALA C 152 15.04 -27.28 35.86
C ALA C 152 14.38 -26.19 36.68
N LEU C 153 14.10 -25.07 36.05
CA LEU C 153 13.42 -23.99 36.75
C LEU C 153 12.49 -23.26 35.81
N GLY C 154 11.62 -22.44 36.36
CA GLY C 154 10.70 -21.73 35.51
C GLY C 154 9.85 -20.70 36.22
N CYS C 155 8.89 -20.20 35.46
CA CYS C 155 7.95 -19.21 35.95
C CYS C 155 6.54 -19.57 35.53
N LEU C 156 5.62 -19.36 36.46
CA LEU C 156 4.22 -19.61 36.22
C LEU C 156 3.58 -18.24 36.01
N VAL C 157 3.19 -17.97 34.77
CA VAL C 157 2.54 -16.70 34.41
C VAL C 157 1.06 -16.96 34.50
N LYS C 158 0.47 -16.62 35.64
CA LYS C 158 -0.94 -16.93 35.86
C LYS C 158 -1.98 -15.82 35.82
N ASP C 159 -3.19 -16.23 35.43
CA ASP C 159 -4.38 -15.38 35.33
C ASP C 159 -4.23 -14.02 34.66
N TYR C 160 -3.95 -14.04 33.36
CA TYR C 160 -3.82 -12.82 32.60
C TYR C 160 -4.90 -12.75 31.51
N PHE C 161 -5.12 -11.55 30.98
CA PHE C 161 -6.10 -11.35 29.92
C PHE C 161 -5.83 -10.04 29.20
N PRO C 162 -5.79 -10.06 27.85
CA PRO C 162 -5.98 -11.23 27.00
C PRO C 162 -4.64 -11.72 26.49
N GLU C 163 -4.70 -12.58 25.49
CA GLU C 163 -3.49 -13.06 24.84
C GLU C 163 -3.05 -11.83 24.03
N PRO C 164 -1.76 -11.71 23.71
CA PRO C 164 -0.66 -12.64 24.04
C PRO C 164 0.23 -12.15 25.18
N VAL C 165 1.23 -12.96 25.50
CA VAL C 165 2.18 -12.62 26.53
C VAL C 165 3.55 -13.10 26.04
N THR C 166 4.58 -12.32 26.34
CA THR C 166 5.93 -12.65 25.94
C THR C 166 6.78 -13.00 27.15
N VAL C 167 7.46 -14.15 27.09
CA VAL C 167 8.33 -14.57 28.17
C VAL C 167 9.75 -14.70 27.65
N SER C 168 10.70 -14.29 28.46
CA SER C 168 12.09 -14.34 28.09
C SER C 168 12.88 -14.68 29.34
N TRP C 169 14.11 -15.13 29.16
CA TRP C 169 14.98 -15.47 30.29
C TRP C 169 16.25 -14.64 30.21
N ASN C 170 16.54 -13.92 31.29
CA ASN C 170 17.72 -13.07 31.36
C ASN C 170 17.74 -12.12 30.17
N SER C 171 16.64 -11.41 29.98
CA SER C 171 16.50 -10.43 28.90
C SER C 171 16.78 -11.00 27.53
N GLY C 172 16.69 -12.32 27.38
CA GLY C 172 16.95 -12.93 26.10
C GLY C 172 18.35 -13.51 25.91
N ALA C 173 19.17 -13.46 26.95
CA ALA C 173 20.52 -14.02 26.84
C ALA C 173 20.45 -15.52 26.99
N LEU C 174 19.44 -15.97 27.71
CA LEU C 174 19.25 -17.40 27.91
C LEU C 174 18.10 -17.88 27.04
N THR C 175 18.42 -18.66 26.01
CA THR C 175 17.41 -19.20 25.11
C THR C 175 17.57 -20.71 24.92
N SER C 176 18.78 -21.23 25.07
CA SER C 176 19.01 -22.67 24.94
C SER C 176 18.30 -23.41 26.05
N GLY C 177 17.57 -24.46 25.68
CA GLY C 177 16.87 -25.24 26.67
C GLY C 177 15.61 -24.60 27.23
N VAL C 178 15.26 -23.40 26.76
CA VAL C 178 14.04 -22.75 27.26
C VAL C 178 12.81 -23.25 26.51
N HIS C 179 11.75 -23.49 27.27
CA HIS C 179 10.47 -23.94 26.70
C HIS C 179 9.37 -23.10 27.28
N THR C 180 8.68 -22.34 26.42
CA THR C 180 7.58 -21.53 26.87
C THR C 180 6.31 -22.19 26.34
N PHE C 181 5.50 -22.72 27.22
CA PHE C 181 4.29 -23.40 26.79
C PHE C 181 3.14 -22.52 26.35
N PRO C 182 2.38 -22.98 25.35
CA PRO C 182 1.21 -22.26 24.82
C PRO C 182 0.23 -22.08 26.00
N ALA C 183 -0.36 -20.90 26.10
CA ALA C 183 -1.30 -20.65 27.19
C ALA C 183 -2.53 -21.57 27.10
N VAL C 184 -3.17 -21.73 28.26
CA VAL C 184 -4.38 -22.52 28.39
C VAL C 184 -5.44 -21.56 28.97
N LEU C 185 -6.63 -21.55 28.39
CA LEU C 185 -7.69 -20.69 28.90
C LEU C 185 -8.39 -21.43 30.03
N GLN C 186 -8.42 -20.82 31.21
CA GLN C 186 -9.03 -21.44 32.38
C GLN C 186 -10.52 -21.13 32.52
N SER C 187 -11.16 -21.90 33.41
CA SER C 187 -12.59 -21.77 33.72
C SER C 187 -12.95 -20.35 34.10
N SER C 188 -12.04 -19.68 34.79
CA SER C 188 -12.24 -18.31 35.24
C SER C 188 -12.38 -17.35 34.04
N GLY C 189 -11.84 -17.75 32.90
CA GLY C 189 -11.90 -16.90 31.72
C GLY C 189 -10.56 -16.21 31.49
N LEU C 190 -9.58 -16.53 32.32
CA LEU C 190 -8.25 -15.93 32.19
C LEU C 190 -7.25 -16.98 31.72
N TYR C 191 -6.16 -16.52 31.11
CA TYR C 191 -5.12 -17.43 30.61
C TYR C 191 -3.99 -17.69 31.62
N SER C 192 -3.26 -18.77 31.39
CA SER C 192 -2.12 -19.15 32.22
C SER C 192 -1.19 -20.00 31.37
N LEU C 193 0.09 -19.99 31.75
CA LEU C 193 1.09 -20.77 31.05
C LEU C 193 2.31 -20.80 31.93
N SER C 194 3.28 -21.63 31.55
CA SER C 194 4.52 -21.76 32.28
C SER C 194 5.66 -21.68 31.31
N SER C 195 6.80 -21.20 31.81
CA SER C 195 8.00 -21.09 31.01
C SER C 195 9.09 -21.75 31.86
N VAL C 196 9.81 -22.70 31.29
CA VAL C 196 10.86 -23.38 32.04
C VAL C 196 12.15 -23.45 31.26
N VAL C 197 13.25 -23.69 31.98
CA VAL C 197 14.56 -23.81 31.36
C VAL C 197 15.45 -24.75 32.18
N THR C 198 16.35 -25.46 31.49
CA THR C 198 17.28 -26.38 32.12
C THR C 198 18.63 -25.69 32.21
N VAL C 199 19.20 -25.63 33.41
CA VAL C 199 20.50 -24.99 33.64
C VAL C 199 21.41 -25.92 34.46
N PRO C 200 22.74 -25.73 34.35
CA PRO C 200 23.62 -26.61 35.13
C PRO C 200 23.45 -26.30 36.62
N SER C 201 23.38 -27.35 37.43
CA SER C 201 23.18 -27.20 38.86
C SER C 201 24.29 -26.39 39.53
N SER C 202 25.50 -26.52 38.99
CA SER C 202 26.67 -25.81 39.50
C SER C 202 26.53 -24.30 39.35
N SER C 203 25.76 -23.88 38.34
CA SER C 203 25.54 -22.46 38.05
C SER C 203 24.81 -21.67 39.12
N LEU C 204 23.88 -22.32 39.81
CA LEU C 204 23.12 -21.68 40.86
C LEU C 204 24.10 -21.21 41.93
N GLY C 205 23.75 -20.15 42.66
CA GLY C 205 24.65 -19.68 43.70
C GLY C 205 25.52 -18.54 43.22
N THR C 206 26.08 -18.68 42.02
CA THR C 206 26.92 -17.64 41.45
C THR C 206 26.18 -16.87 40.35
N GLN C 207 25.31 -17.58 39.63
CA GLN C 207 24.56 -16.95 38.55
C GLN C 207 23.08 -16.81 38.89
N THR C 208 22.48 -15.76 38.33
CA THR C 208 21.07 -15.46 38.54
C THR C 208 20.23 -15.83 37.32
N TYR C 209 19.02 -16.31 37.55
CA TYR C 209 18.13 -16.67 36.45
C TYR C 209 16.83 -15.88 36.59
N ILE C 210 16.59 -14.99 35.62
CA ILE C 210 15.41 -14.12 35.63
C ILE C 210 14.42 -14.34 34.50
N CYS C 211 13.15 -14.49 34.81
CA CYS C 211 12.18 -14.62 33.73
C CYS C 211 11.54 -13.25 33.55
N ASN C 212 11.61 -12.71 32.33
CA ASN C 212 11.04 -11.40 32.03
C ASN C 212 9.71 -11.66 31.37
N VAL C 213 8.65 -11.10 31.93
CA VAL C 213 7.31 -11.30 31.42
C VAL C 213 6.66 -10.00 30.98
N ASN C 214 6.44 -9.85 29.66
CA ASN C 214 5.83 -8.67 29.10
C ASN C 214 4.42 -8.94 28.55
N HIS C 215 3.47 -8.17 29.04
CA HIS C 215 2.08 -8.29 28.63
C HIS C 215 1.66 -6.88 28.21
N LYS C 216 1.78 -6.59 26.91
CA LYS C 216 1.45 -5.28 26.38
C LYS C 216 0.02 -4.81 26.59
N PRO C 217 -0.98 -5.69 26.43
CA PRO C 217 -2.35 -5.23 26.65
C PRO C 217 -2.54 -4.50 27.98
N SER C 218 -1.85 -4.95 29.02
CA SER C 218 -1.97 -4.30 30.33
C SER C 218 -0.76 -3.43 30.68
N ASN C 219 0.09 -3.18 29.69
CA ASN C 219 1.32 -2.40 29.88
C ASN C 219 2.10 -2.83 31.11
N THR C 220 2.15 -4.13 31.35
CA THR C 220 2.89 -4.63 32.49
C THR C 220 4.17 -5.30 32.05
N LYS C 221 5.25 -5.00 32.78
CA LYS C 221 6.56 -5.59 32.53
C LYS C 221 7.06 -6.07 33.90
N VAL C 222 7.14 -7.37 34.08
CA VAL C 222 7.57 -7.96 35.34
C VAL C 222 8.75 -8.92 35.25
N ASP C 223 9.78 -8.67 36.05
CA ASP C 223 10.94 -9.56 36.10
C ASP C 223 10.74 -10.44 37.33
N LYS C 224 11.18 -11.68 37.26
CA LYS C 224 11.04 -12.57 38.39
C LYS C 224 12.28 -13.44 38.59
N LYS C 225 12.97 -13.23 39.70
CA LYS C 225 14.16 -13.99 40.02
C LYS C 225 13.74 -15.37 40.53
N VAL C 226 14.30 -16.40 39.94
CA VAL C 226 14.00 -17.77 40.34
C VAL C 226 15.20 -18.31 41.11
N GLU C 227 15.09 -18.29 42.44
CA GLU C 227 16.14 -18.76 43.34
C GLU C 227 15.90 -20.18 43.82
N PRO C 228 16.99 -20.90 44.16
CA PRO C 228 16.92 -22.27 44.64
C PRO C 228 16.39 -22.35 46.07
N LYS C 229 17.12 -21.76 47.01
CA LYS C 229 16.74 -21.78 48.42
C LYS C 229 15.26 -21.45 48.58
CA MPT D 1 -34.06 0.88 -18.27
C MPT D 1 -34.02 1.79 -17.07
O MPT D 1 -35.07 2.28 -16.62
CB MPT D 1 -33.13 1.33 -19.36
SG MPT D 1 -33.26 3.08 -19.86
N ASN D 2 -32.83 2.00 -16.54
CA ASN D 2 -32.67 2.89 -15.40
C ASN D 2 -32.61 4.28 -16.02
N LEU D 3 -33.72 4.69 -16.62
CA LEU D 3 -33.83 5.97 -17.33
C LEU D 3 -33.26 7.19 -16.61
N HIS D 4 -33.38 7.25 -15.29
CA HIS D 4 -32.86 8.40 -14.57
C HIS D 4 -31.34 8.50 -14.70
N PHE D 5 -30.66 7.41 -14.40
CA PHE D 5 -29.21 7.38 -14.48
C PHE D 5 -28.73 7.42 -15.94
N CYS D 6 -29.61 7.01 -16.84
CA CYS D 6 -29.31 7.00 -18.26
C CYS D 6 -29.25 8.42 -18.79
N GLN D 7 -30.26 9.21 -18.46
CA GLN D 7 -30.33 10.60 -18.89
C GLN D 7 -29.15 11.38 -18.32
N LEU D 8 -28.95 11.22 -17.02
CA LEU D 8 -27.87 11.92 -16.33
C LEU D 8 -26.51 11.66 -16.98
N ARG D 9 -26.18 10.38 -17.20
CA ARG D 9 -24.90 10.04 -17.82
C ARG D 9 -24.81 10.53 -19.26
N CYS D 10 -25.86 10.33 -20.05
CA CYS D 10 -25.83 10.78 -21.45
C CYS D 10 -25.72 12.31 -21.52
N LYS D 11 -26.52 12.99 -20.69
CA LYS D 11 -26.57 14.45 -20.64
C LYS D 11 -25.22 15.07 -20.32
N SER D 12 -24.48 14.44 -19.41
CA SER D 12 -23.17 14.93 -19.03
C SER D 12 -22.23 14.86 -20.22
N LEU D 13 -22.69 14.20 -21.29
CA LEU D 13 -21.90 14.06 -22.50
C LEU D 13 -22.54 14.86 -23.63
N GLY D 14 -23.41 15.80 -23.26
CA GLY D 14 -24.10 16.64 -24.23
C GLY D 14 -25.04 15.89 -25.14
N LEU D 15 -25.70 14.86 -24.59
CA LEU D 15 -26.63 14.06 -25.37
C LEU D 15 -27.88 13.76 -24.56
N LEU D 16 -28.90 13.25 -25.23
CA LEU D 16 -30.14 12.89 -24.57
C LEU D 16 -30.11 11.40 -24.27
N GLY D 17 -30.78 11.00 -23.20
CA GLY D 17 -30.81 9.60 -22.84
C GLY D 17 -32.20 9.01 -22.99
N LYS D 18 -32.24 7.72 -23.31
CA LYS D 18 -33.51 7.03 -23.45
C LYS D 18 -33.29 5.53 -23.43
N CYS D 19 -34.35 4.80 -23.12
CA CYS D 19 -34.26 3.35 -23.06
C CYS D 19 -34.42 2.70 -24.42
N ALA D 20 -33.60 1.68 -24.67
CA ALA D 20 -33.64 0.91 -25.91
C ALA D 20 -33.91 -0.48 -25.34
N GLY D 21 -35.17 -0.76 -25.08
CA GLY D 21 -35.53 -2.03 -24.48
C GLY D 21 -35.13 -1.89 -23.02
N SER D 22 -34.27 -2.77 -22.54
CA SER D 22 -33.85 -2.70 -21.14
C SER D 22 -32.49 -2.03 -21.05
N PHE D 23 -31.99 -1.52 -22.17
CA PHE D 23 -30.69 -0.87 -22.19
C PHE D 23 -30.81 0.63 -22.30
N CYS D 24 -29.72 1.31 -21.95
CA CYS D 24 -29.65 2.76 -22.03
C CYS D 24 -29.00 3.14 -23.35
N ALA D 25 -29.56 4.13 -24.03
CA ALA D 25 -29.00 4.60 -25.29
C ALA D 25 -28.93 6.12 -25.25
N CYS D 26 -27.88 6.68 -25.84
CA CYS D 26 -27.69 8.12 -25.86
C CYS D 26 -27.98 8.63 -27.27
N VLM D 27 -28.93 9.54 -27.39
CA VLM D 27 -29.28 10.09 -28.70
C VLM D 27 -28.70 11.48 -28.87
O VLM D 27 -28.73 12.26 -27.89
CB VLM D 27 -30.81 10.18 -28.88
CG1 VLM D 27 -31.14 10.54 -30.32
CG2 VLM D 27 -31.45 8.86 -28.49
NT VLM D 27 -28.23 11.78 -29.99
N GLU E 5 91.30 26.31 -23.93
CA GLU E 5 90.18 27.25 -23.67
C GLU E 5 88.87 26.47 -23.52
N VAL E 6 88.09 26.82 -22.51
CA VAL E 6 86.83 26.16 -22.23
C VAL E 6 85.81 26.39 -23.36
N LYS E 7 84.82 25.49 -23.45
CA LYS E 7 83.81 25.59 -24.50
C LYS E 7 82.39 25.74 -23.96
N LEU E 8 81.63 26.62 -24.62
CA LEU E 8 80.25 26.87 -24.23
C LEU E 8 79.38 25.71 -24.68
N GLU E 9 78.37 25.40 -23.90
CA GLU E 9 77.47 24.31 -24.24
C GLU E 9 76.10 24.55 -23.62
N ASN E 10 75.04 24.15 -24.34
CA ASN E 10 73.67 24.28 -23.82
C ASN E 10 73.54 23.18 -22.79
N VAL E 11 72.72 23.38 -21.76
CA VAL E 11 72.53 22.36 -20.76
C VAL E 11 71.39 21.43 -21.18
N THR E 12 71.75 20.18 -21.50
CA THR E 12 70.77 19.19 -21.92
C THR E 12 70.12 18.48 -20.73
N GLU E 13 68.91 17.98 -20.94
CA GLU E 13 68.18 17.28 -19.89
C GLU E 13 67.27 16.19 -20.42
N ASN E 14 67.08 15.15 -19.62
CA ASN E 14 66.19 14.05 -19.96
C ASN E 14 64.88 14.28 -19.23
N PHE E 15 63.79 14.27 -19.97
CA PHE E 15 62.48 14.46 -19.36
C PHE E 15 61.72 13.14 -19.36
N ASN E 16 60.67 13.07 -18.56
CA ASN E 16 59.82 11.90 -18.53
C ASN E 16 58.49 12.32 -17.94
N MET E 17 57.59 12.70 -18.83
CA MET E 17 56.26 13.16 -18.46
C MET E 17 55.47 12.13 -17.65
N TRP E 18 55.86 10.86 -17.72
CA TRP E 18 55.15 9.84 -16.98
C TRP E 18 55.73 9.69 -15.57
N LYS E 19 56.91 10.25 -15.37
CA LYS E 19 57.57 10.20 -14.08
C LYS E 19 57.89 11.64 -13.70
N ASN E 20 56.87 12.49 -13.67
CA ASN E 20 57.05 13.90 -13.33
C ASN E 20 56.29 14.25 -12.04
N ASN E 21 57.04 14.60 -11.00
CA ASN E 21 56.43 14.94 -9.72
C ASN E 21 55.47 16.14 -9.75
N MET E 22 55.56 16.97 -10.78
CA MET E 22 54.66 18.12 -10.88
C MET E 22 53.21 17.66 -11.04
N VAL E 23 53.04 16.56 -11.79
CA VAL E 23 51.71 16.00 -12.01
C VAL E 23 51.14 15.58 -10.67
N GLU E 24 51.98 14.97 -9.85
CA GLU E 24 51.59 14.51 -8.52
C GLU E 24 51.17 15.69 -7.66
N GLN E 25 51.92 16.78 -7.79
CA GLN E 25 51.63 17.99 -7.03
C GLN E 25 50.32 18.64 -7.47
N MET E 26 50.11 18.71 -8.77
CA MET E 26 48.89 19.30 -9.30
C MET E 26 47.67 18.47 -8.88
N HIS E 27 47.82 17.15 -8.89
CA HIS E 27 46.74 16.25 -8.50
C HIS E 27 46.30 16.56 -7.08
N GLU E 28 47.26 16.68 -6.17
CA GLU E 28 46.93 16.98 -4.79
C GLU E 28 46.42 18.40 -4.64
N ASP E 29 46.81 19.27 -5.57
CA ASP E 29 46.36 20.66 -5.53
C ASP E 29 44.90 20.79 -5.98
N ILE E 30 44.53 20.10 -7.05
CA ILE E 30 43.17 20.18 -7.55
C ILE E 30 42.21 19.54 -6.55
N ILE E 31 42.67 18.49 -5.89
CA ILE E 31 41.86 17.80 -4.90
C ILE E 31 41.62 18.73 -3.69
N SER E 32 42.68 19.34 -3.17
CA SER E 32 42.55 20.25 -2.04
C SER E 32 41.58 21.38 -2.38
N LEU E 33 41.67 21.88 -3.61
CA LEU E 33 40.78 22.95 -4.06
C LEU E 33 39.32 22.49 -4.04
N TRP E 34 39.05 21.33 -4.64
CA TRP E 34 37.68 20.82 -4.65
C TRP E 34 37.23 20.60 -3.22
N ASP E 35 38.15 20.12 -2.40
CA ASP E 35 37.87 19.83 -1.00
C ASP E 35 37.51 21.07 -0.20
N GLN E 36 37.57 22.24 -0.83
CA GLN E 36 37.25 23.47 -0.13
C GLN E 36 36.29 24.41 -0.86
N SER E 37 36.11 24.18 -2.17
CA SER E 37 35.19 25.02 -2.94
C SER E 37 34.18 24.21 -3.72
N LEU E 38 34.12 22.91 -3.42
CA LEU E 38 33.19 22.01 -4.07
C LEU E 38 32.85 20.85 -3.15
N LYS E 39 32.45 21.18 -1.94
CA LYS E 39 32.09 20.18 -0.94
C LYS E 39 30.76 19.49 -1.28
N PRO E 40 30.68 18.17 -1.08
CA PRO E 40 29.43 17.45 -1.38
C PRO E 40 28.51 17.61 -0.17
N CYS E 41 27.21 17.46 -0.35
CA CYS E 41 26.28 17.57 0.77
C CYS E 41 26.43 16.35 1.66
N VAL E 42 26.76 15.23 1.03
CA VAL E 42 26.96 13.98 1.76
C VAL E 42 28.03 13.23 0.99
N LYS E 43 28.90 12.56 1.73
CA LYS E 43 29.99 11.82 1.13
C LYS E 43 30.12 10.45 1.80
N LEU E 44 30.30 9.43 0.97
CA LEU E 44 30.43 8.05 1.46
C LEU E 44 31.75 7.42 1.00
N THR E 45 32.53 6.96 1.97
CA THR E 45 33.81 6.34 1.69
C THR E 45 34.07 5.13 2.55
N PRO E 46 34.88 4.18 2.07
CA PRO E 46 35.21 2.97 2.82
C PRO E 46 36.13 3.30 3.98
N LEU E 47 35.73 2.93 5.20
CA LEU E 47 36.56 3.18 6.38
C LEU E 47 37.03 1.81 6.88
N CYS E 48 38.31 1.53 6.67
CA CYS E 48 38.86 0.23 7.08
C CYS E 48 39.86 0.29 8.24
N VAL E 49 40.15 -0.89 8.79
CA VAL E 49 41.11 -1.04 9.88
C VAL E 49 42.17 -2.03 9.41
N GLY E 50 43.16 -2.27 10.26
CA GLY E 50 44.23 -3.18 9.92
C GLY E 50 43.79 -4.61 9.64
N ALA E 51 42.89 -5.13 10.48
CA ALA E 51 42.37 -6.49 10.34
C ALA E 51 41.77 -6.80 8.97
N GLY E 52 41.24 -5.78 8.31
CA GLY E 52 40.64 -5.97 7.00
C GLY E 52 39.18 -5.59 6.92
N SER E 53 38.50 -5.56 8.06
CA SER E 53 37.08 -5.21 8.07
C SER E 53 36.86 -3.71 7.82
N CYS E 54 35.93 -3.40 6.91
CA CYS E 54 35.62 -2.01 6.58
C CYS E 54 34.16 -1.67 6.82
N ASN E 55 33.89 -0.40 6.98
CA ASN E 55 32.53 0.11 7.15
C ASN E 55 32.44 1.31 6.23
N THR E 56 31.27 1.94 6.18
CA THR E 56 31.09 3.09 5.32
C THR E 56 31.11 4.36 6.13
N SER E 57 32.04 5.26 5.79
CA SER E 57 32.13 6.53 6.48
C SER E 57 31.14 7.50 5.82
N VAL E 58 30.34 8.16 6.64
CA VAL E 58 29.36 9.13 6.13
C VAL E 58 29.71 10.52 6.63
N ILE E 59 29.89 11.45 5.70
CA ILE E 59 30.22 12.82 6.04
C ILE E 59 29.18 13.79 5.50
N THR E 60 28.64 14.61 6.39
CA THR E 60 27.63 15.59 5.99
C THR E 60 28.15 16.99 6.26
N GLN E 61 28.17 17.82 5.23
CA GLN E 61 28.65 19.19 5.40
C GLN E 61 27.97 20.19 4.48
N ALA E 62 28.04 21.46 4.86
CA ALA E 62 27.45 22.53 4.08
C ALA E 62 27.96 22.42 2.66
N CYS E 63 27.04 22.41 1.69
CA CYS E 63 27.40 22.30 0.30
C CYS E 63 26.93 23.52 -0.50
N PRO E 64 27.50 24.69 -0.20
CA PRO E 64 27.14 25.94 -0.88
C PRO E 64 27.18 25.84 -2.40
N LYS E 65 26.08 26.25 -3.04
CA LYS E 65 25.99 26.23 -4.49
C LYS E 65 26.68 27.48 -5.02
N VAL E 66 27.91 27.31 -5.48
CA VAL E 66 28.66 28.43 -6.04
C VAL E 66 28.85 28.20 -7.53
N SER E 67 28.62 29.24 -8.32
CA SER E 67 28.75 29.17 -9.77
C SER E 67 30.22 29.27 -10.20
N PHE E 68 30.98 28.20 -9.97
CA PHE E 68 32.40 28.15 -10.31
C PHE E 68 32.74 28.47 -11.76
N GLU E 69 33.43 29.59 -11.95
CA GLU E 69 33.87 30.07 -13.27
C GLU E 69 35.37 29.77 -13.34
N PRO E 70 35.91 29.51 -14.55
CA PRO E 70 37.34 29.21 -14.71
C PRO E 70 38.33 30.24 -14.13
N ILE E 71 39.23 29.76 -13.28
CA ILE E 71 40.26 30.60 -12.66
C ILE E 71 41.62 30.07 -13.10
N PRO E 72 42.35 30.88 -13.88
CA PRO E 72 43.67 30.51 -14.39
C PRO E 72 44.73 30.38 -13.28
N ILE E 73 45.48 29.29 -13.33
CA ILE E 73 46.54 29.04 -12.36
C ILE E 73 47.79 28.60 -13.11
N HIS E 74 48.90 28.54 -12.39
CA HIS E 74 50.17 28.10 -12.95
C HIS E 74 51.13 27.78 -11.82
N TYR E 75 52.16 26.99 -12.14
CA TYR E 75 53.14 26.62 -11.14
C TYR E 75 54.42 27.42 -11.30
N CYS E 76 54.90 27.96 -10.19
CA CYS E 76 56.09 28.77 -10.22
C CYS E 76 57.23 28.17 -9.43
N ALA E 77 58.44 28.37 -9.92
CA ALA E 77 59.63 27.85 -9.29
C ALA E 77 59.90 28.58 -7.98
N PRO E 78 60.10 27.81 -6.90
CA PRO E 78 60.38 28.38 -5.58
C PRO E 78 61.88 28.63 -5.48
N ALA E 79 62.30 29.34 -4.44
CA ALA E 79 63.70 29.66 -4.23
C ALA E 79 64.58 28.41 -4.22
N GLY E 80 65.70 28.46 -4.95
CA GLY E 80 66.62 27.33 -5.00
C GLY E 80 66.34 26.37 -6.14
N PHE E 81 65.17 26.47 -6.74
CA PHE E 81 64.81 25.57 -7.83
C PHE E 81 64.43 26.28 -9.12
N ALA E 82 64.45 25.53 -10.21
CA ALA E 82 64.12 26.09 -11.51
C ALA E 82 63.23 25.12 -12.28
N ILE E 83 62.39 25.66 -13.14
CA ILE E 83 61.52 24.84 -13.96
C ILE E 83 62.09 24.88 -15.37
N LEU E 84 62.45 23.70 -15.89
CA LEU E 84 62.98 23.59 -17.23
C LEU E 84 61.81 23.31 -18.17
N LYS E 85 61.91 23.76 -19.41
CA LYS E 85 60.85 23.58 -20.39
C LYS E 85 61.42 23.07 -21.71
N CYS E 86 60.92 21.95 -22.19
CA CYS E 86 61.42 21.45 -23.45
C CYS E 86 60.63 22.10 -24.58
N ASN E 87 61.35 22.64 -25.55
CA ASN E 87 60.74 23.34 -26.68
C ASN E 87 60.92 22.62 -28.01
N ASP E 88 61.60 21.47 -28.00
CA ASP E 88 61.81 20.73 -29.24
C ASP E 88 60.47 20.52 -29.93
N LYS E 89 60.47 20.65 -31.25
CA LYS E 89 59.25 20.47 -32.02
C LYS E 89 58.72 19.05 -31.87
N LYS E 90 57.41 18.93 -31.66
CA LYS E 90 56.74 17.64 -31.51
C LYS E 90 57.40 16.81 -30.41
N PHE E 91 57.67 17.44 -29.28
CA PHE E 91 58.30 16.74 -28.16
C PHE E 91 57.58 15.45 -27.80
N ASN E 92 58.37 14.41 -27.61
CA ASN E 92 57.88 13.09 -27.27
C ASN E 92 57.43 12.97 -25.81
N GLY E 93 58.01 13.80 -24.95
CA GLY E 93 57.67 13.75 -23.54
C GLY E 93 58.63 12.87 -22.76
N THR E 94 59.55 12.22 -23.48
CA THR E 94 60.53 11.31 -22.90
C THR E 94 61.93 11.51 -23.53
N GLY E 95 62.97 11.24 -22.76
CA GLY E 95 64.33 11.37 -23.28
C GLY E 95 64.96 12.74 -23.13
N PRO E 96 66.13 12.97 -23.75
CA PRO E 96 66.85 14.24 -23.69
C PRO E 96 66.26 15.30 -24.60
N CYS E 97 66.26 16.55 -24.14
CA CYS E 97 65.71 17.65 -24.91
C CYS E 97 66.85 18.48 -25.50
N THR E 98 66.79 18.76 -26.80
CA THR E 98 67.81 19.54 -27.48
C THR E 98 67.72 21.02 -27.14
N ASN E 99 66.55 21.59 -27.33
CA ASN E 99 66.30 23.00 -27.06
C ASN E 99 65.54 23.18 -25.76
N VAL E 100 66.27 23.47 -24.69
CA VAL E 100 65.67 23.65 -23.37
C VAL E 100 65.78 25.11 -22.91
N SER E 101 64.73 25.60 -22.26
CA SER E 101 64.73 26.97 -21.76
C SER E 101 64.38 26.90 -20.28
N THR E 102 64.27 28.05 -19.65
CA THR E 102 63.93 28.08 -18.24
C THR E 102 62.92 29.19 -17.94
N VAL E 103 61.88 28.83 -17.20
CA VAL E 103 60.82 29.78 -16.84
C VAL E 103 60.61 29.89 -15.34
N GLN E 104 60.05 31.01 -14.91
CA GLN E 104 59.76 31.22 -13.50
C GLN E 104 58.46 30.49 -13.11
N CYS E 105 57.54 30.41 -14.07
CA CYS E 105 56.26 29.72 -13.87
C CYS E 105 55.88 29.00 -15.18
N THR E 106 54.98 28.04 -15.07
CA THR E 106 54.50 27.32 -16.24
C THR E 106 53.49 28.24 -16.93
N HIS E 107 53.00 27.85 -18.10
CA HIS E 107 52.00 28.67 -18.78
C HIS E 107 50.71 28.64 -17.92
N GLY E 108 49.75 29.49 -18.25
CA GLY E 108 48.51 29.52 -17.49
C GLY E 108 47.64 28.32 -17.80
N ILE E 109 47.13 27.67 -16.78
CA ILE E 109 46.30 26.48 -16.99
C ILE E 109 44.92 26.62 -16.38
N ARG E 110 43.90 26.23 -17.15
CA ARG E 110 42.53 26.28 -16.67
C ARG E 110 42.18 24.81 -16.46
N PRO E 111 42.59 24.25 -15.31
CA PRO E 111 42.34 22.85 -14.97
C PRO E 111 40.88 22.40 -15.15
N VAL E 112 40.70 21.22 -15.71
CA VAL E 112 39.37 20.66 -15.94
C VAL E 112 39.34 19.17 -15.61
N VAL E 113 38.35 18.78 -14.83
CA VAL E 113 38.18 17.38 -14.46
C VAL E 113 37.29 16.75 -15.49
N SER E 114 37.79 15.76 -16.21
CA SER E 114 36.98 15.13 -17.25
C SER E 114 37.50 13.76 -17.65
N THR E 115 36.72 13.06 -18.46
CA THR E 115 37.10 11.75 -18.96
C THR E 115 36.95 11.74 -20.48
N GLN E 116 37.75 10.90 -21.14
CA GLN E 116 37.71 10.74 -22.59
C GLN E 116 38.21 11.94 -23.38
N LEU E 117 37.52 13.08 -23.29
CA LEU E 117 37.92 14.29 -24.00
C LEU E 117 38.56 15.29 -23.05
N LEU E 118 39.68 15.86 -23.48
CA LEU E 118 40.39 16.87 -22.70
C LEU E 118 39.82 18.25 -23.11
N LEU E 119 39.27 18.98 -22.14
CA LEU E 119 38.65 20.28 -22.41
C LEU E 119 39.43 21.50 -21.96
N ASN E 120 39.49 22.52 -22.81
CA ASN E 120 40.17 23.78 -22.49
C ASN E 120 41.68 23.67 -22.24
N GLY E 121 42.33 22.66 -22.80
CA GLY E 121 43.76 22.53 -22.58
C GLY E 121 44.59 23.18 -23.66
N SER E 122 45.89 22.87 -23.67
CA SER E 122 46.81 23.42 -24.67
C SER E 122 46.79 22.57 -25.94
N LEU E 123 46.84 23.23 -27.10
CA LEU E 123 46.86 22.55 -28.38
C LEU E 123 48.31 22.42 -28.82
N ALA E 124 48.59 21.46 -29.70
CA ALA E 124 49.94 21.26 -30.20
C ALA E 124 50.18 22.34 -31.26
N GLU E 125 51.37 22.93 -31.26
CA GLU E 125 51.69 23.98 -32.20
C GLU E 125 51.71 23.48 -33.64
N GLU E 126 52.60 22.53 -33.93
CA GLU E 126 52.72 21.98 -35.26
C GLU E 126 51.44 21.25 -35.66
N GLU E 127 51.50 19.92 -35.61
CA GLU E 127 50.38 19.07 -35.97
C GLU E 127 49.97 18.21 -34.77
N ILE E 128 48.95 17.39 -34.97
CA ILE E 128 48.48 16.50 -33.92
C ILE E 128 49.61 15.60 -33.43
N VAL E 129 49.63 15.36 -32.13
CA VAL E 129 50.64 14.51 -31.52
C VAL E 129 50.02 13.56 -30.52
N ILE E 130 50.43 12.30 -30.56
CA ILE E 130 49.94 11.27 -29.64
C ILE E 130 51.11 10.83 -28.78
N ARG E 131 50.84 10.61 -27.49
CA ARG E 131 51.89 10.21 -26.57
C ARG E 131 51.47 9.09 -25.61
N SER E 132 52.40 8.18 -25.33
CA SER E 132 52.14 7.08 -24.43
C SER E 132 53.43 6.64 -23.77
N GLU E 133 53.36 6.27 -22.49
CA GLU E 133 54.55 5.81 -21.80
C GLU E 133 55.11 4.61 -22.57
N ASN E 134 54.25 3.90 -23.31
CA ASN E 134 54.67 2.75 -24.09
C ASN E 134 53.55 2.30 -25.01
N PHE E 135 53.66 2.61 -26.30
CA PHE E 135 52.64 2.23 -27.27
C PHE E 135 52.43 0.72 -27.41
N THR E 136 53.47 -0.07 -27.14
CA THR E 136 53.35 -1.52 -27.27
C THR E 136 52.52 -2.13 -26.14
N ASN E 137 52.48 -1.43 -25.02
CA ASN E 137 51.71 -1.88 -23.85
C ASN E 137 50.29 -1.36 -24.00
N ASN E 138 49.38 -2.20 -24.47
CA ASN E 138 47.98 -1.81 -24.68
C ASN E 138 47.25 -1.35 -23.41
N ALA E 139 47.91 -1.45 -22.26
CA ALA E 139 47.33 -1.03 -20.99
C ALA E 139 47.68 0.43 -20.68
N LYS E 140 48.68 0.97 -21.38
CA LYS E 140 49.11 2.36 -21.17
C LYS E 140 48.23 3.34 -21.95
N THR E 141 47.66 4.31 -21.24
CA THR E 141 46.77 5.29 -21.86
C THR E 141 47.44 6.17 -22.91
N ILE E 142 46.80 6.29 -24.07
CA ILE E 142 47.34 7.13 -25.13
C ILE E 142 46.79 8.55 -24.97
N ILE E 143 47.67 9.53 -24.87
CA ILE E 143 47.24 10.92 -24.74
C ILE E 143 47.35 11.64 -26.08
N VAL E 144 46.22 12.09 -26.60
CA VAL E 144 46.19 12.77 -27.89
C VAL E 144 46.05 14.27 -27.70
N GLN E 145 46.85 15.03 -28.43
CA GLN E 145 46.81 16.49 -28.35
C GLN E 145 46.53 17.06 -29.72
N LEU E 146 45.42 17.80 -29.82
CA LEU E 146 45.01 18.41 -31.07
C LEU E 146 45.78 19.70 -31.33
N ASN E 147 45.84 20.09 -32.60
CA ASN E 147 46.51 21.34 -32.99
C ASN E 147 45.41 22.30 -33.42
N GLU E 148 44.17 21.86 -33.25
CA GLU E 148 43.00 22.63 -33.61
C GLU E 148 41.83 22.23 -32.71
N SER E 149 41.27 23.19 -31.99
CA SER E 149 40.16 22.94 -31.08
C SER E 149 38.84 22.67 -31.78
N VAL E 150 38.03 21.81 -31.17
CA VAL E 150 36.70 21.47 -31.66
C VAL E 150 35.79 21.97 -30.55
N VAL E 151 34.91 22.91 -30.89
CA VAL E 151 33.99 23.48 -29.92
C VAL E 151 32.77 22.60 -29.61
N ILE E 152 32.53 22.38 -28.33
CA ILE E 152 31.38 21.58 -27.91
C ILE E 152 30.57 22.39 -26.89
N ASN E 153 29.39 22.82 -27.30
CA ASN E 153 28.53 23.62 -26.44
C ASN E 153 27.38 22.77 -25.90
N CYS E 154 27.16 22.87 -24.60
CA CYS E 154 26.09 22.13 -23.96
C CYS E 154 25.04 23.13 -23.49
N THR E 155 23.77 22.71 -23.54
CA THR E 155 22.68 23.58 -23.14
C THR E 155 22.10 23.20 -21.77
N GLY E 156 22.68 22.19 -21.13
CA GLY E 156 22.19 21.78 -19.83
C GLY E 156 20.75 21.31 -19.93
N ALA E 157 20.19 21.46 -21.14
CA ALA E 157 18.82 21.04 -21.44
C ALA E 157 18.88 19.64 -22.04
N GLY E 158 19.86 18.86 -21.58
CA GLY E 158 20.03 17.49 -22.04
C GLY E 158 20.79 17.24 -23.33
N HIS E 159 21.62 18.19 -23.77
CA HIS E 159 22.37 18.00 -25.00
C HIS E 159 23.65 18.84 -25.11
N CYS E 160 24.63 18.30 -25.82
CA CYS E 160 25.88 19.00 -26.09
C CYS E 160 26.06 18.88 -27.61
N ASN E 161 26.31 19.99 -28.28
CA ASN E 161 26.49 19.99 -29.73
C ASN E 161 27.96 20.07 -30.11
N LEU E 162 28.29 19.40 -31.21
CA LEU E 162 29.65 19.35 -31.72
C LEU E 162 29.59 19.29 -33.26
N SER E 163 30.58 19.86 -33.94
CA SER E 163 30.59 19.85 -35.41
C SER E 163 30.90 18.48 -35.98
N LYS E 164 29.97 17.98 -36.80
CA LYS E 164 30.14 16.67 -37.40
C LYS E 164 31.34 16.60 -38.35
N THR E 165 31.52 17.64 -39.16
CA THR E 165 32.63 17.69 -40.10
C THR E 165 33.97 17.78 -39.38
N GLN E 166 34.08 18.74 -38.46
CA GLN E 166 35.30 18.95 -37.70
C GLN E 166 35.75 17.69 -36.96
N TRP E 167 34.83 17.04 -36.26
CA TRP E 167 35.16 15.84 -35.52
C TRP E 167 35.64 14.74 -36.45
N GLU E 168 34.86 14.39 -37.46
CA GLU E 168 35.24 13.35 -38.41
C GLU E 168 36.62 13.67 -38.97
N ASN E 169 36.88 14.96 -39.22
CA ASN E 169 38.17 15.41 -39.73
C ASN E 169 39.24 15.06 -38.71
N THR E 170 38.92 15.35 -37.45
CA THR E 170 39.81 15.07 -36.33
C THR E 170 40.13 13.58 -36.25
N LEU E 171 39.09 12.77 -36.25
CA LEU E 171 39.25 11.32 -36.17
C LEU E 171 40.18 10.85 -37.27
N GLU E 172 39.93 11.28 -38.50
CA GLU E 172 40.77 10.91 -39.62
C GLU E 172 42.21 11.33 -39.35
N GLN E 173 42.41 12.56 -38.89
CA GLN E 173 43.76 13.04 -38.58
C GLN E 173 44.44 12.20 -37.51
N ILE E 174 43.68 11.82 -36.47
CA ILE E 174 44.23 11.00 -35.39
C ILE E 174 44.59 9.60 -35.89
N ALA E 175 43.71 9.04 -36.72
CA ALA E 175 43.92 7.71 -37.29
C ALA E 175 45.28 7.67 -37.99
N ILE E 176 45.56 8.72 -38.76
CA ILE E 176 46.81 8.85 -39.50
C ILE E 176 48.04 8.80 -38.58
N LYS E 177 48.02 9.59 -37.51
CA LYS E 177 49.13 9.60 -36.56
C LYS E 177 49.23 8.26 -35.84
N LEU E 178 48.11 7.57 -35.70
CA LEU E 178 48.09 6.27 -35.05
C LEU E 178 48.80 5.23 -35.91
N LYS E 179 48.33 5.05 -37.14
CA LYS E 179 48.95 4.08 -38.05
C LYS E 179 50.41 4.47 -38.27
N GLU E 180 50.74 5.70 -37.91
CA GLU E 180 52.11 6.19 -38.05
C GLU E 180 52.96 5.58 -36.95
N GLN E 181 52.31 5.09 -35.89
CA GLN E 181 52.97 4.47 -34.76
C GLN E 181 52.97 2.95 -34.85
N PHE E 182 51.83 2.39 -35.20
CA PHE E 182 51.68 0.95 -35.28
C PHE E 182 51.91 0.33 -36.65
N GLY E 183 51.62 1.08 -37.71
CA GLY E 183 51.82 0.56 -39.05
C GLY E 183 50.87 1.13 -40.07
N ASN E 184 51.38 1.43 -41.27
CA ASN E 184 50.55 2.00 -42.33
C ASN E 184 49.57 0.98 -42.92
N ASN E 185 49.86 -0.30 -42.73
CA ASN E 185 48.98 -1.35 -43.23
C ASN E 185 47.97 -1.70 -42.14
N LYS E 186 48.03 -0.95 -41.05
CA LYS E 186 47.12 -1.14 -39.93
C LYS E 186 45.86 -0.32 -40.18
N THR E 187 44.71 -0.98 -40.14
CA THR E 187 43.44 -0.30 -40.32
C THR E 187 43.01 0.23 -38.95
N ILE E 188 42.75 1.54 -38.87
CA ILE E 188 42.36 2.16 -37.60
C ILE E 188 40.85 2.26 -37.42
N ILE E 189 40.37 1.79 -36.28
CA ILE E 189 38.95 1.82 -35.96
C ILE E 189 38.67 2.32 -34.55
N PHE E 190 37.60 3.09 -34.41
CA PHE E 190 37.20 3.62 -33.12
C PHE E 190 35.86 3.05 -32.68
N ASN E 191 35.80 2.53 -31.46
CA ASN E 191 34.57 1.99 -30.91
C ASN E 191 34.36 2.56 -29.51
N PRO E 192 33.11 2.61 -29.04
CA PRO E 192 32.74 3.13 -27.72
C PRO E 192 33.47 2.43 -26.58
N SER E 193 33.27 2.93 -25.36
CA SER E 193 33.89 2.34 -24.19
C SER E 193 33.36 0.92 -24.02
N SER E 194 34.18 0.04 -23.46
CA SER E 194 33.78 -1.35 -23.24
C SER E 194 32.90 -1.54 -22.00
N GLY E 195 32.93 -0.58 -21.07
CA GLY E 195 32.12 -0.68 -19.88
C GLY E 195 32.80 -0.26 -18.59
N GLY E 196 32.04 -0.23 -17.51
CA GLY E 196 32.57 0.18 -16.22
C GLY E 196 31.72 1.33 -15.71
N ASP E 197 32.26 2.10 -14.77
CA ASP E 197 31.53 3.22 -14.19
C ASP E 197 31.04 4.23 -15.22
N PRO E 198 29.85 4.82 -14.98
CA PRO E 198 29.24 5.81 -15.87
C PRO E 198 30.21 6.94 -16.17
N GLU E 199 30.94 7.37 -15.15
CA GLU E 199 31.90 8.47 -15.29
C GLU E 199 32.97 8.14 -16.33
N ILE E 200 33.26 6.86 -16.48
CA ILE E 200 34.28 6.38 -17.42
C ILE E 200 33.73 5.99 -18.79
N VAL E 201 32.52 5.43 -18.82
CA VAL E 201 31.91 5.01 -20.07
C VAL E 201 31.36 6.20 -20.86
N THR E 202 30.90 7.23 -20.16
CA THR E 202 30.39 8.43 -20.82
C THR E 202 31.47 9.49 -20.77
N HIS E 203 31.29 10.56 -21.55
CA HIS E 203 32.23 11.66 -21.52
C HIS E 203 31.68 12.54 -20.42
N SER E 204 32.28 12.46 -19.24
CA SER E 204 31.80 13.27 -18.14
C SER E 204 32.81 14.36 -17.82
N PHE E 205 32.35 15.39 -17.13
CA PHE E 205 33.21 16.49 -16.76
C PHE E 205 32.41 17.41 -15.86
N ASN E 206 33.11 18.34 -15.22
CA ASN E 206 32.42 19.28 -14.35
C ASN E 206 32.51 20.66 -14.96
N CYS E 207 31.35 21.24 -15.24
CA CYS E 207 31.30 22.58 -15.81
C CYS E 207 30.43 23.45 -14.92
N GLY E 208 30.97 24.59 -14.51
CA GLY E 208 30.22 25.49 -13.66
C GLY E 208 29.86 24.85 -12.33
N GLY E 209 30.66 23.88 -11.91
CA GLY E 209 30.40 23.20 -10.65
C GLY E 209 29.35 22.12 -10.78
N GLU E 210 28.85 21.91 -11.99
CA GLU E 210 27.83 20.90 -12.23
C GLU E 210 28.44 19.68 -12.95
N PHE E 211 27.97 18.48 -12.60
CA PHE E 211 28.50 17.26 -13.20
C PHE E 211 27.70 16.74 -14.39
N PHE E 212 28.27 16.90 -15.59
CA PHE E 212 27.64 16.45 -16.83
C PHE E 212 28.05 15.03 -17.23
N TYR E 213 27.14 14.35 -17.90
CA TYR E 213 27.41 12.99 -18.40
C TYR E 213 26.82 12.89 -19.80
N CYS E 214 27.69 12.77 -20.80
CA CYS E 214 27.26 12.70 -22.19
C CYS E 214 27.56 11.39 -22.88
N ASN E 215 26.56 10.81 -23.52
CA ASN E 215 26.75 9.57 -24.25
C ASN E 215 27.74 9.90 -25.38
N SER E 216 28.89 9.24 -25.40
CA SER E 216 29.91 9.49 -26.42
C SER E 216 29.93 8.46 -27.56
N THR E 217 28.96 7.57 -27.57
CA THR E 217 28.88 6.56 -28.61
C THR E 217 29.04 7.20 -29.99
N GLN E 218 28.20 8.19 -30.27
CA GLN E 218 28.22 8.89 -31.54
C GLN E 218 29.59 9.42 -31.96
N LEU E 219 30.41 9.78 -30.98
CA LEU E 219 31.74 10.30 -31.29
C LEU E 219 32.78 9.20 -31.42
N PHE E 220 32.43 7.98 -31.01
CA PHE E 220 33.39 6.88 -31.09
C PHE E 220 32.94 5.58 -31.76
N THR E 221 32.43 5.71 -32.97
CA THR E 221 32.00 4.58 -33.78
C THR E 221 32.41 5.05 -35.17
N TRP E 222 33.68 4.83 -35.49
CA TRP E 222 34.26 5.27 -36.76
C TRP E 222 35.04 4.13 -37.42
N ARG E 233 26.17 19.71 -40.51
CA ARG E 233 25.57 18.79 -39.55
C ARG E 233 26.19 18.90 -38.17
N ASN E 234 25.35 18.83 -37.14
CA ASN E 234 25.83 18.89 -35.77
C ASN E 234 25.67 17.54 -35.11
N ILE E 235 26.72 17.08 -34.43
CA ILE E 235 26.62 15.82 -33.71
C ILE E 235 26.00 16.24 -32.38
N THR E 236 24.79 15.74 -32.11
CA THR E 236 24.09 16.06 -30.88
C THR E 236 24.26 14.93 -29.89
N LEU E 237 24.98 15.20 -28.80
CA LEU E 237 25.21 14.17 -27.80
C LEU E 237 24.19 14.24 -26.67
N PRO E 238 23.56 13.10 -26.34
CA PRO E 238 22.58 13.05 -25.27
C PRO E 238 23.35 13.23 -23.99
N CYS E 239 23.01 14.25 -23.21
CA CYS E 239 23.73 14.47 -21.97
C CYS E 239 22.79 14.64 -20.79
N ARG E 240 23.31 14.40 -19.59
CA ARG E 240 22.52 14.51 -18.37
C ARG E 240 23.37 14.94 -17.17
N ILE E 241 22.76 15.67 -16.24
CA ILE E 241 23.44 16.13 -15.04
C ILE E 241 22.98 15.26 -13.86
N LYS E 242 23.91 14.86 -13.01
CA LYS E 242 23.56 14.04 -11.86
C LYS E 242 23.93 14.70 -10.54
N GLN E 243 23.23 14.33 -9.48
CA GLN E 243 23.48 14.85 -8.14
C GLN E 243 24.26 13.80 -7.32
N ILE E 244 24.11 12.54 -7.70
CA ILE E 244 24.79 11.45 -7.02
C ILE E 244 25.79 10.87 -8.00
N ILE E 245 27.07 10.95 -7.67
CA ILE E 245 28.13 10.49 -8.55
C ILE E 245 29.25 9.72 -7.84
N ASN E 246 30.11 9.08 -8.62
CA ASN E 246 31.28 8.38 -8.08
C ASN E 246 32.38 9.43 -8.08
N MET E 247 33.11 9.54 -6.97
CA MET E 247 34.18 10.52 -6.86
C MET E 247 35.42 10.14 -7.66
N TRP E 248 36.13 11.15 -8.14
CA TRP E 248 37.34 10.90 -8.89
C TRP E 248 38.56 11.01 -7.97
N GLN E 249 38.42 11.81 -6.92
CA GLN E 249 39.50 12.05 -5.96
C GLN E 249 39.90 10.80 -5.19
N GLU E 250 38.90 9.98 -4.88
CA GLU E 250 39.07 8.75 -4.11
C GLU E 250 37.85 7.87 -4.31
N VAL E 251 37.96 6.62 -3.88
CA VAL E 251 36.86 5.68 -4.03
C VAL E 251 35.70 6.08 -3.14
N GLY E 252 34.52 6.25 -3.73
CA GLY E 252 33.38 6.61 -2.93
C GLY E 252 32.30 7.28 -3.73
N LYS E 253 31.21 7.62 -3.05
CA LYS E 253 30.09 8.26 -3.68
C LYS E 253 29.82 9.60 -3.03
N ALA E 254 29.30 10.53 -3.82
CA ALA E 254 29.01 11.85 -3.31
C ALA E 254 27.68 12.36 -3.85
N MET E 255 27.02 13.17 -3.04
CA MET E 255 25.76 13.77 -3.48
C MET E 255 25.88 15.28 -3.37
N TYR E 256 25.67 15.95 -4.49
CA TYR E 256 25.73 17.40 -4.53
C TYR E 256 24.33 17.95 -4.64
N ALA E 257 24.18 19.24 -4.30
CA ALA E 257 22.89 19.91 -4.38
C ALA E 257 22.50 20.15 -5.83
N PRO E 258 21.18 20.20 -6.12
CA PRO E 258 20.62 20.42 -7.47
C PRO E 258 21.07 21.74 -8.07
N PRO E 259 20.84 21.91 -9.38
CA PRO E 259 21.22 23.15 -10.08
C PRO E 259 20.34 24.31 -9.62
N ILE E 260 20.87 25.21 -8.79
CA ILE E 260 20.08 26.34 -8.31
C ILE E 260 19.58 27.15 -9.52
N ARG E 261 20.53 27.58 -10.35
CA ARG E 261 20.23 28.35 -11.55
C ARG E 261 19.18 27.65 -12.40
N GLY E 262 18.48 28.44 -13.19
CA GLY E 262 17.44 27.90 -14.06
C GLY E 262 17.97 27.04 -15.20
N GLN E 263 18.78 27.64 -16.06
CA GLN E 263 19.35 26.91 -17.20
C GLN E 263 20.87 26.82 -17.07
N ILE E 264 21.40 25.62 -17.26
CA ILE E 264 22.84 25.40 -17.15
C ILE E 264 23.50 25.28 -18.53
N ARG E 265 24.30 26.28 -18.88
CA ARG E 265 25.00 26.29 -20.16
C ARG E 265 26.50 26.10 -20.01
N CYS E 266 27.13 25.48 -21.00
CA CYS E 266 28.57 25.24 -20.99
C CYS E 266 29.18 25.30 -22.39
N SER E 267 30.33 25.96 -22.51
CA SER E 267 31.03 26.06 -23.78
C SER E 267 32.50 25.71 -23.55
N SER E 268 33.00 24.73 -24.28
CA SER E 268 34.39 24.31 -24.11
C SER E 268 35.08 23.94 -25.42
N ASN E 269 36.41 23.93 -25.39
CA ASN E 269 37.19 23.56 -26.54
C ASN E 269 37.83 22.19 -26.30
N ILE E 270 37.51 21.22 -27.15
CA ILE E 270 38.11 19.89 -27.02
C ILE E 270 39.54 20.03 -27.54
N THR E 271 40.51 19.98 -26.64
CA THR E 271 41.90 20.14 -27.03
C THR E 271 42.69 18.83 -27.12
N GLY E 272 42.05 17.73 -26.73
CA GLY E 272 42.72 16.44 -26.76
C GLY E 272 41.80 15.29 -26.43
N LEU E 273 42.39 14.09 -26.30
CA LEU E 273 41.62 12.89 -25.99
C LEU E 273 42.46 11.88 -25.21
N LEU E 274 41.79 10.98 -24.49
CA LEU E 274 42.45 9.91 -23.75
C LEU E 274 41.91 8.64 -24.36
N LEU E 275 42.78 7.86 -25.00
CA LEU E 275 42.39 6.62 -25.65
C LEU E 275 43.12 5.41 -25.10
N THR E 276 42.52 4.25 -25.29
CA THR E 276 43.14 2.99 -24.89
C THR E 276 43.06 2.13 -26.14
N ARG E 277 43.95 1.16 -26.27
CA ARG E 277 43.92 0.30 -27.46
C ARG E 277 43.65 -1.15 -27.07
N ASP E 278 42.80 -1.83 -27.84
CA ASP E 278 42.50 -3.23 -27.59
C ASP E 278 43.79 -3.94 -27.99
N GLY E 279 44.49 -4.50 -27.02
CA GLY E 279 45.75 -5.16 -27.34
C GLY E 279 45.66 -6.64 -27.70
N GLY E 280 46.46 -7.43 -27.00
CA GLY E 280 46.49 -8.87 -27.22
C GLY E 280 47.14 -9.22 -28.54
N LYS E 281 47.93 -10.30 -28.53
CA LYS E 281 48.59 -10.77 -29.74
C LYS E 281 47.58 -11.57 -30.55
N ASP E 282 46.59 -10.86 -31.08
CA ASP E 282 45.54 -11.47 -31.88
C ASP E 282 45.86 -11.21 -33.36
N THR E 283 46.58 -10.11 -33.60
CA THR E 283 46.98 -9.71 -34.94
C THR E 283 45.85 -9.76 -35.96
N ASN E 284 44.78 -9.03 -35.69
CA ASN E 284 43.64 -8.96 -36.59
C ASN E 284 44.03 -8.17 -37.83
N GLY E 285 45.27 -7.69 -37.85
CA GLY E 285 45.73 -6.88 -38.97
C GLY E 285 45.11 -5.52 -38.81
N THR E 286 44.46 -5.31 -37.66
CA THR E 286 43.80 -4.06 -37.37
C THR E 286 43.96 -3.64 -35.90
N GLU E 287 43.83 -2.34 -35.66
CA GLU E 287 43.96 -1.79 -34.33
C GLU E 287 42.68 -1.05 -33.96
N ILE E 288 42.14 -1.36 -32.79
CA ILE E 288 40.92 -0.74 -32.32
C ILE E 288 41.21 0.21 -31.16
N PHE E 289 40.59 1.39 -31.16
CA PHE E 289 40.80 2.35 -30.08
C PHE E 289 39.49 2.77 -29.42
N ARG E 290 39.52 2.89 -28.10
CA ARG E 290 38.35 3.27 -27.33
C ARG E 290 38.59 4.48 -26.42
N PRO E 291 37.51 5.19 -26.05
CA PRO E 291 37.61 6.37 -25.17
C PRO E 291 38.07 5.92 -23.79
N GLY E 292 39.15 6.51 -23.30
CA GLY E 292 39.67 6.17 -21.99
C GLY E 292 39.58 7.33 -21.01
N GLY E 293 40.31 7.23 -19.90
CA GLY E 293 40.29 8.29 -18.89
C GLY E 293 39.87 7.71 -17.56
N GLY E 294 39.86 8.54 -16.51
CA GLY E 294 39.47 8.04 -15.21
C GLY E 294 40.47 8.52 -14.18
N ASP E 295 41.73 8.27 -14.47
CA ASP E 295 42.82 8.71 -13.60
C ASP E 295 43.13 10.11 -14.11
N MET E 296 42.77 11.12 -13.32
CA MET E 296 42.97 12.52 -13.69
C MET E 296 44.44 12.94 -13.84
N ARG E 297 45.34 12.11 -13.35
CA ARG E 297 46.75 12.46 -13.47
C ARG E 297 47.14 12.56 -14.95
N ASP E 298 46.45 11.81 -15.80
CA ASP E 298 46.76 11.89 -17.22
C ASP E 298 46.30 13.24 -17.77
N ASN E 299 45.28 13.82 -17.12
CA ASN E 299 44.77 15.13 -17.54
C ASN E 299 45.80 16.21 -17.24
N TRP E 300 46.45 16.08 -16.08
CA TRP E 300 47.44 17.04 -15.64
C TRP E 300 48.72 16.84 -16.45
N ARG E 301 48.95 15.61 -16.91
CA ARG E 301 50.12 15.26 -17.70
C ARG E 301 50.08 15.91 -19.09
N SER E 302 48.88 16.02 -19.63
CA SER E 302 48.71 16.60 -20.97
C SER E 302 49.11 18.07 -21.00
N GLU E 303 49.17 18.72 -19.84
CA GLU E 303 49.55 20.13 -19.75
C GLU E 303 50.96 20.33 -19.20
N LEU E 304 51.47 19.36 -18.47
CA LEU E 304 52.79 19.50 -17.85
C LEU E 304 53.90 18.65 -18.46
N TYR E 305 53.61 17.93 -19.53
CA TYR E 305 54.60 17.05 -20.16
C TYR E 305 55.94 17.68 -20.53
N LYS E 306 55.95 18.97 -20.84
CA LYS E 306 57.20 19.61 -21.22
C LYS E 306 57.95 20.34 -20.10
N TYR E 307 57.44 20.22 -18.88
CA TYR E 307 58.09 20.86 -17.74
C TYR E 307 58.80 19.83 -16.87
N LYS E 308 59.86 20.31 -16.20
CA LYS E 308 60.67 19.50 -15.30
C LYS E 308 61.29 20.47 -14.32
N VAL E 309 61.09 20.24 -13.02
CA VAL E 309 61.67 21.14 -12.02
C VAL E 309 63.06 20.64 -11.61
N VAL E 310 64.00 21.57 -11.48
CA VAL E 310 65.37 21.21 -11.13
C VAL E 310 65.92 21.96 -9.93
N LYS E 311 67.01 21.44 -9.39
CA LYS E 311 67.69 22.05 -8.25
C LYS E 311 68.76 22.97 -8.84
N ILE E 312 68.72 24.25 -8.48
CA ILE E 312 69.71 25.18 -9.00
C ILE E 312 71.12 24.69 -8.67
N GLU E 313 71.90 24.40 -9.71
CA GLU E 313 73.27 23.92 -9.55
C GLU E 313 74.13 24.37 -10.73
N ASP F 1 19.04 25.86 16.94
CA ASP F 1 19.48 26.73 15.82
C ASP F 1 18.39 27.69 15.37
N ILE F 2 17.77 27.37 14.24
CA ILE F 2 16.72 28.18 13.62
C ILE F 2 15.33 28.01 14.24
N VAL F 3 14.91 29.02 14.99
CA VAL F 3 13.62 29.00 15.64
C VAL F 3 12.56 29.72 14.81
N MET F 4 11.46 29.02 14.54
CA MET F 4 10.35 29.56 13.76
C MET F 4 9.24 30.00 14.71
N THR F 5 8.84 31.26 14.58
CA THR F 5 7.79 31.81 15.44
C THR F 5 6.58 32.24 14.62
N GLN F 6 5.43 31.67 14.93
CA GLN F 6 4.19 31.99 14.22
C GLN F 6 3.36 33.01 14.98
N SER F 7 2.63 33.86 14.25
CA SER F 7 1.77 34.88 14.86
C SER F 7 0.49 35.06 14.02
N PRO F 8 -0.67 35.17 14.68
CA PRO F 8 -0.87 35.14 16.13
C PRO F 8 -1.14 33.69 16.49
N ALA F 9 -1.10 33.37 17.78
CA ALA F 9 -1.36 32.01 18.21
C ALA F 9 -2.75 31.58 17.76
N THR F 10 -3.72 32.48 17.92
CA THR F 10 -5.10 32.21 17.51
C THR F 10 -5.66 33.38 16.70
N LEU F 11 -6.09 33.07 15.48
CA LEU F 11 -6.64 34.07 14.57
C LEU F 11 -8.13 33.82 14.36
N SER F 12 -8.95 34.81 14.69
CA SER F 12 -10.40 34.70 14.55
C SER F 12 -10.83 35.43 13.29
N VAL F 13 -11.54 34.73 12.40
CA VAL F 13 -11.97 35.34 11.16
C VAL F 13 -13.37 34.86 10.81
N SER F 14 -14.15 35.73 10.18
CA SER F 14 -15.53 35.38 9.78
C SER F 14 -15.49 34.65 8.45
N PRO F 15 -16.35 33.65 8.27
CA PRO F 15 -16.37 32.90 7.00
C PRO F 15 -16.50 33.82 5.78
N GLY F 16 -15.62 33.64 4.81
CA GLY F 16 -15.67 34.46 3.61
C GLY F 16 -14.66 35.59 3.61
N GLU F 17 -14.17 35.99 4.77
CA GLU F 17 -13.20 37.07 4.83
C GLU F 17 -11.76 36.59 4.64
N ARG F 18 -10.89 37.53 4.31
CA ARG F 18 -9.47 37.24 4.09
C ARG F 18 -8.76 37.00 5.40
N ALA F 19 -7.70 36.19 5.37
CA ALA F 19 -6.95 35.89 6.57
C ALA F 19 -5.47 35.75 6.25
N THR F 20 -4.64 36.45 7.01
CA THR F 20 -3.21 36.38 6.78
C THR F 20 -2.54 35.88 8.05
N LEU F 21 -1.66 34.89 7.90
CA LEU F 21 -0.94 34.30 9.01
C LEU F 21 0.54 34.56 8.81
N SER F 22 1.26 34.80 9.91
CA SER F 22 2.68 35.11 9.83
C SER F 22 3.65 34.09 10.45
N CYS F 23 4.81 33.95 9.82
CA CYS F 23 5.88 33.05 10.28
C CYS F 23 7.21 33.81 10.16
N ARG F 24 7.98 33.82 11.24
CA ARG F 24 9.28 34.49 11.27
C ARG F 24 10.38 33.53 11.69
N ALA F 25 11.57 33.67 11.11
CA ALA F 25 12.68 32.80 11.44
C ALA F 25 13.77 33.54 12.20
N SER F 26 14.56 32.81 12.99
CA SER F 26 15.64 33.41 13.76
C SER F 26 16.64 34.05 12.82
N GLU F 27 16.91 33.36 11.72
CA GLU F 27 17.85 33.85 10.73
C GLU F 27 17.26 33.57 9.36
N SER F 28 17.91 34.06 8.32
CA SER F 28 17.42 33.84 6.98
C SER F 28 17.25 32.33 6.72
N VAL F 29 16.14 32.00 6.06
CA VAL F 29 15.82 30.63 5.73
C VAL F 29 15.70 30.58 4.22
N SER F 30 15.98 31.71 3.59
CA SER F 30 15.90 31.85 2.15
C SER F 30 14.47 31.58 1.68
N SER F 31 14.26 30.52 0.90
CA SER F 31 12.92 30.19 0.42
C SER F 31 12.45 28.78 0.79
N ASP F 32 13.31 28.01 1.45
CA ASP F 32 12.95 26.66 1.85
C ASP F 32 12.04 26.70 3.09
N LEU F 33 10.78 27.03 2.84
CA LEU F 33 9.75 27.19 3.87
C LEU F 33 8.42 26.59 3.40
N ALA F 34 7.84 25.71 4.21
CA ALA F 34 6.58 25.09 3.84
C ALA F 34 5.47 25.41 4.83
N TRP F 35 4.22 25.31 4.37
CA TRP F 35 3.06 25.56 5.21
C TRP F 35 2.19 24.32 5.23
N TYR F 36 1.68 23.97 6.40
CA TYR F 36 0.81 22.81 6.54
C TYR F 36 -0.50 23.17 7.24
N GLN F 37 -1.52 22.35 7.01
CA GLN F 37 -2.82 22.53 7.63
C GLN F 37 -3.12 21.28 8.41
N GLN F 38 -3.53 21.40 9.66
CA GLN F 38 -3.87 20.22 10.42
C GLN F 38 -5.17 20.35 11.17
N LYS F 39 -6.04 19.37 10.95
CA LYS F 39 -7.32 19.35 11.64
C LYS F 39 -7.14 18.33 12.75
N PRO F 40 -7.70 18.62 13.94
CA PRO F 40 -7.58 17.70 15.07
C PRO F 40 -7.91 16.24 14.75
N GLY F 41 -7.04 15.33 15.19
CA GLY F 41 -7.26 13.91 14.93
C GLY F 41 -6.83 13.48 13.54
N GLN F 42 -6.27 14.41 12.78
CA GLN F 42 -5.80 14.10 11.43
C GLN F 42 -4.32 14.42 11.24
N ALA F 43 -3.75 13.93 10.14
CA ALA F 43 -2.37 14.17 9.83
C ALA F 43 -2.27 15.50 9.07
N PRO F 44 -1.15 16.22 9.19
CA PRO F 44 -1.00 17.49 8.48
C PRO F 44 -1.17 17.31 6.97
N ARG F 45 -1.37 18.41 6.27
CA ARG F 45 -1.52 18.40 4.83
C ARG F 45 -0.61 19.49 4.28
N LEU F 46 0.15 19.17 3.24
CA LEU F 46 1.06 20.12 2.62
C LEU F 46 0.22 21.13 1.84
N LEU F 47 0.44 22.41 2.09
CA LEU F 47 -0.30 23.46 1.40
C LEU F 47 0.61 24.20 0.43
N ILE F 48 1.72 24.67 0.99
CA ILE F 48 2.71 25.46 0.27
C ILE F 48 4.11 24.97 0.58
N TYR F 49 5.02 25.14 -0.38
CA TYR F 49 6.42 24.80 -0.21
C TYR F 49 7.19 25.75 -1.12
N GLY F 50 8.49 25.90 -0.87
CA GLY F 50 9.28 26.82 -1.67
C GLY F 50 8.77 28.23 -1.41
N ALA F 51 8.14 28.41 -0.24
CA ALA F 51 7.60 29.70 0.19
C ALA F 51 6.34 30.17 -0.53
N SER F 52 6.27 29.97 -1.84
CA SER F 52 5.13 30.42 -2.60
C SER F 52 4.58 29.42 -3.61
N THR F 53 5.09 28.19 -3.62
CA THR F 53 4.61 27.18 -4.54
C THR F 53 3.50 26.35 -3.89
N ARG F 54 2.34 26.31 -4.55
CA ARG F 54 1.20 25.58 -4.00
C ARG F 54 1.27 24.10 -4.35
N ALA F 55 1.05 23.25 -3.35
CA ALA F 55 1.06 21.80 -3.55
C ALA F 55 -0.13 21.41 -4.43
N THR F 56 0.01 20.32 -5.17
CA THR F 56 -1.05 19.85 -6.05
C THR F 56 -2.34 19.55 -5.30
N GLY F 57 -3.46 20.05 -5.83
CA GLY F 57 -4.75 19.83 -5.20
C GLY F 57 -5.20 20.96 -4.29
N VAL F 58 -4.24 21.71 -3.77
CA VAL F 58 -4.52 22.84 -2.89
C VAL F 58 -5.27 23.95 -3.65
N PRO F 59 -6.45 24.36 -3.14
CA PRO F 59 -7.25 25.42 -3.78
C PRO F 59 -6.50 26.75 -3.92
N ALA F 60 -6.73 27.43 -5.04
CA ALA F 60 -6.08 28.71 -5.32
C ALA F 60 -6.24 29.78 -4.24
N ARG F 61 -7.26 29.66 -3.39
CA ARG F 61 -7.44 30.66 -2.34
C ARG F 61 -6.29 30.66 -1.32
N PHE F 62 -5.41 29.66 -1.43
CA PHE F 62 -4.24 29.54 -0.56
C PHE F 62 -3.01 30.06 -1.31
N SER F 63 -2.29 31.01 -0.72
CA SER F 63 -1.10 31.56 -1.35
C SER F 63 -0.09 31.95 -0.29
N GLY F 64 1.19 31.78 -0.62
CA GLY F 64 2.23 32.13 0.34
C GLY F 64 3.20 33.13 -0.25
N SER F 65 3.84 33.91 0.60
CA SER F 65 4.80 34.91 0.13
C SER F 65 5.90 35.13 1.16
N GLY F 66 6.96 35.81 0.73
CA GLY F 66 8.07 36.09 1.64
C GLY F 66 9.33 35.28 1.39
N SER F 67 10.43 35.76 1.92
CA SER F 67 11.72 35.10 1.78
C SER F 67 12.59 35.60 2.93
N GLY F 68 13.73 34.95 3.14
CA GLY F 68 14.59 35.37 4.22
C GLY F 68 14.11 34.90 5.59
N ALA F 69 13.59 35.82 6.39
CA ALA F 69 13.12 35.50 7.73
C ALA F 69 11.66 35.85 7.98
N GLU F 70 10.96 36.31 6.95
CA GLU F 70 9.55 36.69 7.09
C GLU F 70 8.69 36.02 6.04
N PHE F 71 7.66 35.31 6.49
CA PHE F 71 6.78 34.62 5.57
C PHE F 71 5.31 34.84 5.91
N THR F 72 4.45 34.76 4.89
CA THR F 72 3.03 34.94 5.08
C THR F 72 2.21 33.90 4.33
N LEU F 73 1.09 33.51 4.93
CA LEU F 73 0.17 32.55 4.32
C LEU F 73 -1.17 33.28 4.34
N THR F 74 -1.70 33.55 3.15
CA THR F 74 -2.96 34.24 3.09
C THR F 74 -4.03 33.35 2.45
N ILE F 75 -5.23 33.40 3.02
CA ILE F 75 -6.36 32.65 2.51
C ILE F 75 -7.35 33.74 2.12
N SER F 76 -7.48 33.97 0.81
CA SER F 76 -8.36 35.01 0.25
C SER F 76 -9.80 35.04 0.75
N SER F 77 -10.47 33.89 0.72
CA SER F 77 -11.86 33.83 1.17
C SER F 77 -12.07 32.58 1.98
N LEU F 78 -11.97 32.71 3.30
CA LEU F 78 -12.10 31.57 4.18
C LEU F 78 -13.35 30.73 4.00
N GLN F 79 -13.14 29.41 4.00
CA GLN F 79 -14.21 28.46 3.85
C GLN F 79 -14.29 27.50 5.04
N SER F 80 -15.46 26.88 5.19
CA SER F 80 -15.74 25.96 6.27
C SER F 80 -14.61 24.98 6.57
N GLU F 81 -14.04 24.36 5.54
CA GLU F 81 -12.96 23.39 5.75
C GLU F 81 -11.58 24.03 5.91
N ASP F 82 -11.53 25.34 6.09
CA ASP F 82 -10.25 26.03 6.26
C ASP F 82 -9.91 26.31 7.72
N PHE F 83 -10.91 26.29 8.58
CA PHE F 83 -10.67 26.55 9.99
C PHE F 83 -9.95 25.36 10.60
N ALA F 84 -8.72 25.59 11.04
CA ALA F 84 -7.90 24.55 11.64
C ALA F 84 -6.64 25.20 12.19
N VAL F 85 -5.59 24.39 12.36
CA VAL F 85 -4.32 24.87 12.85
C VAL F 85 -3.34 24.88 11.67
N TYR F 86 -2.50 25.92 11.59
CA TYR F 86 -1.54 26.04 10.50
C TYR F 86 -0.10 26.08 11.05
N TYR F 87 0.80 25.35 10.39
CA TYR F 87 2.20 25.30 10.81
C TYR F 87 3.15 25.59 9.67
N CYS F 88 4.21 26.35 9.95
CA CYS F 88 5.22 26.59 8.93
C CYS F 88 6.37 25.66 9.28
N GLN F 89 7.25 25.43 8.30
CA GLN F 89 8.41 24.57 8.49
C GLN F 89 9.53 25.03 7.61
N GLN F 90 10.70 25.18 8.23
CA GLN F 90 11.91 25.62 7.56
C GLN F 90 12.74 24.38 7.21
N TYR F 91 13.32 24.35 6.01
CA TYR F 91 14.16 23.22 5.61
C TYR F 91 15.31 23.71 4.73
N ASN F 92 15.91 24.82 5.15
CA ASN F 92 17.01 25.44 4.44
C ASN F 92 18.42 25.03 4.90
N ASN F 93 18.61 24.77 6.19
CA ASN F 93 19.95 24.42 6.69
C ASN F 93 20.47 23.03 6.32
N TRP F 94 21.79 22.88 6.36
CA TRP F 94 22.45 21.62 6.03
C TRP F 94 23.86 21.58 6.66
N PRO F 95 24.18 20.54 7.44
CA PRO F 95 23.36 19.37 7.81
C PRO F 95 21.96 19.77 8.23
N PRO F 96 20.95 18.95 7.89
CA PRO F 96 19.54 19.15 8.19
C PRO F 96 19.13 19.17 9.64
N ARG F 97 18.59 20.30 10.08
CA ARG F 97 18.10 20.48 11.44
C ARG F 97 16.81 21.30 11.22
N TYR F 98 15.88 20.71 10.49
CA TYR F 98 14.62 21.36 10.15
C TYR F 98 13.75 21.58 11.39
N THR F 99 13.07 22.71 11.42
CA THR F 99 12.23 23.06 12.57
C THR F 99 10.86 23.57 12.12
N PHE F 100 9.88 23.47 13.02
CA PHE F 100 8.51 23.90 12.75
C PHE F 100 8.12 25.08 13.66
N GLY F 101 7.12 25.85 13.23
CA GLY F 101 6.64 26.93 14.05
C GLY F 101 5.73 26.28 15.08
N GLN F 102 5.28 27.03 16.09
CA GLN F 102 4.44 26.49 17.14
C GLN F 102 2.98 26.33 16.73
N GLY F 103 2.63 26.83 15.54
CA GLY F 103 1.25 26.73 15.07
C GLY F 103 0.33 27.89 15.38
N THR F 104 -0.67 28.09 14.51
CA THR F 104 -1.67 29.14 14.68
C THR F 104 -3.07 28.53 14.56
N ARG F 105 -3.91 28.77 15.56
CA ARG F 105 -5.29 28.27 15.52
C ARG F 105 -6.14 29.23 14.68
N LEU F 106 -6.66 28.75 13.55
CA LEU F 106 -7.52 29.60 12.74
C LEU F 106 -8.96 29.23 13.13
N GLU F 107 -9.61 30.11 13.87
CA GLU F 107 -10.97 29.83 14.35
C GLU F 107 -12.06 30.74 13.79
N ILE F 108 -13.31 30.30 13.91
CA ILE F 108 -14.47 31.04 13.39
C ILE F 108 -14.93 32.20 14.26
N LYS F 109 -14.89 33.41 13.71
CA LYS F 109 -15.32 34.60 14.43
C LYS F 109 -16.84 34.62 14.41
N ARG F 110 -17.46 34.76 15.59
CA ARG F 110 -18.92 34.82 15.69
C ARG F 110 -19.28 35.89 16.71
N THR F 111 -20.56 36.07 16.98
CA THR F 111 -20.96 37.08 17.96
C THR F 111 -20.72 36.54 19.37
N VAL F 112 -20.43 37.44 20.30
CA VAL F 112 -20.19 37.06 21.69
C VAL F 112 -21.40 36.35 22.30
N ALA F 113 -21.16 35.24 23.00
CA ALA F 113 -22.24 34.46 23.62
C ALA F 113 -21.90 34.16 25.07
N ALA F 114 -22.80 34.55 25.96
CA ALA F 114 -22.58 34.30 27.38
C ALA F 114 -22.65 32.80 27.67
N PRO F 115 -21.85 32.32 28.62
CA PRO F 115 -21.87 30.91 28.96
C PRO F 115 -22.98 30.56 29.94
N SER F 116 -23.49 29.34 29.87
CA SER F 116 -24.51 28.90 30.81
C SER F 116 -23.68 28.14 31.84
N VAL F 117 -23.87 28.45 33.11
CA VAL F 117 -23.08 27.84 34.16
C VAL F 117 -23.87 26.88 35.05
N PHE F 118 -23.29 25.72 35.30
CA PHE F 118 -23.91 24.71 36.16
C PHE F 118 -22.85 24.14 37.07
N ILE F 119 -23.28 23.58 38.20
CA ILE F 119 -22.35 23.00 39.15
C ILE F 119 -22.88 21.64 39.59
N PHE F 120 -21.99 20.67 39.68
CA PHE F 120 -22.35 19.32 40.06
C PHE F 120 -21.56 18.89 41.29
N PRO F 121 -22.26 18.52 42.36
CA PRO F 121 -21.53 18.10 43.55
C PRO F 121 -21.07 16.65 43.35
N PRO F 122 -20.07 16.21 44.11
CA PRO F 122 -19.62 14.83 43.93
C PRO F 122 -20.75 13.85 44.19
N SER F 123 -20.77 12.75 43.45
CA SER F 123 -21.81 11.74 43.64
C SER F 123 -21.55 11.01 44.95
N ASP F 124 -22.55 10.29 45.44
CA ASP F 124 -22.38 9.54 46.68
C ASP F 124 -21.49 8.33 46.44
N GLU F 125 -21.70 7.71 45.28
CA GLU F 125 -20.93 6.54 44.87
C GLU F 125 -19.43 6.86 44.87
N GLN F 126 -19.06 8.01 44.33
CA GLN F 126 -17.66 8.40 44.30
C GLN F 126 -17.14 8.64 45.71
N LEU F 127 -17.93 9.35 46.52
CA LEU F 127 -17.55 9.64 47.90
C LEU F 127 -17.20 8.35 48.64
N LYS F 128 -18.00 7.32 48.41
CA LYS F 128 -17.78 6.01 49.01
C LYS F 128 -16.34 5.55 48.75
N SER F 129 -15.79 5.99 47.63
CA SER F 129 -14.42 5.63 47.25
C SER F 129 -13.37 6.36 48.09
N GLY F 130 -13.66 7.62 48.44
CA GLY F 130 -12.74 8.40 49.25
C GLY F 130 -12.28 9.67 48.56
N THR F 131 -12.71 9.83 47.31
CA THR F 131 -12.36 11.00 46.51
C THR F 131 -13.58 11.87 46.23
N ALA F 132 -13.39 13.19 46.27
CA ALA F 132 -14.48 14.11 46.03
C ALA F 132 -14.18 14.98 44.80
N SER F 133 -15.02 14.85 43.78
CA SER F 133 -14.85 15.62 42.54
C SER F 133 -16.02 16.57 42.31
N VAL F 134 -15.76 17.87 42.41
CA VAL F 134 -16.80 18.86 42.16
C VAL F 134 -16.60 19.35 40.73
N VAL F 135 -17.68 19.46 39.96
CA VAL F 135 -17.57 19.88 38.57
C VAL F 135 -18.39 21.10 38.21
N CYS F 136 -17.75 22.06 37.55
CA CYS F 136 -18.40 23.30 37.10
C CYS F 136 -18.48 23.27 35.57
N LEU F 137 -19.63 23.63 35.03
CA LEU F 137 -19.86 23.60 33.59
C LEU F 137 -20.25 24.95 32.94
N LEU F 138 -19.46 25.36 31.96
CA LEU F 138 -19.74 26.57 31.19
C LEU F 138 -20.18 26.06 29.83
N ASN F 139 -21.43 26.32 29.47
CA ASN F 139 -21.93 25.84 28.20
C ASN F 139 -22.04 26.86 27.07
N ASN F 140 -21.71 26.41 25.87
CA ASN F 140 -21.79 27.19 24.64
C ASN F 140 -21.49 28.68 24.73
N PHE F 141 -20.21 29.04 24.79
CA PHE F 141 -19.85 30.44 24.87
C PHE F 141 -18.78 30.86 23.84
N TYR F 142 -18.67 32.16 23.64
CA TYR F 142 -17.72 32.73 22.70
C TYR F 142 -17.48 34.17 23.15
N PRO F 143 -16.21 34.64 23.13
CA PRO F 143 -14.96 33.98 22.73
C PRO F 143 -14.59 32.79 23.63
N ARG F 144 -13.45 32.19 23.34
CA ARG F 144 -12.98 31.04 24.09
C ARG F 144 -12.50 31.42 25.50
N GLU F 145 -11.86 32.59 25.61
CA GLU F 145 -11.34 33.05 26.88
C GLU F 145 -12.41 33.22 27.94
N ALA F 146 -12.14 32.67 29.13
CA ALA F 146 -13.04 32.74 30.26
C ALA F 146 -12.26 32.49 31.54
N LYS F 147 -12.72 33.08 32.64
CA LYS F 147 -12.08 32.92 33.94
C LYS F 147 -12.96 32.11 34.88
N VAL F 148 -12.41 31.01 35.38
CA VAL F 148 -13.15 30.13 36.29
C VAL F 148 -12.38 29.93 37.58
N GLN F 149 -12.94 30.39 38.69
CA GLN F 149 -12.27 30.23 39.97
C GLN F 149 -13.16 29.51 40.99
N TRP F 150 -12.52 28.68 41.80
CA TRP F 150 -13.23 27.92 42.82
C TRP F 150 -13.14 28.56 44.20
N LYS F 151 -14.26 28.52 44.92
CA LYS F 151 -14.34 29.07 46.26
C LYS F 151 -14.94 28.03 47.21
N VAL F 152 -14.21 27.73 48.28
CA VAL F 152 -14.67 26.77 49.30
C VAL F 152 -14.80 27.54 50.60
N ASP F 153 -16.03 27.88 50.96
CA ASP F 153 -16.30 28.67 52.17
C ASP F 153 -15.68 30.05 51.97
N ASN F 154 -15.83 30.58 50.76
CA ASN F 154 -15.31 31.89 50.40
C ASN F 154 -13.78 31.94 50.33
N ALA F 155 -13.14 30.82 50.63
CA ALA F 155 -11.68 30.75 50.57
C ALA F 155 -11.27 30.41 49.14
N LEU F 156 -10.40 31.22 48.57
CA LEU F 156 -9.94 31.03 47.19
C LEU F 156 -9.22 29.70 46.99
N GLN F 157 -9.58 28.98 45.93
CA GLN F 157 -8.95 27.70 45.63
C GLN F 157 -7.85 27.91 44.59
N SER F 158 -6.90 26.98 44.54
CA SER F 158 -5.82 27.07 43.57
C SER F 158 -4.93 25.84 43.63
N GLY F 159 -4.48 25.40 42.45
CA GLY F 159 -3.61 24.23 42.39
C GLY F 159 -4.33 22.93 42.64
N ASN F 160 -5.64 22.98 42.88
CA ASN F 160 -6.41 21.75 43.13
C ASN F 160 -7.57 21.55 42.16
N SER F 161 -7.39 22.01 40.92
CA SER F 161 -8.41 21.88 39.88
C SER F 161 -7.77 21.77 38.51
N GLN F 162 -8.53 21.25 37.55
CA GLN F 162 -8.05 21.11 36.19
C GLN F 162 -9.14 21.56 35.22
N GLU F 163 -8.72 22.12 34.10
CA GLU F 163 -9.64 22.61 33.08
C GLU F 163 -9.49 21.85 31.76
N SER F 164 -10.55 21.90 30.95
CA SER F 164 -10.56 21.25 29.65
C SER F 164 -11.56 21.99 28.79
N VAL F 165 -11.17 22.31 27.56
CA VAL F 165 -12.04 23.02 26.63
C VAL F 165 -12.30 22.17 25.40
N THR F 166 -13.54 22.14 24.93
CA THR F 166 -13.83 21.34 23.75
C THR F 166 -13.34 22.10 22.51
N GLU F 167 -13.38 21.47 21.35
CA GLU F 167 -12.97 22.14 20.13
C GLU F 167 -14.15 23.06 19.83
N GLN F 168 -13.98 23.99 18.90
CA GLN F 168 -15.08 24.91 18.57
C GLN F 168 -16.22 24.11 17.95
N ASP F 169 -17.44 24.36 18.41
CA ASP F 169 -18.61 23.64 17.91
C ASP F 169 -18.83 23.88 16.41
N SER F 170 -19.14 22.81 15.69
CA SER F 170 -19.36 22.90 14.25
C SER F 170 -20.75 23.42 13.88
N LYS F 171 -21.68 23.41 14.83
CA LYS F 171 -23.02 23.89 14.54
C LYS F 171 -23.30 25.34 14.95
N ASP F 172 -22.80 25.77 16.12
CA ASP F 172 -23.02 27.15 16.55
C ASP F 172 -21.74 27.92 16.81
N SER F 173 -20.59 27.30 16.58
CA SER F 173 -19.30 27.96 16.77
C SER F 173 -18.97 28.38 18.20
N THR F 174 -19.52 27.69 19.19
CA THR F 174 -19.23 28.03 20.58
C THR F 174 -18.24 27.05 21.21
N TYR F 175 -17.80 27.39 22.40
CA TYR F 175 -16.88 26.56 23.16
C TYR F 175 -17.62 26.15 24.43
N SER F 176 -17.12 25.11 25.07
CA SER F 176 -17.67 24.62 26.32
C SER F 176 -16.46 24.24 27.16
N LEU F 177 -16.49 24.60 28.44
CA LEU F 177 -15.38 24.32 29.33
C LEU F 177 -15.86 23.67 30.61
N SER F 178 -15.00 22.86 31.20
CA SER F 178 -15.34 22.20 32.46
C SER F 178 -14.20 22.44 33.41
N SER F 179 -14.52 22.70 34.67
CA SER F 179 -13.49 22.88 35.68
C SER F 179 -13.78 21.87 36.78
N THR F 180 -12.78 21.08 37.14
CA THR F 180 -12.96 20.06 38.16
C THR F 180 -12.06 20.23 39.39
N LEU F 181 -12.71 20.33 40.54
CA LEU F 181 -12.04 20.46 41.82
C LEU F 181 -11.99 19.07 42.43
N THR F 182 -10.81 18.55 42.69
CA THR F 182 -10.70 17.21 43.26
C THR F 182 -10.03 17.22 44.63
N LEU F 183 -10.76 16.77 45.64
CA LEU F 183 -10.26 16.71 47.00
C LEU F 183 -10.51 15.33 47.59
N SER F 184 -9.88 15.06 48.72
CA SER F 184 -10.08 13.78 49.40
C SER F 184 -11.45 13.85 50.06
N LYS F 185 -12.04 12.69 50.33
CA LYS F 185 -13.36 12.69 50.97
C LYS F 185 -13.29 13.36 52.32
N ALA F 186 -12.11 13.30 52.94
CA ALA F 186 -11.90 13.91 54.25
C ALA F 186 -11.96 15.42 54.17
N ASP F 187 -11.20 15.98 53.23
CA ASP F 187 -11.15 17.43 53.04
C ASP F 187 -12.52 18.00 52.69
N TYR F 188 -13.21 17.32 51.80
CA TYR F 188 -14.53 17.75 51.35
C TYR F 188 -15.56 17.86 52.48
N GLU F 189 -15.42 17.01 53.49
CA GLU F 189 -16.36 17.01 54.61
C GLU F 189 -16.18 18.13 55.63
N LYS F 190 -15.07 18.86 55.55
CA LYS F 190 -14.84 19.94 56.51
C LYS F 190 -15.36 21.28 55.99
N HIS F 191 -16.08 21.26 54.87
CA HIS F 191 -16.60 22.48 54.30
C HIS F 191 -18.06 22.32 53.92
N LYS F 192 -18.80 23.43 53.94
CA LYS F 192 -20.23 23.36 53.62
C LYS F 192 -20.61 24.00 52.28
N VAL F 193 -20.00 25.14 51.97
CA VAL F 193 -20.33 25.80 50.72
C VAL F 193 -19.24 25.65 49.66
N TYR F 194 -19.68 25.31 48.46
CA TYR F 194 -18.78 25.13 47.32
C TYR F 194 -19.32 25.97 46.19
N ALA F 195 -18.51 26.92 45.72
CA ALA F 195 -18.95 27.81 44.65
C ALA F 195 -18.03 27.90 43.44
N CYS F 196 -18.64 28.17 42.29
CA CYS F 196 -17.92 28.33 41.04
C CYS F 196 -18.08 29.79 40.59
N GLU F 197 -16.97 30.50 40.45
CA GLU F 197 -16.97 31.90 40.03
C GLU F 197 -16.56 32.01 38.56
N VAL F 198 -17.47 32.50 37.73
CA VAL F 198 -17.18 32.63 36.30
C VAL F 198 -17.31 34.05 35.77
N THR F 199 -16.27 34.50 35.08
CA THR F 199 -16.28 35.83 34.48
C THR F 199 -16.03 35.66 32.98
N HIS F 200 -16.88 36.26 32.16
CA HIS F 200 -16.74 36.16 30.71
C HIS F 200 -17.24 37.41 29.99
N GLN F 201 -16.57 37.76 28.89
CA GLN F 201 -16.95 38.94 28.11
C GLN F 201 -18.46 39.09 27.98
N GLY F 202 -19.14 37.99 27.69
CA GLY F 202 -20.58 38.03 27.55
C GLY F 202 -21.30 38.22 28.87
N LEU F 203 -20.55 38.33 29.96
CA LEU F 203 -21.15 38.50 31.28
C LEU F 203 -20.86 39.86 31.90
N SER F 204 -21.91 40.68 32.05
CA SER F 204 -21.77 42.01 32.65
C SER F 204 -21.26 41.83 34.08
N SER F 205 -21.83 40.85 34.78
CA SER F 205 -21.43 40.58 36.15
C SER F 205 -21.00 39.13 36.31
N PRO F 206 -20.00 38.89 37.17
CA PRO F 206 -19.48 37.54 37.42
C PRO F 206 -20.57 36.63 38.01
N VAL F 207 -20.91 35.58 37.27
CA VAL F 207 -21.92 34.62 37.72
C VAL F 207 -21.27 33.60 38.64
N THR F 208 -21.94 33.29 39.74
CA THR F 208 -21.45 32.33 40.72
C THR F 208 -22.49 31.24 40.98
N LYS F 209 -22.06 29.98 40.88
CA LYS F 209 -22.94 28.86 41.16
C LYS F 209 -22.37 28.13 42.37
N SER F 210 -23.22 27.80 43.32
CA SER F 210 -22.77 27.12 44.54
C SER F 210 -23.81 26.18 45.12
N PHE F 211 -23.40 25.42 46.13
CA PHE F 211 -24.28 24.49 46.81
C PHE F 211 -23.73 24.19 48.21
N ASN F 212 -24.62 23.75 49.10
CA ASN F 212 -24.26 23.42 50.47
C ASN F 212 -24.23 21.90 50.60
N ARG F 213 -23.15 21.34 51.10
CA ARG F 213 -23.09 19.89 51.28
C ARG F 213 -24.39 19.47 51.97
N GLY F 214 -25.17 18.64 51.31
CA GLY F 214 -26.44 18.19 51.87
C GLY F 214 -27.46 19.31 51.97
N GLU G 1 -2.34 4.81 -5.64
CA GLU G 1 -1.12 5.66 -5.59
C GLU G 1 -0.52 5.77 -4.18
N VAL G 2 0.50 6.62 -4.05
CA VAL G 2 1.22 6.83 -2.79
C VAL G 2 0.41 6.78 -1.50
N GLN G 3 0.77 5.84 -0.64
CA GLN G 3 0.11 5.66 0.64
C GLN G 3 1.14 5.27 1.70
N LEU G 4 1.02 5.87 2.88
CA LEU G 4 1.93 5.55 3.98
C LEU G 4 1.03 5.04 5.09
N VAL G 5 1.15 3.75 5.38
CA VAL G 5 0.36 3.13 6.43
C VAL G 5 1.28 2.80 7.58
N GLU G 6 0.91 3.24 8.78
CA GLU G 6 1.73 3.01 9.94
C GLU G 6 1.17 1.92 10.84
N SER G 7 2.05 1.37 11.66
CA SER G 7 1.71 0.33 12.62
C SER G 7 0.82 0.90 13.70
N GLY G 8 0.17 0.02 14.45
CA GLY G 8 -0.75 0.43 15.50
C GLY G 8 -0.24 1.14 16.74
N ALA G 9 -1.19 1.58 17.57
CA ALA G 9 -0.91 2.28 18.82
C ALA G 9 -0.01 1.49 19.72
N GLU G 10 0.78 2.20 20.53
CA GLU G 10 1.70 1.55 21.43
C GLU G 10 1.71 2.15 22.83
N VAL G 11 1.88 1.27 23.82
CA VAL G 11 1.95 1.67 25.23
C VAL G 11 3.27 1.09 25.73
N LYS G 12 4.15 1.95 26.24
CA LYS G 12 5.46 1.49 26.71
C LYS G 12 5.76 1.93 28.15
N LYS G 13 6.77 1.31 28.74
CA LYS G 13 7.16 1.69 30.09
C LYS G 13 8.47 2.47 30.03
N PRO G 14 8.72 3.36 31.00
CA PRO G 14 9.94 4.16 31.01
C PRO G 14 11.19 3.28 30.82
N GLY G 15 12.13 3.77 30.03
CA GLY G 15 13.37 3.03 29.81
C GLY G 15 13.35 2.04 28.66
N SER G 16 12.16 1.66 28.19
CA SER G 16 12.10 0.71 27.09
C SER G 16 12.34 1.42 25.75
N SER G 17 12.25 0.66 24.67
CA SER G 17 12.45 1.21 23.34
C SER G 17 11.26 0.83 22.45
N VAL G 18 10.89 1.71 21.53
CA VAL G 18 9.77 1.41 20.64
C VAL G 18 10.22 1.48 19.19
N LYS G 19 9.61 0.66 18.35
CA LYS G 19 9.97 0.65 16.94
C LYS G 19 8.69 0.76 16.13
N VAL G 20 8.51 1.89 15.49
CA VAL G 20 7.32 2.13 14.67
C VAL G 20 7.68 1.87 13.21
N SER G 21 6.76 1.29 12.46
CA SER G 21 7.01 1.02 11.06
C SER G 21 6.09 1.86 10.19
N CYS G 22 6.47 2.01 8.93
CA CYS G 22 5.71 2.81 7.98
C CYS G 22 5.85 2.14 6.62
N LYS G 23 4.74 1.70 6.04
CA LYS G 23 4.81 1.04 4.75
C LYS G 23 4.42 1.97 3.62
N ALA G 24 5.35 2.22 2.72
CA ALA G 24 5.10 3.08 1.58
C ALA G 24 4.80 2.19 0.38
N SER G 25 3.76 2.56 -0.36
CA SER G 25 3.35 1.79 -1.53
C SER G 25 2.81 2.77 -2.55
N GLY G 26 2.80 2.38 -3.82
CA GLY G 26 2.29 3.25 -4.85
C GLY G 26 3.27 3.94 -5.80
N ASP G 27 4.56 3.71 -5.59
CA ASP G 27 5.58 4.31 -6.45
C ASP G 27 6.95 3.75 -6.10
N THR G 28 7.97 4.13 -6.84
CA THR G 28 9.33 3.65 -6.63
C THR G 28 9.87 4.10 -5.27
N PHE G 29 9.95 3.15 -4.34
CA PHE G 29 10.41 3.37 -2.98
C PHE G 29 11.69 4.19 -2.83
N ILE G 30 12.74 3.83 -3.56
CA ILE G 30 14.01 4.53 -3.45
C ILE G 30 14.03 5.96 -4.00
N ARG G 31 13.00 6.35 -4.73
CA ARG G 31 12.94 7.70 -5.27
C ARG G 31 12.37 8.68 -4.26
N TYR G 32 12.14 8.18 -3.05
CA TYR G 32 11.61 8.99 -1.96
C TYR G 32 12.52 9.04 -0.75
N SER G 33 12.47 10.18 -0.04
CA SER G 33 13.20 10.35 1.20
C SER G 33 12.05 10.33 2.22
N PHE G 34 12.32 9.85 3.43
CA PHE G 34 11.27 9.78 4.44
C PHE G 34 11.64 10.49 5.72
N THR G 35 10.64 11.09 6.36
CA THR G 35 10.83 11.85 7.58
C THR G 35 9.85 11.47 8.68
N TRP G 36 10.29 11.59 9.93
CA TRP G 36 9.42 11.31 11.07
C TRP G 36 9.21 12.60 11.86
N VAL G 37 7.95 12.83 12.21
CA VAL G 37 7.53 14.01 12.96
C VAL G 37 6.68 13.56 14.13
N ARG G 38 6.88 14.19 15.29
CA ARG G 38 6.10 13.82 16.48
C ARG G 38 5.29 15.01 16.97
N GLN G 39 4.25 14.69 17.73
CA GLN G 39 3.37 15.72 18.25
C GLN G 39 2.77 15.28 19.57
N ALA G 40 3.20 15.92 20.66
CA ALA G 40 2.68 15.60 21.97
C ALA G 40 1.25 16.14 22.01
N PRO G 41 0.40 15.58 22.87
CA PRO G 41 -0.98 16.04 22.97
C PRO G 41 -1.12 17.54 23.22
N GLY G 42 -1.88 18.21 22.35
CA GLY G 42 -2.10 19.64 22.46
C GLY G 42 -0.92 20.50 22.06
N GLN G 43 0.14 19.86 21.58
CA GLN G 43 1.37 20.55 21.18
C GLN G 43 1.50 20.68 19.66
N GLY G 44 2.63 21.23 19.23
CA GLY G 44 2.90 21.40 17.81
C GLY G 44 3.72 20.27 17.21
N LEU G 45 4.09 20.43 15.95
CA LEU G 45 4.88 19.44 15.21
C LEU G 45 6.38 19.55 15.52
N GLU G 46 7.04 18.41 15.70
CA GLU G 46 8.47 18.40 15.97
C GLU G 46 9.20 17.46 15.01
N TRP G 47 10.17 18.01 14.29
CA TRP G 47 10.95 17.24 13.34
C TRP G 47 11.94 16.35 14.11
N MET G 48 11.95 15.06 13.78
CA MET G 48 12.84 14.10 14.45
C MET G 48 14.04 13.70 13.58
N GLY G 49 13.80 13.44 12.31
CA GLY G 49 14.87 13.05 11.41
C GLY G 49 14.38 12.74 10.01
N ARG G 50 15.32 12.55 9.08
CA ARG G 50 15.01 12.26 7.69
C ARG G 50 16.07 11.34 7.12
N ILE G 51 15.64 10.34 6.36
CA ILE G 51 16.57 9.39 5.75
C ILE G 51 16.53 9.46 4.22
N ILE G 52 17.72 9.60 3.63
CA ILE G 52 17.86 9.66 2.18
C ILE G 52 17.92 8.20 1.76
N THR G 53 16.75 7.62 1.57
CA THR G 53 16.60 6.21 1.22
C THR G 53 17.62 5.60 0.26
N ILE G 54 17.77 6.20 -0.91
CA ILE G 54 18.69 5.71 -1.93
C ILE G 54 20.13 5.57 -1.43
N LEU G 55 20.51 6.47 -0.53
CA LEU G 55 21.84 6.49 0.06
C LEU G 55 21.88 5.68 1.35
N ASP G 56 20.70 5.42 1.90
CA ASP G 56 20.57 4.71 3.15
C ASP G 56 21.31 5.50 4.21
N VAL G 57 21.12 6.83 4.16
CA VAL G 57 21.75 7.75 5.09
C VAL G 57 20.65 8.56 5.75
N ALA G 58 20.76 8.74 7.07
CA ALA G 58 19.76 9.51 7.79
C ALA G 58 20.39 10.57 8.68
N HIS G 59 19.66 11.66 8.88
CA HIS G 59 20.11 12.74 9.74
C HIS G 59 19.06 12.98 10.82
N TYR G 60 19.52 13.32 12.02
CA TYR G 60 18.60 13.52 13.14
C TYR G 60 18.60 14.89 13.81
N ALA G 61 17.54 15.16 14.54
CA ALA G 61 17.41 16.42 15.28
C ALA G 61 18.41 16.30 16.44
N PRO G 62 19.15 17.37 16.73
CA PRO G 62 20.15 17.38 17.81
C PRO G 62 19.68 16.83 19.16
N HIS G 63 18.61 17.41 19.70
CA HIS G 63 18.09 17.02 21.00
C HIS G 63 17.78 15.53 21.25
N LEU G 64 17.49 14.78 20.19
CA LEU G 64 17.19 13.35 20.34
C LEU G 64 18.49 12.56 20.38
N GLN G 65 19.44 13.10 21.15
CA GLN G 65 20.78 12.52 21.32
C GLN G 65 20.97 11.01 21.28
N GLY G 66 21.25 10.49 20.10
CA GLY G 66 21.49 9.07 19.93
C GLY G 66 20.39 8.10 20.30
N ARG G 67 19.27 8.60 20.85
CA ARG G 67 18.19 7.69 21.21
C ARG G 67 17.43 7.20 19.99
N VAL G 68 17.53 7.97 18.90
CA VAL G 68 16.81 7.67 17.68
C VAL G 68 17.60 7.01 16.57
N THR G 69 16.90 6.22 15.76
CA THR G 69 17.49 5.51 14.64
C THR G 69 16.41 5.28 13.56
N ILE G 70 16.66 5.80 12.37
CA ILE G 70 15.72 5.66 11.26
C ILE G 70 16.28 4.73 10.18
N THR G 71 15.55 3.66 9.89
CA THR G 71 15.99 2.71 8.87
C THR G 71 14.98 2.54 7.75
N ALA G 72 15.44 1.97 6.64
CA ALA G 72 14.61 1.72 5.49
C ALA G 72 14.94 0.33 4.98
N ASP G 73 13.90 -0.45 4.72
CA ASP G 73 14.07 -1.80 4.22
C ASP G 73 13.45 -1.85 2.83
N LYS G 74 14.30 -1.88 1.82
CA LYS G 74 13.84 -1.90 0.43
C LYS G 74 13.09 -3.14 -0.01
N SER G 75 13.25 -4.25 0.71
CA SER G 75 12.58 -5.50 0.34
C SER G 75 11.09 -5.43 0.63
N THR G 76 10.74 -4.69 1.68
CA THR G 76 9.34 -4.57 2.06
C THR G 76 8.82 -3.15 1.84
N SER G 77 9.68 -2.29 1.31
CA SER G 77 9.29 -0.90 1.06
C SER G 77 8.70 -0.34 2.34
N THR G 78 9.45 -0.51 3.43
CA THR G 78 9.01 -0.04 4.74
C THR G 78 10.07 0.83 5.43
N VAL G 79 9.62 1.88 6.10
CA VAL G 79 10.51 2.77 6.83
C VAL G 79 10.29 2.49 8.32
N TYR G 80 11.34 2.64 9.13
CA TYR G 80 11.23 2.36 10.55
C TYR G 80 11.74 3.50 11.40
N LEU G 81 11.18 3.61 12.60
CA LEU G 81 11.60 4.63 13.54
C LEU G 81 11.76 3.96 14.90
N GLU G 82 12.94 4.08 15.47
CA GLU G 82 13.19 3.50 16.77
C GLU G 82 13.61 4.62 17.71
N LEU G 83 13.01 4.63 18.89
CA LEU G 83 13.32 5.62 19.91
C LEU G 83 13.56 4.74 21.13
N ARG G 84 14.74 4.85 21.74
CA ARG G 84 15.05 4.01 22.88
C ARG G 84 15.12 4.75 24.21
N ASN G 85 15.12 3.99 25.30
CA ASN G 85 15.16 4.56 26.64
C ASN G 85 14.06 5.62 26.76
N LEU G 86 12.84 5.19 26.47
CA LEU G 86 11.65 6.04 26.51
C LEU G 86 11.32 6.74 27.82
N ARG G 87 10.82 7.96 27.72
CA ARG G 87 10.43 8.77 28.87
C ARG G 87 8.96 9.14 28.75
N SER G 88 8.33 9.43 29.88
CA SER G 88 6.93 9.81 29.88
C SER G 88 6.71 10.97 28.89
N ASP G 89 7.66 11.88 28.80
CA ASP G 89 7.50 13.01 27.91
C ASP G 89 7.67 12.66 26.43
N ASP G 90 7.97 11.40 26.11
CA ASP G 90 8.07 10.98 24.71
C ASP G 90 6.66 10.59 24.26
N THR G 91 5.70 10.64 25.18
CA THR G 91 4.31 10.31 24.85
C THR G 91 3.87 11.22 23.73
N ALA G 92 3.49 10.64 22.60
CA ALA G 92 3.10 11.48 21.49
C ALA G 92 2.54 10.68 20.31
N VAL G 93 2.10 11.40 19.29
CA VAL G 93 1.61 10.79 18.07
C VAL G 93 2.79 10.94 17.12
N TYR G 94 3.27 9.82 16.59
CA TYR G 94 4.39 9.85 15.68
C TYR G 94 3.87 9.70 14.27
N PHE G 95 4.25 10.63 13.41
CA PHE G 95 3.82 10.63 12.02
C PHE G 95 5.00 10.28 11.13
N CYS G 96 4.74 9.53 10.09
CA CYS G 96 5.74 9.18 9.13
C CYS G 96 5.31 10.01 7.93
N ALA G 97 6.27 10.45 7.12
CA ALA G 97 5.95 11.27 5.95
C ALA G 97 7.07 11.17 4.94
N GLY G 98 6.76 11.46 3.67
CA GLY G 98 7.79 11.37 2.64
C GLY G 98 7.53 12.21 1.41
N VAL G 99 8.55 12.33 0.56
CA VAL G 99 8.40 13.14 -0.64
C VAL G 99 9.26 12.61 -1.80
N TYR G 100 8.75 12.82 -3.01
CA TYR G 100 9.44 12.40 -4.22
C TYR G 100 10.70 13.25 -4.41
N GLU G 101 11.81 12.60 -4.74
CA GLU G 101 13.09 13.30 -4.91
C GLU G 101 13.61 13.27 -6.35
N GLY G 102 12.93 12.52 -7.20
CA GLY G 102 13.37 12.43 -8.58
C GLY G 102 13.95 11.06 -8.89
N GLU G 103 14.62 10.96 -10.03
CA GLU G 103 15.19 9.70 -10.48
C GLU G 103 16.46 9.35 -9.72
N ALA G 104 16.29 8.99 -8.44
CA ALA G 104 17.43 8.65 -7.60
C ALA G 104 18.31 7.56 -8.23
N ASP G 105 17.70 6.49 -8.71
CA ASP G 105 18.44 5.40 -9.31
C ASP G 105 19.24 5.82 -10.54
N GLU G 106 18.89 6.97 -11.12
CA GLU G 106 19.60 7.47 -12.29
C GLU G 106 20.61 8.55 -11.91
N GLY G 107 20.67 8.89 -10.63
CA GLY G 107 21.60 9.91 -10.18
C GLY G 107 20.98 11.26 -9.86
N GLU G 108 19.73 11.48 -10.28
CA GLU G 108 19.06 12.75 -10.00
C GLU G 108 18.53 12.77 -8.58
N TYR G 109 18.60 13.93 -7.93
CA TYR G 109 18.08 14.04 -6.56
C TYR G 109 17.87 15.48 -6.15
N ASP G 110 16.63 15.82 -5.80
CA ASP G 110 16.31 17.19 -5.38
C ASP G 110 16.71 17.44 -3.92
N ASN G 111 16.59 16.41 -3.09
CA ASN G 111 16.92 16.52 -1.67
C ASN G 111 15.92 17.53 -1.10
N ASN G 112 14.64 17.24 -1.28
CA ASN G 112 13.56 18.09 -0.80
C ASN G 112 13.36 18.01 0.70
N GLY G 113 13.16 19.17 1.32
CA GLY G 113 12.97 19.23 2.76
C GLY G 113 11.54 19.14 3.23
N PHE G 114 10.57 19.51 2.39
CA PHE G 114 9.15 19.47 2.78
C PHE G 114 8.51 18.07 2.76
N LEU G 115 7.25 17.99 3.18
CA LEU G 115 6.56 16.71 3.28
C LEU G 115 5.18 16.65 2.63
N LYS G 116 5.12 15.98 1.46
CA LYS G 116 3.87 15.87 0.71
C LYS G 116 2.93 14.74 1.15
N HIS G 117 3.49 13.58 1.46
CA HIS G 117 2.69 12.44 1.87
C HIS G 117 2.87 12.11 3.34
N TRP G 118 1.76 11.80 4.01
CA TRP G 118 1.75 11.51 5.44
C TRP G 118 1.02 10.25 5.87
N GLY G 119 1.55 9.58 6.89
CA GLY G 119 0.91 8.39 7.41
C GLY G 119 -0.27 8.85 8.26
N GLN G 120 -0.98 7.91 8.88
CA GLN G 120 -2.12 8.28 9.70
C GLN G 120 -1.68 8.60 11.13
N GLY G 121 -0.40 8.41 11.39
CA GLY G 121 0.12 8.67 12.72
C GLY G 121 -0.05 7.47 13.63
N THR G 122 0.86 7.34 14.59
CA THR G 122 0.83 6.23 15.53
C THR G 122 0.97 6.79 16.93
N LEU G 123 0.00 6.51 17.80
CA LEU G 123 0.05 7.00 19.17
C LEU G 123 0.98 6.16 20.03
N VAL G 124 1.85 6.82 20.77
CA VAL G 124 2.76 6.11 21.66
C VAL G 124 2.69 6.67 23.08
N THR G 125 2.16 5.87 23.99
CA THR G 125 2.03 6.28 25.36
C THR G 125 3.13 5.67 26.21
N VAL G 126 3.86 6.52 26.92
CA VAL G 126 4.92 6.03 27.78
C VAL G 126 4.52 6.39 29.20
N SER G 127 4.37 5.37 30.04
CA SER G 127 3.96 5.56 31.43
C SER G 127 4.26 4.33 32.26
N SER G 128 4.47 4.56 33.55
CA SER G 128 4.73 3.47 34.47
C SER G 128 3.41 2.80 34.82
N ALA G 129 2.30 3.46 34.46
CA ALA G 129 0.95 2.98 34.74
C ALA G 129 0.59 1.69 34.01
N SER G 130 -0.36 0.95 34.55
CA SER G 130 -0.83 -0.27 33.93
C SER G 130 -2.27 -0.03 33.45
N THR G 131 -2.64 -0.67 32.35
CA THR G 131 -3.97 -0.51 31.77
C THR G 131 -5.05 -0.58 32.84
N LYS G 132 -5.90 0.45 32.88
CA LYS G 132 -6.97 0.52 33.86
C LYS G 132 -8.28 1.13 33.33
N GLY G 133 -9.38 0.45 33.64
CA GLY G 133 -10.69 0.94 33.21
C GLY G 133 -11.16 2.07 34.10
N PRO G 134 -12.02 2.95 33.58
CA PRO G 134 -12.55 4.10 34.33
C PRO G 134 -13.70 3.79 35.27
N SER G 135 -13.86 4.64 36.27
CA SER G 135 -14.97 4.55 37.22
C SER G 135 -15.91 5.60 36.68
N VAL G 136 -17.18 5.26 36.50
CA VAL G 136 -18.13 6.20 35.95
C VAL G 136 -19.13 6.70 37.00
N PHE G 137 -19.10 8.00 37.26
CA PHE G 137 -19.98 8.62 38.25
C PHE G 137 -20.98 9.59 37.63
N PRO G 138 -22.23 9.58 38.11
CA PRO G 138 -23.26 10.47 37.56
C PRO G 138 -23.11 11.91 38.00
N LEU G 139 -23.31 12.82 37.06
CA LEU G 139 -23.27 14.26 37.32
C LEU G 139 -24.75 14.63 37.24
N ALA G 140 -25.49 14.25 38.29
CA ALA G 140 -26.93 14.48 38.35
C ALA G 140 -27.37 15.94 38.32
N PRO G 141 -28.51 16.20 37.67
CA PRO G 141 -29.12 17.52 37.52
C PRO G 141 -29.48 18.12 38.88
N SER G 142 -29.32 19.43 39.02
CA SER G 142 -29.64 20.14 40.26
C SER G 142 -30.82 21.07 40.04
N SER G 143 -30.54 22.38 39.94
CA SER G 143 -31.58 23.38 39.70
C SER G 143 -31.61 23.71 38.20
N LYS G 144 -30.42 23.96 37.66
CA LYS G 144 -30.24 24.25 36.23
C LYS G 144 -30.75 25.57 35.66
N SER G 145 -30.71 25.68 34.34
CA SER G 145 -31.08 26.90 33.60
C SER G 145 -32.54 27.13 33.21
N THR G 146 -32.88 28.42 33.12
CA THR G 146 -34.22 28.88 32.74
C THR G 146 -35.30 28.41 33.72
N SER G 147 -36.56 28.70 33.40
CA SER G 147 -37.69 28.31 34.24
C SER G 147 -37.81 26.79 34.32
N GLY G 148 -36.79 26.15 34.87
CA GLY G 148 -36.79 24.71 34.99
C GLY G 148 -37.05 24.07 33.63
N GLY G 149 -36.64 24.77 32.57
CA GLY G 149 -36.84 24.26 31.23
C GLY G 149 -35.69 23.36 30.78
N THR G 150 -34.48 23.84 30.97
CA THR G 150 -33.29 23.09 30.58
C THR G 150 -32.55 22.47 31.77
N ALA G 151 -32.05 21.26 31.56
CA ALA G 151 -31.32 20.55 32.61
C ALA G 151 -30.00 19.97 32.07
N ALA G 152 -28.91 20.23 32.76
CA ALA G 152 -27.61 19.72 32.35
C ALA G 152 -27.31 18.42 33.10
N LEU G 153 -27.03 17.36 32.35
CA LEU G 153 -26.73 16.04 32.93
C LEU G 153 -25.34 15.63 32.46
N GLY G 154 -24.63 14.86 33.28
CA GLY G 154 -23.30 14.43 32.87
C GLY G 154 -22.80 13.14 33.48
N CYS G 155 -21.60 12.76 33.07
CA CYS G 155 -20.93 11.55 33.56
C CYS G 155 -19.45 11.82 33.75
N LEU G 156 -18.97 11.62 34.98
CA LEU G 156 -17.57 11.80 35.29
C LEU G 156 -16.92 10.46 34.98
N VAL G 157 -15.94 10.48 34.09
CA VAL G 157 -15.21 9.28 33.68
C VAL G 157 -13.78 9.44 34.14
N LYS G 158 -13.47 8.96 35.33
CA LYS G 158 -12.12 9.13 35.83
C LYS G 158 -11.27 7.91 36.16
N ASP G 159 -9.97 8.17 36.25
CA ASP G 159 -8.94 7.20 36.57
C ASP G 159 -8.78 6.04 35.61
N TYR G 160 -8.56 6.35 34.34
CA TYR G 160 -8.37 5.31 33.35
C TYR G 160 -7.02 5.48 32.65
N PHE G 161 -6.52 4.38 32.09
CA PHE G 161 -5.26 4.33 31.34
C PHE G 161 -5.30 3.12 30.40
N PRO G 162 -4.89 3.31 29.13
CA PRO G 162 -4.42 4.58 28.56
C PRO G 162 -5.53 5.23 27.74
N GLU G 163 -5.17 6.29 27.04
CA GLU G 163 -6.14 6.95 26.17
C GLU G 163 -6.27 5.94 25.05
N PRO G 164 -7.37 5.95 24.28
CA PRO G 164 -8.54 6.83 24.34
C PRO G 164 -9.73 6.11 24.95
N VAL G 165 -10.78 6.89 25.22
CA VAL G 165 -12.01 6.36 25.77
C VAL G 165 -13.11 7.05 24.97
N THR G 166 -14.14 6.28 24.60
CA THR G 166 -15.25 6.82 23.83
C THR G 166 -16.49 6.96 24.68
N VAL G 167 -17.23 8.04 24.47
CA VAL G 167 -18.45 8.28 25.21
C VAL G 167 -19.57 8.68 24.26
N SER G 168 -20.77 8.22 24.57
CA SER G 168 -21.96 8.53 23.80
C SER G 168 -23.11 8.49 24.80
N TRP G 169 -24.27 8.98 24.38
CA TRP G 169 -25.43 9.00 25.24
C TRP G 169 -26.58 8.25 24.57
N ASN G 170 -27.27 7.44 25.36
CA ASN G 170 -28.37 6.63 24.86
C ASN G 170 -27.96 5.83 23.64
N SER G 171 -26.77 5.24 23.75
CA SER G 171 -26.18 4.42 22.70
C SER G 171 -25.91 5.17 21.40
N GLY G 172 -25.68 6.48 21.52
CA GLY G 172 -25.40 7.29 20.35
C GLY G 172 -26.59 7.97 19.73
N ALA G 173 -27.79 7.68 20.23
CA ALA G 173 -29.01 8.28 19.67
C ALA G 173 -29.15 9.73 20.13
N LEU G 174 -28.50 10.05 21.25
CA LEU G 174 -28.54 11.41 21.78
C LEU G 174 -27.20 12.09 21.49
N THR G 175 -27.21 12.98 20.50
CA THR G 175 -26.00 13.71 20.11
C THR G 175 -26.10 15.22 20.30
N SER G 176 -27.31 15.74 20.18
CA SER G 176 -27.51 17.18 20.33
C SER G 176 -27.23 17.69 21.73
N GLY G 177 -26.44 18.75 21.81
CA GLY G 177 -26.10 19.37 23.07
C GLY G 177 -25.12 18.61 23.94
N VAL G 178 -24.54 17.52 23.43
CA VAL G 178 -23.59 16.80 24.26
C VAL G 178 -22.18 17.32 24.06
N HIS G 179 -21.45 17.40 25.16
CA HIS G 179 -20.07 17.85 25.14
C HIS G 179 -19.24 16.82 25.89
N THR G 180 -18.27 16.26 25.21
CA THR G 180 -17.37 15.29 25.80
C THR G 180 -16.02 15.97 25.71
N PHE G 181 -15.53 16.43 26.86
CA PHE G 181 -14.27 17.14 26.94
C PHE G 181 -13.01 16.31 26.78
N PRO G 182 -11.95 16.95 26.29
CA PRO G 182 -10.66 16.28 26.10
C PRO G 182 -10.24 15.78 27.47
N ALA G 183 -9.72 14.56 27.53
CA ALA G 183 -9.28 14.01 28.80
C ALA G 183 -8.08 14.79 29.30
N VAL G 184 -7.91 14.80 30.62
CA VAL G 184 -6.80 15.48 31.25
C VAL G 184 -5.96 14.42 31.95
N LEU G 185 -4.65 14.63 31.99
CA LEU G 185 -3.76 13.70 32.68
C LEU G 185 -3.60 14.16 34.13
N GLN G 186 -3.98 13.29 35.07
CA GLN G 186 -3.89 13.62 36.49
C GLN G 186 -2.51 13.36 37.08
N SER G 187 -2.25 13.93 38.24
CA SER G 187 -0.96 13.76 38.91
C SER G 187 -0.68 12.31 39.27
N SER G 188 -1.71 11.48 39.15
CA SER G 188 -1.58 10.06 39.45
C SER G 188 -1.10 9.27 38.26
N GLY G 189 -1.08 9.91 37.09
CA GLY G 189 -0.66 9.21 35.87
C GLY G 189 -1.85 8.59 35.18
N LEU G 190 -3.05 8.85 35.71
CA LEU G 190 -4.28 8.34 35.13
C LEU G 190 -5.10 9.48 34.53
N TYR G 191 -5.84 9.16 33.48
CA TYR G 191 -6.66 10.13 32.76
C TYR G 191 -8.03 10.28 33.36
N SER G 192 -8.67 11.40 33.04
CA SER G 192 -10.00 11.69 33.53
C SER G 192 -10.67 12.67 32.58
N LEU G 193 -11.99 12.58 32.49
CA LEU G 193 -12.74 13.48 31.62
C LEU G 193 -14.20 13.45 32.02
N SER G 194 -14.98 14.32 31.40
CA SER G 194 -16.40 14.39 31.67
C SER G 194 -17.15 14.55 30.38
N SER G 195 -18.39 14.09 30.38
CA SER G 195 -19.25 14.23 29.21
C SER G 195 -20.54 14.81 29.78
N VAL G 196 -21.08 15.82 29.10
CA VAL G 196 -22.30 16.44 29.57
C VAL G 196 -23.26 16.65 28.41
N VAL G 197 -24.53 16.83 28.75
CA VAL G 197 -25.57 17.07 27.75
C VAL G 197 -26.69 17.88 28.39
N THR G 198 -27.35 18.69 27.58
CA THR G 198 -28.46 19.50 28.06
C THR G 198 -29.74 18.89 27.50
N VAL G 199 -30.65 18.51 28.40
CA VAL G 199 -31.91 17.92 27.98
C VAL G 199 -33.07 18.71 28.57
N PRO G 200 -34.26 18.59 27.97
CA PRO G 200 -35.40 19.33 28.50
C PRO G 200 -35.78 18.74 29.85
N SER G 201 -35.99 19.61 30.83
CA SER G 201 -36.33 19.17 32.18
C SER G 201 -37.58 18.31 32.27
N SER G 202 -38.56 18.58 31.42
CA SER G 202 -39.81 17.82 31.42
C SER G 202 -39.62 16.36 31.00
N SER G 203 -38.43 16.02 30.53
CA SER G 203 -38.09 14.67 30.10
C SER G 203 -37.70 13.73 31.24
N LEU G 204 -37.33 14.29 32.37
CA LEU G 204 -36.91 13.50 33.52
C LEU G 204 -38.15 12.90 34.19
N GLY G 205 -38.08 11.62 34.53
CA GLY G 205 -39.24 11.01 35.17
C GLY G 205 -40.00 10.08 34.23
N THR G 206 -39.86 10.31 32.94
CA THR G 206 -40.53 9.47 31.95
C THR G 206 -39.49 8.92 30.96
N GLN G 207 -38.47 9.72 30.65
CA GLN G 207 -37.42 9.29 29.73
C GLN G 207 -36.12 9.03 30.50
N THR G 208 -35.26 8.18 29.96
CA THR G 208 -34.00 7.87 30.64
C THR G 208 -32.77 8.43 29.92
N TYR G 209 -31.72 8.65 30.69
CA TYR G 209 -30.48 9.16 30.13
C TYR G 209 -29.31 8.31 30.62
N ILE G 210 -28.63 7.70 29.66
CA ILE G 210 -27.52 6.82 29.96
C ILE G 210 -26.26 7.19 29.18
N CYS G 211 -25.13 7.25 29.86
CA CYS G 211 -23.89 7.53 29.16
C CYS G 211 -23.18 6.19 29.01
N ASN G 212 -22.85 5.83 27.78
CA ASN G 212 -22.17 4.59 27.52
C ASN G 212 -20.70 4.91 27.36
N VAL G 213 -19.87 4.27 28.17
CA VAL G 213 -18.44 4.50 28.16
C VAL G 213 -17.74 3.25 27.67
N ASN G 214 -16.90 3.41 26.65
CA ASN G 214 -16.18 2.28 26.10
C ASN G 214 -14.68 2.54 26.15
N HIS G 215 -13.97 1.64 26.83
CA HIS G 215 -12.51 1.76 26.96
C HIS G 215 -11.88 0.45 26.46
N LYS G 216 -11.57 0.41 25.16
CA LYS G 216 -10.99 -0.76 24.54
C LYS G 216 -9.76 -1.43 25.20
N PRO G 217 -8.77 -0.64 25.67
CA PRO G 217 -7.61 -1.29 26.31
C PRO G 217 -7.90 -2.17 27.53
N SER G 218 -8.96 -1.85 28.27
CA SER G 218 -9.31 -2.63 29.44
C SER G 218 -10.50 -3.52 29.13
N ASN G 219 -10.96 -3.47 27.89
CA ASN G 219 -12.11 -4.21 27.42
C ASN G 219 -13.28 -3.88 28.31
N THR G 220 -13.32 -2.62 28.75
CA THR G 220 -14.38 -2.13 29.61
C THR G 220 -15.52 -1.46 28.85
N LYS G 221 -16.75 -1.79 29.26
CA LYS G 221 -17.95 -1.23 28.67
C LYS G 221 -18.98 -1.07 29.79
N VAL G 222 -19.22 0.16 30.20
CA VAL G 222 -20.16 0.42 31.28
C VAL G 222 -21.20 1.48 30.93
N ASP G 223 -22.44 1.27 31.37
CA ASP G 223 -23.52 2.22 31.14
C ASP G 223 -23.97 2.75 32.50
N LYS G 224 -24.02 4.07 32.63
CA LYS G 224 -24.44 4.68 33.89
C LYS G 224 -25.72 5.48 33.64
N LYS G 225 -26.75 5.20 34.41
CA LYS G 225 -28.00 5.94 34.26
C LYS G 225 -27.90 7.21 35.08
N VAL G 226 -28.27 8.34 34.49
CA VAL G 226 -28.20 9.61 35.20
C VAL G 226 -29.60 10.20 35.35
N GLU G 227 -29.99 10.50 36.60
CA GLU G 227 -31.30 11.06 36.91
C GLU G 227 -31.20 11.96 38.16
N PRO G 228 -32.24 12.73 38.47
CA PRO G 228 -32.20 13.60 39.65
C PRO G 228 -31.89 12.82 40.92
N LYS G 229 -32.49 11.63 41.03
CA LYS G 229 -32.26 10.78 42.19
C LYS G 229 -32.53 11.57 43.47
CA MPT H 1 38.90 1.77 -7.07
C MPT H 1 39.08 0.44 -6.40
O MPT H 1 40.20 -0.08 -6.35
CB MPT H 1 38.96 1.70 -8.60
SG MPT H 1 39.20 0.06 -9.36
N ASN H 2 38.00 -0.13 -5.87
CA ASN H 2 38.06 -1.44 -5.22
C ASN H 2 38.24 -2.44 -6.36
N LEU H 3 39.48 -2.87 -6.60
CA LEU H 3 39.75 -3.78 -7.70
C LEU H 3 38.95 -5.08 -7.66
N HIS H 4 38.68 -5.61 -6.46
CA HIS H 4 37.94 -6.86 -6.39
C HIS H 4 36.48 -6.66 -6.82
N PHE H 5 35.86 -5.59 -6.32
CA PHE H 5 34.49 -5.29 -6.68
C PHE H 5 34.44 -4.98 -8.17
N CYS H 6 35.44 -4.27 -8.68
CA CYS H 6 35.47 -3.93 -10.09
C CYS H 6 35.53 -5.21 -10.90
N GLN H 7 36.18 -6.23 -10.35
CA GLN H 7 36.30 -7.53 -11.04
C GLN H 7 34.94 -8.22 -11.02
N LEU H 8 34.28 -8.22 -9.87
CA LEU H 8 32.97 -8.84 -9.75
C LEU H 8 32.00 -8.19 -10.71
N ARG H 9 31.92 -6.86 -10.67
CA ARG H 9 31.00 -6.12 -11.52
C ARG H 9 31.24 -6.21 -13.03
N CYS H 10 32.50 -6.17 -13.46
CA CYS H 10 32.76 -6.25 -14.89
C CYS H 10 32.41 -7.65 -15.37
N LYS H 11 32.40 -8.59 -14.43
CA LYS H 11 32.06 -9.98 -14.72
C LYS H 11 30.63 -10.01 -15.27
N SER H 12 29.79 -9.11 -14.78
CA SER H 12 28.41 -9.01 -15.27
C SER H 12 28.38 -8.67 -16.76
N LEU H 13 29.45 -8.06 -17.26
CA LEU H 13 29.51 -7.71 -18.67
C LEU H 13 30.30 -8.76 -19.48
N GLY H 14 30.71 -9.83 -18.81
CA GLY H 14 31.48 -10.86 -19.46
C GLY H 14 32.89 -10.37 -19.74
N LEU H 15 33.32 -9.38 -18.95
CA LEU H 15 34.64 -8.80 -19.14
C LEU H 15 35.51 -8.82 -17.89
N LEU H 16 36.75 -8.38 -18.07
CA LEU H 16 37.72 -8.29 -16.99
C LEU H 16 37.67 -6.86 -16.45
N GLY H 17 37.99 -6.70 -15.17
CA GLY H 17 37.96 -5.37 -14.57
C GLY H 17 39.35 -4.89 -14.20
N LYS H 18 39.53 -3.57 -14.21
CA LYS H 18 40.80 -2.97 -13.85
C LYS H 18 40.53 -1.55 -13.39
N CYS H 19 41.43 -1.00 -12.59
CA CYS H 19 41.22 0.36 -12.10
C CYS H 19 41.65 1.44 -13.07
N ALA H 20 40.84 2.48 -13.15
CA ALA H 20 41.12 3.64 -13.99
C ALA H 20 40.95 4.81 -13.02
N GLY H 21 42.00 5.05 -12.23
CA GLY H 21 41.93 6.11 -11.23
C GLY H 21 41.13 5.53 -10.08
N SER H 22 40.06 6.23 -9.68
CA SER H 22 39.19 5.76 -8.60
C SER H 22 37.94 5.09 -9.18
N PHE H 23 37.87 4.96 -10.50
CA PHE H 23 36.72 4.34 -11.14
C PHE H 23 37.01 2.95 -11.64
N CYS H 24 35.95 2.21 -11.91
CA CYS H 24 36.05 0.85 -12.40
C CYS H 24 35.92 0.85 -13.93
N ALA H 25 36.89 0.25 -14.61
CA ALA H 25 36.83 0.16 -16.07
C ALA H 25 36.86 -1.31 -16.48
N CYS H 26 35.99 -1.67 -17.41
CA CYS H 26 35.91 -3.03 -17.91
C CYS H 26 36.60 -3.11 -19.27
N VLM H 27 37.23 -4.24 -19.55
CA VLM H 27 37.92 -4.40 -20.83
C VLM H 27 37.80 -5.81 -21.39
O VLM H 27 37.77 -6.77 -20.60
CB VLM H 27 39.42 -4.04 -20.68
CG1 VLM H 27 40.14 -4.26 -22.00
CG2 VLM H 27 39.56 -2.59 -20.24
NT VLM H 27 37.74 -5.93 -22.64
C1 NAG I . -56.38 -13.18 -55.39
C2 NAG I . -54.98 -13.39 -56.01
C3 NAG I . -54.33 -12.04 -56.38
C4 NAG I . -55.28 -11.20 -57.22
C5 NAG I . -56.59 -11.04 -56.44
C6 NAG I . -57.62 -10.19 -57.17
C7 NAG I . -53.53 -15.23 -55.45
C8 NAG I . -52.02 -15.20 -55.58
N2 NAG I . -54.13 -14.09 -55.08
O3 NAG I . -53.13 -12.29 -57.11
O4 NAG I . -54.72 -9.92 -57.49
O5 NAG I . -57.19 -12.33 -56.22
O6 NAG I . -58.32 -10.95 -58.14
O7 NAG I . -54.15 -16.26 -55.70
C1 NAG J . -45.54 0.87 -46.92
C2 NAG J . -46.00 2.25 -46.44
C3 NAG J . -47.48 2.24 -46.01
C4 NAG J . -48.34 1.58 -47.08
C5 NAG J . -47.80 0.19 -47.39
C6 NAG J . -48.59 -0.52 -48.45
C7 NAG J . -45.57 2.57 -44.07
C8 NAG J . -46.13 3.82 -43.39
N2 NAG J . -45.16 2.69 -45.33
O3 NAG J . -47.93 3.57 -45.81
O4 NAG J . -49.68 1.49 -46.62
O5 NAG J . -46.44 0.29 -47.88
O6 NAG J . -47.94 -0.45 -49.72
O7 NAG J . -45.50 1.51 -43.44
C1 NAG K . -48.58 -11.62 -56.19
C2 NAG K . -48.44 -12.76 -57.19
C3 NAG K . -47.95 -12.17 -58.52
C4 NAG K . -48.90 -11.06 -58.99
C5 NAG K . -49.22 -10.05 -57.87
C6 NAG K . -50.36 -9.12 -58.23
C7 NAG K . -47.73 -15.04 -56.89
C8 NAG K . -47.06 -15.71 -58.09
N2 NAG K . -47.49 -13.75 -56.70
O3 NAG K . -47.88 -13.19 -59.50
O4 NAG K . -48.29 -10.38 -60.09
O5 NAG K . -49.60 -10.72 -56.64
O6 NAG K . -51.56 -9.84 -58.47
O7 NAG K . -48.47 -15.70 -56.16
C1 NAG L . -25.44 -19.10 -36.67
C2 NAG L . -25.01 -19.28 -35.21
C3 NAG L . -23.80 -20.22 -35.08
C4 NAG L . -24.04 -21.52 -35.86
C5 NAG L . -24.45 -21.18 -37.29
C6 NAG L . -24.72 -22.40 -38.14
C7 NAG L . -25.17 -17.66 -33.45
C8 NAG L . -26.58 -18.07 -33.08
N2 NAG L . -24.71 -17.98 -34.65
O3 NAG L . -23.60 -20.52 -33.70
O4 NAG L . -22.84 -22.30 -35.86
O5 NAG L . -25.65 -20.38 -37.28
O6 NAG L . -25.61 -23.30 -37.49
O7 NAG L . -24.49 -17.04 -32.63
C1 NAG M . -44.86 9.55 -38.71
C2 NAG M . -46.24 10.08 -38.32
C3 NAG M . -46.24 11.61 -38.45
C4 NAG M . -45.09 12.21 -37.63
C5 NAG M . -43.77 11.55 -38.02
C6 NAG M . -42.61 12.02 -37.15
C7 NAG M . -48.09 8.62 -38.68
C8 NAG M . -48.76 7.66 -39.67
N2 NAG M . -47.25 9.51 -39.18
O3 NAG M . -47.48 12.13 -37.97
O4 NAG M . -45.02 13.61 -37.86
O5 NAG M . -43.86 10.13 -37.86
O6 NAG M . -41.77 12.91 -37.87
O7 NAG M . -48.34 8.53 -37.49
C1 NAG N . -29.80 -8.04 -53.76
C2 NAG N . -29.40 -8.55 -55.13
C3 NAG N . -28.49 -7.52 -55.79
C4 NAG N . -29.16 -6.14 -55.82
C5 NAG N . -29.66 -5.74 -54.43
C6 NAG N . -30.49 -4.47 -54.46
C7 NAG N . -29.25 -10.94 -55.49
C8 NAG N . -28.87 -11.30 -56.93
N2 NAG N . -28.71 -9.82 -55.00
O3 NAG N . -28.18 -7.93 -57.12
O4 NAG N . -28.24 -5.17 -56.29
O5 NAG N . -30.50 -6.79 -53.88
O6 NAG N . -30.77 -4.00 -53.16
O7 NAG N . -30.01 -11.65 -54.85
C1 NAG O . -16.11 -19.00 -41.60
C2 NAG O . -15.29 -19.35 -42.84
C3 NAG O . -15.78 -20.68 -43.41
C4 NAG O . -15.77 -21.77 -42.33
C5 NAG O . -16.51 -21.29 -41.06
C6 NAG O . -16.41 -22.25 -39.89
C7 NAG O . -14.45 -17.44 -44.05
C8 NAG O . -14.64 -16.04 -43.48
N2 NAG O . -15.43 -18.31 -43.84
O3 NAG O . -14.96 -21.08 -44.49
O4 NAG O . -16.40 -22.94 -42.83
O5 NAG O . -15.97 -20.04 -40.61
O6 NAG O . -16.08 -23.57 -40.32
O7 NAG O . -13.42 -17.74 -44.65
C1 NAG P . -13.01 0.87 -30.73
C2 NAG P . -12.87 1.18 -32.25
C3 NAG P . -11.85 2.32 -32.46
C4 NAG P . -12.27 3.52 -31.60
C5 NAG P . -12.24 3.04 -30.16
C6 NAG P . -12.45 4.14 -29.15
C7 NAG P . -12.67 -0.18 -34.24
C8 NAG P . -13.90 -0.99 -34.63
N2 NAG P . -12.42 -0.01 -32.94
O3 NAG P . -11.79 2.70 -33.82
O4 NAG P . -11.37 4.60 -31.79
O5 NAG P . -13.26 2.05 -29.97
O6 NAG P . -11.21 4.70 -28.75
O7 NAG P . -11.95 0.29 -35.11
C1 EDO Q . -32.48 -12.47 -35.58
O1 EDO Q . -32.22 -12.00 -34.25
C2 EDO Q . -32.79 -13.96 -35.55
O2 EDO Q . -33.71 -14.20 -34.50
C1 IPA R . -26.63 -9.01 -27.04
C2 IPA R . -26.81 -9.20 -25.53
C3 IPA R . -25.50 -9.17 -24.74
O2 IPA R . -27.62 -8.15 -25.04
C1 EDO S . -23.52 15.38 -13.18
O1 EDO S . -23.94 16.67 -12.73
C2 EDO S . -23.46 15.37 -14.71
O2 EDO S . -22.13 15.66 -15.11
C1 NAG T . 72.28 24.01 -27.93
C2 NAG T . 71.15 24.58 -28.81
C3 NAG T . 70.58 23.47 -29.72
C4 NAG T . 71.71 22.83 -30.51
C5 NAG T . 72.80 22.31 -29.57
C6 NAG T . 73.99 21.74 -30.33
C7 NAG T . 69.45 26.22 -28.31
C8 NAG T . 68.28 26.64 -27.42
N2 NAG T . 70.10 25.10 -27.97
O3 NAG T . 69.64 24.04 -30.61
O4 NAG T . 71.20 21.76 -31.30
O5 NAG T . 73.30 23.38 -28.74
O6 NAG T . 75.14 21.64 -29.50
O7 NAG T . 69.76 26.90 -29.29
C1 NAG U . 60.08 8.82 -27.48
C2 NAG U . 61.50 8.53 -27.00
C3 NAG U . 62.09 7.37 -27.83
C4 NAG U . 61.15 6.16 -27.81
C5 NAG U . 59.72 6.57 -28.20
C6 NAG U . 58.72 5.44 -28.05
C7 NAG U . 63.06 9.92 -28.21
C8 NAG U . 64.54 9.59 -28.11
N2 NAG U . 62.31 9.72 -27.13
O3 NAG U . 63.36 7.00 -27.29
O4 NAG U . 61.62 5.18 -28.73
O5 NAG U . 59.27 7.64 -27.35
O6 NAG U . 57.50 5.91 -27.50
O7 NAG U . 62.60 10.37 -29.27
C1 NAG V . 65.52 23.40 -31.58
C2 NAG V . 66.28 24.07 -32.73
C3 NAG V . 65.36 24.24 -33.96
C4 NAG V . 64.66 22.92 -34.31
C5 NAG V . 63.97 22.36 -33.07
C6 NAG V . 63.30 21.01 -33.29
C7 NAG V . 67.44 26.16 -33.18
C8 NAG V . 66.65 27.27 -33.84
N2 NAG V . 66.80 25.36 -32.32
O3 NAG V . 66.11 24.69 -35.07
O4 NAG V . 63.71 23.13 -35.34
O5 NAG V . 64.93 22.16 -32.01
O6 NAG V . 63.50 20.14 -32.19
O7 NAG V . 68.64 26.03 -33.43
C1 NAG W . 36.29 26.30 -20.80
C2 NAG W . 35.28 26.10 -19.67
C3 NAG W . 34.03 26.95 -19.93
C4 NAG W . 34.45 28.42 -20.11
C5 NAG W . 35.45 28.50 -21.25
C6 NAG W . 35.93 29.91 -21.54
C7 NAG W . 35.14 24.05 -18.41
C8 NAG W . 36.29 24.52 -17.51
N2 NAG W . 34.93 24.70 -19.54
O3 NAG W . 33.15 26.85 -18.83
O4 NAG W . 33.31 29.21 -20.41
O5 NAG W . 36.61 27.69 -20.94
O6 NAG W . 36.86 30.34 -20.57
O7 NAG W . 34.46 23.08 -18.05
C1 NAG X . 56.87 -1.65 -23.65
C2 NAG X . 57.79 -2.30 -22.60
C3 NAG X . 57.98 -3.81 -22.87
C4 NAG X . 56.64 -4.51 -23.12
C5 NAG X . 55.83 -3.74 -24.17
C6 NAG X . 54.47 -4.35 -24.44
C7 NAG X . 60.05 -1.98 -21.75
C8 NAG X . 61.05 -3.03 -22.24
N2 NAG X . 59.08 -1.63 -22.62
O3 NAG X . 58.62 -4.42 -21.76
O4 NAG X . 56.87 -5.84 -23.55
O5 NAG X . 55.63 -2.39 -23.75
O6 NAG X . 53.86 -4.81 -23.23
O7 NAG X . 60.14 -1.52 -20.62
C1 NAG Y . 47.01 20.19 -37.80
C2 NAG Y . 47.32 21.07 -39.01
C3 NAG Y . 46.82 20.38 -40.27
C4 NAG Y . 47.46 19.01 -40.39
C5 NAG Y . 47.25 18.18 -39.11
C6 NAG Y . 48.06 16.89 -39.15
C7 NAG Y . 47.48 23.45 -38.67
C8 NAG Y . 47.54 24.46 -39.80
N2 NAG Y . 46.71 22.37 -38.85
O3 NAG Y . 47.13 21.17 -41.41
O4 NAG Y . 46.91 18.31 -41.50
O5 NAG Y . 47.68 18.91 -37.93
O6 NAG Y . 48.21 16.33 -37.87
O7 NAG Y . 48.13 23.63 -37.64
C1 NAG Z . 29.23 28.02 -28.56
C2 NAG Z . 28.88 28.76 -29.85
C3 NAG Z . 29.48 30.17 -29.81
C4 NAG Z . 29.01 30.91 -28.56
C5 NAG Z . 29.32 30.06 -27.32
C6 NAG Z . 28.79 30.68 -26.04
C7 NAG Z . 28.61 27.08 -31.55
C8 NAG Z . 29.01 25.63 -31.32
N2 NAG Z . 29.38 28.02 -31.00
O3 NAG Z . 29.07 30.90 -30.97
O4 NAG Z . 29.65 32.16 -28.47
O5 NAG Z . 28.72 28.75 -27.44
O6 NAG Z . 29.85 30.91 -25.12
O7 NAG Z . 27.61 27.35 -32.22
C1 NAG AA . 24.42 5.80 -26.32
C2 NAG AA . 23.47 4.74 -25.79
C3 NAG AA . 23.47 3.57 -26.78
C4 NAG AA . 23.05 4.08 -28.17
C5 NAG AA . 23.93 5.27 -28.60
C6 NAG AA . 23.42 5.92 -29.87
C7 NAG AA . 23.41 4.93 -23.40
C8 NAG AA . 24.36 5.87 -22.68
N2 NAG AA . 23.88 4.29 -24.47
O3 NAG AA . 22.58 2.57 -26.33
O4 NAG AA . 23.18 3.03 -29.12
O5 NAG AA . 23.94 6.29 -27.58
O6 NAG AA . 24.49 6.44 -30.65
O7 NAG AA . 22.26 4.79 -22.98
C1 IPA BA . 33.65 15.40 -13.30
C2 IPA BA . 33.56 13.87 -13.39
C3 IPA BA . 34.60 13.25 -14.31
O2 IPA BA . 33.76 13.34 -12.11
#